data_4UTB
#
_entry.id   4UTB
#
_cell.length_a   58.779
_cell.length_b   181.850
_cell.length_c   204.823
_cell.angle_alpha   90.00
_cell.angle_beta   90.00
_cell.angle_gamma   90.00
#
_symmetry.space_group_name_H-M   'P 21 21 21'
#
loop_
_entity.id
_entity.type
_entity.pdbx_description
1 polymer 'ENVELOPE GLYCOPROTEIN E'
2 polymer 'BROADLY NEUTRALIZING HUMAN ANTIBODY EDE2 A11'
3 polymer 'BROADLY NEUTRALIZING HUMAN ANTIBODY EDE2 A11'
4 branched alpha-D-mannopyranose-(1-3)-[alpha-D-mannopyranose-(1-6)]beta-D-mannopyranose-(1-4)-2-acetamido-2-deoxy-beta-D-glucopyranose-(1-4)-[alpha-L-fucopyranose-(1-6)]2-acetamido-2-deoxy-beta-D-glucopyranose
5 branched 2-acetamido-2-deoxy-beta-D-glucopyranose-(1-4)-2-acetamido-2-deoxy-beta-D-glucopyranose
6 non-polymer 2-acetamido-2-deoxy-beta-D-glucopyranose
7 non-polymer 'SULFATE ION'
8 water water
#
loop_
_entity_poly.entity_id
_entity_poly.type
_entity_poly.pdbx_seq_one_letter_code
_entity_poly.pdbx_strand_id
1 'polypeptide(L)'
;MRCIGISNRDFVEGVSGGSWVDIVLEHGSCVTTMAKNKPTLDFELIKTEAKQPATLRKYCIEAKLTNTTTESRCPTQGEP
SLNEEQDKRFICKHSMVDRGWGNGCGLFGKGGIVTCAKFTCKKNMEGKIVQPENLEYTIVITPHSGEEHAVGNDTGKHGK
EIKITPQSSTTEAELTGYGTVTMECSPRTGLDFNEMVLLQMEDKAWLVHRQWFLDLPLPWLPGADTQGSNWIQKETLVTF
KNPHAKKQDVVVLGSQEGAMHTALTGATEIQMSSGNLLFTGHLKCRLRMDKLQLKGMSYSMCTGKFKIVKEIAETQHGTI
VIRVQYEGDGSPCKIPFEITDLEKRHVLGRLITVNPIVTEKDSPVNIEAEPPFGDSYIIVGVEPGQLKLNWLRPLESRGP
FEGKPIPNPLLGLDSTRTGHHH
;
A,B
2 'polypeptide(L)'
;EVQLVESGGGLVRPGGSLRLSCAASGFSYSNHWMHWVRQAPGKGLVWVSRINSDGSTRNYADFVKGRFTISRDNAENTLY
LEMNSLTADDTAVYYCVRDGVRFYYDSTGYYPDSFFKYGMDVWGQGTTVTVSSASTKGPSVFPLAPSSKSTSGGTAALGC
LVKDYFPEPVTVSWNSGALTSGVHTFPAVLQSSGLYSLSSVVTVPSSSLGTQTYICNVNHKPSNTKVDKRVEPKSCDKTH
TCPPCPLEDDDDKAGWSHPQFEKGGGSGGGSGGGSWSHPQFEK
;
H,I
3 'polypeptide(L)'
;RSQSVLTQPVSVSGSPGQSITISCTGTSSNADTYNLVSWYQQRPGKAPKLMIYEGTKRPSGVSNRFSASKSATAASLTIS
GLQPEDEADYYCCSYATSRTLVFGGGTKLTVVGQPKAAPSVTLFPPSSEELQANKATLVCLISDFYPGAVTVAWKADSSP
VKAGVETTTPSKQSNNKYAASSYLSLTPEQWKSHRSYSCQVTHEGSTVEKTVAPTECS
;
L,M
#
# COMPACT_ATOMS: atom_id res chain seq x y z
N MET A 1 25.92 -27.88 -31.58
CA MET A 1 24.66 -27.74 -32.29
C MET A 1 23.85 -26.56 -31.75
N ARG A 2 24.30 -26.02 -30.60
CA ARG A 2 23.73 -24.90 -29.87
C ARG A 2 23.73 -23.61 -30.71
N CYS A 3 24.77 -23.38 -31.52
CA CYS A 3 24.90 -22.17 -32.35
C CYS A 3 23.91 -22.09 -33.49
N ILE A 4 23.38 -23.24 -33.95
CA ILE A 4 22.42 -23.29 -35.05
C ILE A 4 21.17 -22.48 -34.69
N GLY A 5 20.96 -21.40 -35.43
CA GLY A 5 19.84 -20.48 -35.24
C GLY A 5 20.26 -19.10 -34.80
N ILE A 6 21.56 -18.92 -34.55
CA ILE A 6 22.11 -17.65 -34.11
C ILE A 6 22.74 -16.92 -35.30
N SER A 7 22.41 -15.63 -35.46
CA SER A 7 22.89 -14.77 -36.54
C SER A 7 24.37 -14.46 -36.47
N ASN A 8 24.86 -14.05 -35.28
CA ASN A 8 26.27 -13.73 -35.09
C ASN A 8 27.05 -15.02 -34.84
N ARG A 9 27.10 -15.89 -35.85
CA ARG A 9 27.76 -17.17 -35.78
C ARG A 9 28.98 -17.18 -36.69
N ASP A 10 30.15 -17.44 -36.09
CA ASP A 10 31.43 -17.47 -36.79
C ASP A 10 31.83 -18.93 -37.05
N PHE A 11 32.28 -19.22 -38.27
CA PHE A 11 32.73 -20.54 -38.68
C PHE A 11 34.26 -20.50 -38.79
N VAL A 12 34.93 -21.13 -37.82
CA VAL A 12 36.39 -21.15 -37.71
C VAL A 12 36.94 -22.53 -38.05
N GLU A 13 37.91 -22.61 -38.98
CA GLU A 13 38.57 -23.87 -39.32
C GLU A 13 40.05 -23.81 -39.03
N GLY A 14 40.55 -24.90 -38.45
CA GLY A 14 41.96 -25.05 -38.10
C GLY A 14 42.74 -26.00 -38.96
N VAL A 15 44.00 -25.64 -39.24
CA VAL A 15 44.93 -26.45 -40.02
C VAL A 15 45.55 -27.48 -39.05
N SER A 19 44.48 -28.21 -35.90
CA SER A 19 45.15 -28.83 -34.76
C SER A 19 45.13 -27.92 -33.52
N TRP A 20 45.37 -26.63 -33.75
CA TRP A 20 45.43 -25.46 -32.85
C TRP A 20 44.71 -24.33 -33.60
N VAL A 21 43.68 -23.69 -33.01
CA VAL A 21 42.90 -22.62 -33.64
C VAL A 21 42.54 -21.48 -32.70
N ASP A 22 42.54 -20.24 -33.22
CA ASP A 22 42.19 -19.04 -32.46
C ASP A 22 40.76 -18.63 -32.68
N ILE A 23 39.98 -18.54 -31.58
CA ILE A 23 38.56 -18.18 -31.60
C ILE A 23 38.26 -16.98 -30.72
N VAL A 24 37.32 -16.12 -31.14
CA VAL A 24 36.94 -14.92 -30.40
C VAL A 24 35.51 -15.10 -29.90
N LEU A 25 35.33 -15.19 -28.59
CA LEU A 25 34.01 -15.34 -27.98
C LEU A 25 33.54 -14.04 -27.37
N GLU A 26 32.29 -13.67 -27.63
CA GLU A 26 31.65 -12.49 -27.07
C GLU A 26 30.18 -12.78 -26.75
N HIS A 27 29.50 -11.89 -26.01
CA HIS A 27 28.08 -12.09 -25.69
C HIS A 27 27.27 -11.76 -26.92
N GLY A 28 26.51 -12.75 -27.35
CA GLY A 28 25.71 -12.65 -28.56
C GLY A 28 26.38 -13.45 -29.66
N SER A 29 27.72 -13.57 -29.62
CA SER A 29 28.51 -14.34 -30.58
C SER A 29 28.43 -15.84 -30.26
N CYS A 30 28.62 -16.65 -31.28
CA CYS A 30 28.64 -18.09 -31.20
C CYS A 30 29.68 -18.55 -32.21
N VAL A 31 30.56 -19.50 -31.82
CA VAL A 31 31.61 -19.98 -32.72
C VAL A 31 31.52 -21.49 -32.97
N THR A 32 31.52 -21.87 -34.26
CA THR A 32 31.53 -23.26 -34.71
C THR A 32 32.96 -23.58 -35.19
N THR A 33 33.66 -24.48 -34.47
CA THR A 33 35.02 -24.87 -34.79
C THR A 33 35.10 -26.20 -35.51
N MET A 34 35.91 -26.25 -36.59
CA MET A 34 36.11 -27.46 -37.39
C MET A 34 37.58 -27.74 -37.57
N ALA A 35 37.93 -29.03 -37.51
CA ALA A 35 39.30 -29.52 -37.70
C ALA A 35 39.21 -30.91 -38.31
N LYS A 36 40.12 -31.23 -39.24
CA LYS A 36 40.12 -32.52 -39.94
C LYS A 36 40.33 -33.67 -38.96
N ASN A 37 39.42 -34.68 -39.05
CA ASN A 37 39.35 -35.89 -38.23
C ASN A 37 39.09 -35.58 -36.74
N LYS A 38 38.47 -34.41 -36.48
CA LYS A 38 38.13 -33.93 -35.14
C LYS A 38 36.67 -33.50 -35.15
N PRO A 39 35.92 -33.74 -34.04
CA PRO A 39 34.51 -33.34 -34.02
C PRO A 39 34.28 -31.84 -34.06
N THR A 40 33.23 -31.41 -34.76
CA THR A 40 32.82 -30.02 -34.86
C THR A 40 32.21 -29.58 -33.52
N LEU A 41 32.69 -28.44 -32.98
CA LEU A 41 32.23 -27.94 -31.69
C LEU A 41 31.63 -26.57 -31.75
N ASP A 42 30.65 -26.32 -30.87
CA ASP A 42 29.99 -25.03 -30.74
C ASP A 42 30.37 -24.40 -29.41
N PHE A 43 30.96 -23.20 -29.46
CA PHE A 43 31.39 -22.44 -28.29
C PHE A 43 30.55 -21.18 -28.17
N GLU A 44 30.10 -20.89 -26.93
CA GLU A 44 29.31 -19.69 -26.64
C GLU A 44 29.60 -19.16 -25.25
N LEU A 45 29.84 -17.85 -25.15
CA LEU A 45 30.06 -17.21 -23.86
C LEU A 45 28.67 -16.90 -23.30
N ILE A 46 28.31 -17.56 -22.18
CA ILE A 46 26.99 -17.42 -21.59
C ILE A 46 26.97 -16.47 -20.35
N LYS A 47 28.09 -16.33 -19.63
CA LYS A 47 28.15 -15.46 -18.44
C LYS A 47 29.54 -14.82 -18.22
N THR A 48 29.56 -13.57 -17.75
CA THR A 48 30.75 -12.79 -17.39
C THR A 48 30.43 -12.25 -16.00
N GLU A 49 31.35 -12.39 -15.05
CA GLU A 49 31.11 -11.92 -13.69
C GLU A 49 32.33 -11.39 -12.97
N ALA A 50 32.24 -10.13 -12.48
CA ALA A 50 33.27 -9.46 -11.69
C ALA A 50 33.13 -10.09 -10.31
N LYS A 51 34.10 -10.94 -9.92
CA LYS A 51 34.00 -11.77 -8.72
C LYS A 51 34.52 -11.18 -7.39
N GLN A 52 35.43 -10.21 -7.40
CA GLN A 52 35.85 -9.59 -6.14
C GLN A 52 35.81 -8.07 -6.30
N PRO A 53 34.60 -7.46 -6.40
CA PRO A 53 34.57 -6.01 -6.60
C PRO A 53 34.70 -5.26 -5.29
N ALA A 54 35.54 -4.23 -5.33
CA ALA A 54 35.76 -3.40 -4.15
C ALA A 54 35.01 -2.11 -4.39
N THR A 55 33.96 -1.85 -3.58
CA THR A 55 33.22 -0.59 -3.68
C THR A 55 34.19 0.50 -3.24
N LEU A 56 34.36 1.51 -4.08
CA LEU A 56 35.25 2.62 -3.80
C LEU A 56 34.44 3.64 -3.01
N ARG A 57 33.33 4.09 -3.61
CA ARG A 57 32.37 5.02 -3.06
C ARG A 57 30.98 4.61 -3.53
N LYS A 58 29.95 5.07 -2.84
CA LYS A 58 28.55 4.87 -3.17
C LYS A 58 27.93 6.27 -3.13
N TYR A 59 27.38 6.75 -4.26
CA TYR A 59 26.80 8.09 -4.34
C TYR A 59 25.29 8.08 -4.27
N CYS A 60 24.70 9.09 -3.62
CA CYS A 60 23.25 9.19 -3.59
C CYS A 60 22.81 10.07 -4.74
N ILE A 61 21.98 9.51 -5.64
CA ILE A 61 21.47 10.25 -6.79
C ILE A 61 20.02 10.71 -6.53
N GLU A 62 19.27 10.04 -5.62
CA GLU A 62 17.91 10.43 -5.25
C GLU A 62 17.78 10.43 -3.73
N ALA A 63 17.54 11.62 -3.15
CA ALA A 63 17.46 11.81 -1.71
C ALA A 63 16.05 12.15 -1.23
N LYS A 64 15.73 11.78 0.02
CA LYS A 64 14.45 11.97 0.65
C LYS A 64 14.64 12.57 2.05
N LEU A 65 14.01 13.73 2.31
CA LEU A 65 14.10 14.37 3.62
C LEU A 65 12.83 14.14 4.42
N THR A 66 12.97 13.41 5.51
CA THR A 66 11.86 13.07 6.41
C THR A 66 12.20 13.48 7.85
N ASN A 67 11.27 13.21 8.81
CA ASN A 67 11.40 13.47 10.27
C ASN A 67 11.96 14.93 10.52
N THR A 68 11.34 15.95 9.87
CA THR A 68 11.70 17.35 10.02
C THR A 68 11.35 17.86 11.41
N THR A 69 12.38 18.37 12.12
CA THR A 69 12.25 18.94 13.46
C THR A 69 12.80 20.37 13.44
N THR A 70 12.07 21.29 14.07
CA THR A 70 12.44 22.70 14.15
C THR A 70 12.33 23.19 15.58
N GLU A 71 13.30 23.99 16.02
CA GLU A 71 13.29 24.61 17.33
C GLU A 71 13.73 26.05 17.22
N SER A 72 12.97 26.93 17.86
CA SER A 72 13.29 28.35 17.88
C SER A 72 13.31 28.90 19.29
N ARG A 73 14.08 29.97 19.49
CA ARG A 73 14.23 30.66 20.77
C ARG A 73 13.96 32.13 20.55
N CYS A 74 13.44 32.79 21.59
CA CYS A 74 13.16 34.22 21.55
C CYS A 74 14.49 35.00 21.58
N PRO A 75 14.53 36.31 21.23
CA PRO A 75 15.82 37.03 21.30
C PRO A 75 16.34 37.03 22.74
N THR A 76 17.67 36.93 22.92
CA THR A 76 18.38 36.89 24.22
C THR A 76 17.92 35.69 25.09
N GLN A 77 17.69 34.56 24.43
CA GLN A 77 17.30 33.32 25.09
C GLN A 77 18.23 32.17 24.70
N GLY A 78 19.30 32.50 23.99
CA GLY A 78 20.32 31.56 23.56
C GLY A 78 20.04 30.87 22.25
N GLU A 79 21.05 30.15 21.74
CA GLU A 79 21.00 29.39 20.50
C GLU A 79 20.13 28.15 20.72
N PRO A 80 19.15 27.86 19.84
CA PRO A 80 18.32 26.65 20.03
C PRO A 80 19.10 25.38 19.76
N SER A 81 18.65 24.26 20.31
CA SER A 81 19.37 23.02 20.11
C SER A 81 18.48 21.81 20.10
N LEU A 82 18.71 20.94 19.11
CA LEU A 82 18.01 19.68 18.95
C LEU A 82 19.01 18.55 19.09
N ASN A 83 18.56 17.40 19.66
CA ASN A 83 19.39 16.21 19.83
C ASN A 83 19.70 15.53 18.49
N GLU A 84 18.96 15.93 17.46
CA GLU A 84 19.08 15.49 16.07
C GLU A 84 20.39 16.04 15.47
N GLU A 85 20.94 17.13 16.05
CA GLU A 85 22.20 17.78 15.61
C GLU A 85 23.37 16.82 15.71
N GLN A 86 23.41 16.06 16.82
CA GLN A 86 24.43 15.04 17.13
C GLN A 86 24.24 13.80 16.26
N ASP A 87 22.99 13.53 15.80
CA ASP A 87 22.65 12.38 14.96
C ASP A 87 23.12 12.62 13.53
N LYS A 88 23.98 11.70 13.04
CA LYS A 88 24.61 11.77 11.71
C LYS A 88 23.67 11.46 10.53
N ARG A 89 22.47 10.92 10.80
CA ARG A 89 21.48 10.62 9.74
C ARG A 89 20.72 11.89 9.37
N PHE A 90 20.84 12.92 10.22
CA PHE A 90 20.17 14.20 10.08
C PHE A 90 21.09 15.28 9.53
N ILE A 91 20.49 16.27 8.86
CA ILE A 91 21.17 17.46 8.36
C ILE A 91 20.56 18.69 9.06
N CYS A 92 21.40 19.48 9.76
CA CYS A 92 20.93 20.63 10.52
C CYS A 92 21.53 21.95 10.06
N LYS A 93 20.79 23.05 10.30
CA LYS A 93 21.22 24.41 9.99
C LYS A 93 20.55 25.39 10.92
N HIS A 94 21.35 26.32 11.44
CA HIS A 94 20.93 27.38 12.33
C HIS A 94 20.74 28.65 11.51
N SER A 95 19.74 29.46 11.88
CA SER A 95 19.44 30.73 11.23
C SER A 95 18.84 31.69 12.24
N MET A 96 18.52 32.91 11.78
CA MET A 96 17.95 33.99 12.59
C MET A 96 16.61 34.41 12.00
N VAL A 97 15.60 34.54 12.86
CA VAL A 97 14.26 34.98 12.45
C VAL A 97 13.81 36.19 13.26
N ASP A 98 13.06 37.10 12.62
CA ASP A 98 12.50 38.29 13.26
C ASP A 98 11.47 37.86 14.26
N ARG A 99 11.66 38.28 15.51
CA ARG A 99 10.74 37.98 16.60
C ARG A 99 10.23 39.26 17.21
N GLY A 100 9.01 39.20 17.72
CA GLY A 100 8.32 40.32 18.34
C GLY A 100 7.13 39.90 19.17
N TRP A 101 6.31 40.88 19.56
CA TRP A 101 5.11 40.66 20.37
C TRP A 101 4.06 39.81 19.64
N GLY A 102 3.79 40.12 18.37
CA GLY A 102 2.79 39.42 17.58
C GLY A 102 3.26 38.12 16.94
N ASN A 103 4.35 37.58 17.45
CA ASN A 103 5.14 36.45 17.02
C ASN A 103 5.29 35.44 18.14
N GLY A 104 5.17 35.93 19.38
CA GLY A 104 5.35 35.18 20.61
C GLY A 104 6.62 35.43 21.42
N CYS A 105 7.12 36.68 21.42
CA CYS A 105 8.31 37.07 22.19
C CYS A 105 8.07 38.39 22.93
N GLY A 106 8.50 38.44 24.19
CA GLY A 106 8.35 39.63 25.03
C GLY A 106 9.14 40.82 24.52
N LEU A 107 10.24 40.53 23.80
CA LEU A 107 11.10 41.56 23.22
C LEU A 107 11.39 41.32 21.75
N PHE A 108 11.49 42.41 21.00
CA PHE A 108 11.76 42.43 19.56
C PHE A 108 13.24 42.25 19.28
N GLY A 109 13.54 41.50 18.22
CA GLY A 109 14.90 41.22 17.78
C GLY A 109 15.02 39.95 16.97
N LYS A 110 16.26 39.57 16.64
CA LYS A 110 16.51 38.33 15.91
C LYS A 110 16.53 37.19 16.91
N GLY A 111 15.75 36.17 16.63
CA GLY A 111 15.65 34.97 17.46
C GLY A 111 16.20 33.79 16.68
N GLY A 112 17.04 32.99 17.34
CA GLY A 112 17.65 31.81 16.73
C GLY A 112 16.69 30.71 16.37
N ILE A 113 16.85 30.13 15.18
CA ILE A 113 16.02 29.03 14.68
C ILE A 113 16.95 27.92 14.19
N VAL A 114 16.52 26.65 14.34
CA VAL A 114 17.30 25.49 13.89
C VAL A 114 16.39 24.46 13.28
N THR A 115 16.69 24.03 12.06
CA THR A 115 15.92 23.03 11.36
C THR A 115 16.80 21.81 11.08
N CYS A 116 16.27 20.61 11.37
CA CYS A 116 16.92 19.31 11.17
C CYS A 116 16.02 18.39 10.38
N ALA A 117 16.59 17.59 9.47
CA ALA A 117 15.82 16.66 8.66
C ALA A 117 16.62 15.40 8.40
N LYS A 118 15.95 14.24 8.45
CA LYS A 118 16.57 12.93 8.22
C LYS A 118 16.79 12.67 6.75
N PHE A 119 18.06 12.51 6.38
CA PHE A 119 18.50 12.24 5.02
C PHE A 119 18.42 10.74 4.76
N THR A 120 17.52 10.34 3.87
CA THR A 120 17.32 8.95 3.50
C THR A 120 17.53 8.83 2.01
N CYS A 121 18.43 7.94 1.59
CA CYS A 121 18.70 7.76 0.18
C CYS A 121 17.68 6.81 -0.47
N LYS A 122 17.05 7.29 -1.55
CA LYS A 122 16.07 6.55 -2.33
C LYS A 122 16.78 5.66 -3.35
N LYS A 123 17.60 6.28 -4.23
CA LYS A 123 18.35 5.60 -5.28
C LYS A 123 19.82 6.00 -5.24
N ASN A 124 20.69 5.00 -5.35
CA ASN A 124 22.13 5.19 -5.30
C ASN A 124 22.88 4.55 -6.45
N MET A 125 24.10 5.00 -6.64
CA MET A 125 25.06 4.64 -7.65
C MET A 125 26.25 4.00 -6.91
N GLU A 126 26.86 2.95 -7.45
CA GLU A 126 27.98 2.29 -6.78
C GLU A 126 29.15 2.23 -7.72
N GLY A 127 30.33 2.59 -7.24
CA GLY A 127 31.54 2.56 -8.03
C GLY A 127 32.43 1.43 -7.58
N LYS A 128 32.50 0.35 -8.37
CA LYS A 128 33.26 -0.84 -8.04
C LYS A 128 34.58 -0.88 -8.78
N ILE A 129 35.64 -1.23 -8.08
CA ILE A 129 36.92 -1.34 -8.72
C ILE A 129 37.19 -2.81 -8.88
N VAL A 130 37.31 -3.25 -10.14
CA VAL A 130 37.45 -4.65 -10.49
C VAL A 130 38.86 -5.01 -10.91
N GLN A 131 39.41 -6.08 -10.32
CA GLN A 131 40.72 -6.57 -10.72
C GLN A 131 40.50 -7.37 -12.00
N PRO A 132 41.23 -7.04 -13.11
CA PRO A 132 40.98 -7.74 -14.39
C PRO A 132 41.01 -9.27 -14.30
N GLU A 133 41.98 -9.83 -13.56
CA GLU A 133 42.20 -11.27 -13.31
C GLU A 133 41.02 -11.93 -12.60
N ASN A 134 40.13 -11.13 -11.99
CA ASN A 134 38.96 -11.59 -11.23
C ASN A 134 37.64 -11.54 -12.02
N LEU A 135 37.74 -11.62 -13.36
CA LEU A 135 36.56 -11.65 -14.23
C LEU A 135 36.32 -13.10 -14.64
N GLU A 136 35.28 -13.73 -14.07
CA GLU A 136 34.95 -15.12 -14.36
C GLU A 136 34.06 -15.23 -15.59
N TYR A 137 34.51 -15.99 -16.57
CA TYR A 137 33.81 -16.21 -17.82
C TYR A 137 33.26 -17.64 -17.87
N THR A 138 31.98 -17.81 -18.21
CA THR A 138 31.31 -19.10 -18.34
C THR A 138 31.07 -19.40 -19.83
N ILE A 139 31.69 -20.47 -20.34
CA ILE A 139 31.64 -20.90 -21.74
C ILE A 139 30.95 -22.26 -21.83
N VAL A 140 30.07 -22.45 -22.83
CA VAL A 140 29.40 -23.73 -23.10
C VAL A 140 29.98 -24.34 -24.38
N ILE A 141 30.52 -25.56 -24.26
CA ILE A 141 31.11 -26.28 -25.40
C ILE A 141 30.16 -27.40 -25.78
N THR A 142 29.36 -27.19 -26.84
CA THR A 142 28.38 -28.16 -27.31
C THR A 142 28.89 -28.87 -28.57
N PRO A 143 29.24 -30.17 -28.51
CA PRO A 143 29.71 -30.87 -29.72
C PRO A 143 28.60 -31.12 -30.73
N HIS A 144 28.97 -31.37 -31.99
CA HIS A 144 28.03 -31.67 -33.06
C HIS A 144 27.68 -33.15 -33.06
N SER A 145 26.97 -33.56 -31.99
CA SER A 145 26.55 -34.93 -31.74
C SER A 145 25.30 -35.41 -32.48
N GLY A 146 24.75 -34.67 -33.43
CA GLY A 146 23.60 -35.16 -34.19
C GLY A 146 22.32 -35.31 -33.39
N GLU A 147 22.43 -35.67 -32.11
CA GLU A 147 21.38 -35.86 -31.12
C GLU A 147 20.13 -35.05 -31.46
N GLU A 148 18.97 -35.74 -31.54
CA GLU A 148 17.70 -35.15 -31.95
C GLU A 148 17.33 -33.81 -31.30
N HIS A 149 17.69 -33.60 -30.02
CA HIS A 149 17.33 -32.36 -29.34
C HIS A 149 18.44 -31.28 -29.31
N ALA A 150 19.71 -31.65 -29.61
CA ALA A 150 20.88 -30.78 -29.58
C ALA A 150 20.76 -29.42 -30.27
N VAL A 151 20.11 -29.38 -31.45
CA VAL A 151 19.95 -28.23 -32.34
C VAL A 151 19.28 -27.03 -31.64
N GLY A 152 20.11 -26.04 -31.32
CA GLY A 152 19.73 -24.79 -30.65
C GLY A 152 19.22 -24.91 -29.24
N ASN A 153 19.45 -26.07 -28.60
CA ASN A 153 19.00 -26.35 -27.24
C ASN A 153 19.81 -25.58 -26.20
N ASP A 154 19.18 -24.52 -25.66
CA ASP A 154 19.74 -23.62 -24.66
C ASP A 154 20.12 -24.28 -23.33
N THR A 155 19.30 -25.20 -22.82
CA THR A 155 19.50 -25.94 -21.55
C THR A 155 20.93 -26.42 -21.28
N GLY A 156 21.69 -26.71 -22.32
CA GLY A 156 23.07 -27.13 -22.18
C GLY A 156 23.26 -28.50 -21.59
N LYS A 157 22.18 -29.32 -21.50
CA LYS A 157 22.27 -30.71 -21.05
C LYS A 157 23.04 -31.50 -22.14
N HIS A 158 23.43 -30.79 -23.24
CA HIS A 158 24.13 -31.28 -24.41
C HIS A 158 25.58 -30.84 -24.41
N GLY A 159 25.86 -29.67 -23.82
CA GLY A 159 27.18 -29.06 -23.76
C GLY A 159 27.79 -28.93 -22.38
N LYS A 160 29.13 -28.94 -22.33
CA LYS A 160 29.90 -28.82 -21.09
C LYS A 160 30.10 -27.37 -20.73
N GLU A 161 29.78 -27.01 -19.47
CA GLU A 161 29.97 -25.65 -18.94
C GLU A 161 31.37 -25.54 -18.32
N ILE A 162 32.15 -24.49 -18.68
CA ILE A 162 33.49 -24.28 -18.14
C ILE A 162 33.72 -22.81 -17.73
N LYS A 163 34.46 -22.59 -16.61
CA LYS A 163 34.78 -21.25 -16.09
C LYS A 163 36.24 -20.87 -16.24
N ILE A 164 36.48 -19.66 -16.74
CA ILE A 164 37.82 -19.16 -16.99
C ILE A 164 38.03 -17.74 -16.50
N THR A 165 39.25 -17.41 -16.04
CA THR A 165 39.61 -16.06 -15.60
C THR A 165 40.82 -15.60 -16.42
N PRO A 166 41.02 -14.28 -16.65
CA PRO A 166 42.16 -13.84 -17.46
C PRO A 166 43.49 -14.40 -17.04
N GLN A 167 43.64 -14.76 -15.75
CA GLN A 167 44.87 -15.37 -15.34
C GLN A 167 44.83 -16.87 -15.41
N SER A 168 43.73 -17.55 -14.94
CA SER A 168 43.62 -19.01 -15.15
C SER A 168 43.00 -19.24 -16.53
N SER A 169 43.86 -19.04 -17.52
CA SER A 169 43.48 -19.09 -18.92
C SER A 169 43.56 -20.47 -19.52
N THR A 170 44.42 -21.38 -18.99
CA THR A 170 44.55 -22.75 -19.52
C THR A 170 43.64 -23.73 -18.76
N THR A 171 42.66 -24.31 -19.48
CA THR A 171 41.67 -25.24 -18.95
C THR A 171 41.49 -26.39 -19.93
N GLU A 172 41.49 -27.61 -19.41
CA GLU A 172 41.23 -28.79 -20.19
C GLU A 172 39.76 -29.16 -19.90
N ALA A 173 38.91 -29.18 -20.93
CA ALA A 173 37.49 -29.52 -20.78
C ALA A 173 37.19 -30.88 -21.37
N GLU A 174 36.55 -31.77 -20.58
CA GLU A 174 36.19 -33.13 -20.99
C GLU A 174 34.81 -33.20 -21.59
N LEU A 175 34.75 -33.60 -22.87
CA LEU A 175 33.52 -33.78 -23.62
C LEU A 175 33.25 -35.28 -23.77
N THR A 176 32.22 -35.77 -23.07
CA THR A 176 31.82 -37.18 -23.00
C THR A 176 31.65 -37.82 -24.40
N GLY A 177 32.56 -38.74 -24.70
CA GLY A 177 32.59 -39.46 -25.97
C GLY A 177 33.48 -38.86 -27.02
N TYR A 178 34.12 -37.71 -26.71
CA TYR A 178 34.99 -37.01 -27.66
C TYR A 178 36.39 -36.75 -27.14
N GLY A 179 36.59 -36.86 -25.83
CA GLY A 179 37.89 -36.64 -25.20
C GLY A 179 37.99 -35.28 -24.56
N THR A 180 39.19 -34.70 -24.56
CA THR A 180 39.42 -33.40 -23.93
C THR A 180 39.86 -32.32 -24.93
N VAL A 181 39.41 -31.09 -24.68
CA VAL A 181 39.77 -29.89 -25.45
C VAL A 181 40.52 -28.92 -24.54
N THR A 182 41.75 -28.54 -24.93
CA THR A 182 42.55 -27.63 -24.12
C THR A 182 42.33 -26.23 -24.63
N MET A 183 41.89 -25.33 -23.74
CA MET A 183 41.58 -23.94 -24.03
C MET A 183 42.53 -23.00 -23.31
N GLU A 184 43.24 -22.13 -24.07
CA GLU A 184 44.15 -21.11 -23.56
C GLU A 184 43.55 -19.73 -23.92
N CYS A 185 42.92 -19.06 -22.96
CA CYS A 185 42.28 -17.77 -23.22
C CYS A 185 43.14 -16.54 -22.85
N SER A 186 42.66 -15.37 -23.23
CA SER A 186 43.32 -14.07 -23.03
C SER A 186 42.21 -13.02 -23.20
N PRO A 187 41.96 -12.12 -22.24
CA PRO A 187 40.88 -11.13 -22.43
C PRO A 187 41.30 -9.98 -23.35
N ARG A 188 40.41 -9.65 -24.29
CA ARG A 188 40.59 -8.52 -25.19
C ARG A 188 39.43 -7.54 -24.95
N THR A 189 39.51 -6.86 -23.79
CA THR A 189 38.53 -5.90 -23.32
C THR A 189 38.72 -4.59 -24.10
N GLY A 190 37.63 -3.83 -24.30
CA GLY A 190 37.65 -2.54 -24.97
C GLY A 190 38.52 -1.50 -24.28
N LEU A 191 38.49 -1.54 -22.92
CA LEU A 191 39.28 -0.69 -22.02
C LEU A 191 39.72 -1.53 -20.80
N ASP A 192 41.00 -1.38 -20.43
CA ASP A 192 41.59 -2.07 -19.27
C ASP A 192 41.03 -1.47 -17.99
N PHE A 193 40.91 -2.27 -16.91
CA PHE A 193 40.31 -1.84 -15.63
C PHE A 193 41.30 -1.08 -14.73
N ASN A 194 42.45 -0.69 -15.31
CA ASN A 194 43.51 0.11 -14.70
C ASN A 194 43.17 1.60 -14.85
N GLU A 195 42.78 2.21 -13.72
CA GLU A 195 42.33 3.58 -13.53
C GLU A 195 40.85 3.76 -13.89
N MET A 196 40.16 2.62 -14.03
CA MET A 196 38.75 2.60 -14.36
C MET A 196 37.91 2.08 -13.22
N VAL A 197 36.78 2.76 -13.02
CA VAL A 197 35.76 2.47 -12.01
C VAL A 197 34.54 1.97 -12.75
N LEU A 198 34.02 0.80 -12.35
CA LEU A 198 32.81 0.27 -12.94
C LEU A 198 31.67 0.94 -12.19
N LEU A 199 31.08 1.98 -12.82
CA LEU A 199 29.99 2.75 -12.23
C LEU A 199 28.69 2.02 -12.51
N GLN A 200 28.13 1.36 -11.51
CA GLN A 200 26.90 0.61 -11.63
C GLN A 200 25.75 1.48 -11.15
N MET A 201 24.71 1.60 -11.96
CA MET A 201 23.62 2.42 -11.51
C MET A 201 22.50 1.54 -10.95
N GLU A 202 21.64 0.99 -11.76
CA GLU A 202 20.60 0.09 -11.29
C GLU A 202 20.69 -1.20 -12.12
N ASP A 203 20.31 -1.08 -13.40
CA ASP A 203 20.32 -2.12 -14.43
C ASP A 203 21.38 -1.76 -15.49
N LYS A 204 22.00 -0.57 -15.36
CA LYS A 204 23.00 -0.04 -16.27
C LYS A 204 24.35 0.12 -15.60
N ALA A 205 25.43 0.01 -16.37
CA ALA A 205 26.80 0.14 -15.91
C ALA A 205 27.68 0.82 -16.93
N TRP A 206 28.75 1.47 -16.46
CA TRP A 206 29.71 2.22 -17.28
C TRP A 206 31.11 1.99 -16.76
N LEU A 207 32.12 2.34 -17.57
CA LEU A 207 33.51 2.24 -17.16
C LEU A 207 34.04 3.66 -17.21
N VAL A 208 34.29 4.25 -16.03
CA VAL A 208 34.70 5.64 -15.92
C VAL A 208 36.04 5.84 -15.22
N HIS A 209 36.71 6.94 -15.59
CA HIS A 209 37.97 7.39 -15.02
C HIS A 209 37.81 7.62 -13.53
N ARG A 210 38.74 7.08 -12.76
CA ARG A 210 38.80 7.13 -11.31
C ARG A 210 38.63 8.51 -10.70
N GLN A 211 39.49 9.47 -11.09
CA GLN A 211 39.47 10.85 -10.61
C GLN A 211 38.14 11.52 -10.88
N TRP A 212 37.55 11.28 -12.07
CA TRP A 212 36.25 11.84 -12.47
C TRP A 212 35.18 11.37 -11.49
N PHE A 213 35.18 10.04 -11.21
CA PHE A 213 34.24 9.44 -10.27
C PHE A 213 34.38 10.03 -8.87
N LEU A 214 35.61 10.17 -8.39
CA LEU A 214 35.87 10.73 -7.06
C LEU A 214 35.64 12.25 -6.97
N ASP A 215 35.33 12.91 -8.09
CA ASP A 215 35.10 14.36 -8.11
C ASP A 215 33.61 14.76 -8.27
N LEU A 216 32.68 13.81 -8.36
CA LEU A 216 31.25 14.08 -8.49
C LEU A 216 30.68 14.80 -7.24
N PRO A 217 29.99 15.94 -7.41
CA PRO A 217 29.46 16.67 -6.24
C PRO A 217 28.13 16.10 -5.74
N LEU A 218 28.18 14.91 -5.16
CA LEU A 218 27.00 14.20 -4.66
C LEU A 218 27.23 13.64 -3.25
N PRO A 219 26.18 13.36 -2.44
CA PRO A 219 26.41 12.76 -1.12
C PRO A 219 26.97 11.36 -1.28
N TRP A 220 27.94 10.97 -0.46
CA TRP A 220 28.57 9.68 -0.66
C TRP A 220 28.86 8.92 0.64
N LEU A 221 29.04 7.61 0.52
CA LEU A 221 29.45 6.69 1.59
C LEU A 221 30.75 6.04 1.11
N PRO A 222 31.74 5.82 1.99
CA PRO A 222 32.97 5.19 1.52
C PRO A 222 32.77 3.68 1.36
N GLY A 223 33.73 3.00 0.75
CA GLY A 223 33.70 1.54 0.62
C GLY A 223 33.72 0.88 1.98
N ALA A 224 34.39 1.54 2.95
CA ALA A 224 34.49 1.17 4.36
C ALA A 224 33.15 1.23 5.11
N ASP A 225 32.19 2.02 4.62
CA ASP A 225 30.87 2.17 5.24
C ASP A 225 29.72 1.88 4.27
N THR A 226 29.61 0.61 3.85
CA THR A 226 28.53 0.08 3.03
C THR A 226 27.49 -0.45 4.05
N GLN A 227 26.21 -0.14 3.80
CA GLN A 227 25.08 -0.36 4.72
C GLN A 227 25.19 0.59 5.97
N GLY A 228 25.87 1.72 5.73
CA GLY A 228 26.04 2.80 6.70
C GLY A 228 24.95 3.84 6.57
N SER A 229 24.84 4.71 7.58
CA SER A 229 23.83 5.75 7.66
C SER A 229 24.40 7.17 7.44
N ASN A 230 25.65 7.42 7.88
CA ASN A 230 26.29 8.72 7.78
C ASN A 230 26.82 9.01 6.37
N TRP A 231 25.98 9.67 5.56
CA TRP A 231 26.29 10.10 4.20
C TRP A 231 27.12 11.37 4.28
N ILE A 232 28.30 11.38 3.68
CA ILE A 232 29.18 12.55 3.61
C ILE A 232 28.59 13.49 2.54
N GLN A 233 28.77 14.82 2.69
CA GLN A 233 28.34 15.86 1.75
C GLN A 233 26.82 15.96 1.48
N LYS A 234 25.95 15.64 2.46
CA LYS A 234 24.49 15.74 2.29
C LYS A 234 24.04 17.09 1.68
N GLU A 235 24.84 18.15 1.93
CA GLU A 235 24.68 19.54 1.49
C GLU A 235 24.64 19.69 -0.04
N THR A 236 25.21 18.72 -0.78
CA THR A 236 25.21 18.73 -2.25
C THR A 236 23.81 18.51 -2.84
N LEU A 237 22.88 17.93 -2.05
CA LEU A 237 21.50 17.66 -2.45
C LEU A 237 20.49 18.32 -1.51
N VAL A 238 20.96 18.92 -0.40
CA VAL A 238 20.10 19.56 0.58
C VAL A 238 20.42 21.04 0.66
N THR A 239 19.36 21.89 0.63
CA THR A 239 19.45 23.35 0.68
C THR A 239 18.47 23.90 1.70
N PHE A 240 18.92 24.89 2.48
CA PHE A 240 18.09 25.53 3.49
C PHE A 240 17.65 26.91 3.00
N LYS A 241 16.37 27.24 3.19
CA LYS A 241 15.80 28.50 2.72
C LYS A 241 15.17 29.35 3.82
N ASN A 242 15.61 30.60 3.94
CA ASN A 242 15.09 31.59 4.88
C ASN A 242 15.30 33.00 4.27
N PRO A 243 14.41 33.41 3.34
CA PRO A 243 14.63 34.69 2.64
C PRO A 243 13.98 35.94 3.24
N HIS A 244 13.11 35.78 4.25
CA HIS A 244 12.42 36.94 4.84
C HIS A 244 12.59 37.02 6.35
N ALA A 245 13.47 36.16 6.91
CA ALA A 245 13.75 36.02 8.35
C ALA A 245 12.43 35.75 9.11
N LYS A 246 11.55 34.96 8.49
CA LYS A 246 10.25 34.59 9.06
C LYS A 246 10.23 33.09 9.34
N LYS A 247 10.70 32.30 8.36
CA LYS A 247 10.71 30.84 8.47
C LYS A 247 11.86 30.17 7.75
N GLN A 248 12.41 29.11 8.35
CA GLN A 248 13.48 28.30 7.75
C GLN A 248 12.85 27.03 7.20
N ASP A 249 13.16 26.71 5.93
CA ASP A 249 12.65 25.53 5.25
C ASP A 249 13.77 24.72 4.63
N VAL A 250 13.64 23.40 4.65
CA VAL A 250 14.62 22.46 4.10
C VAL A 250 14.12 21.96 2.78
N VAL A 251 15.02 21.90 1.79
CA VAL A 251 14.63 21.45 0.46
C VAL A 251 15.67 20.51 -0.17
N VAL A 252 15.17 19.45 -0.81
CA VAL A 252 15.99 18.51 -1.56
C VAL A 252 16.30 19.10 -2.96
N LEU A 253 17.31 18.59 -3.66
CA LEU A 253 17.71 19.14 -4.95
C LEU A 253 17.25 18.33 -6.17
N GLY A 254 16.43 17.31 -5.93
CA GLY A 254 15.87 16.49 -7.00
C GLY A 254 16.83 15.47 -7.58
N SER A 255 16.26 14.33 -8.02
CA SER A 255 16.97 13.19 -8.58
C SER A 255 17.97 13.54 -9.69
N GLN A 256 19.22 13.14 -9.48
CA GLN A 256 20.35 13.37 -10.38
C GLN A 256 20.56 12.18 -11.34
N GLU A 257 19.65 11.19 -11.32
CA GLU A 257 19.66 9.99 -12.14
C GLU A 257 19.85 10.30 -13.63
N GLY A 258 18.91 11.05 -14.19
CA GLY A 258 18.93 11.48 -15.59
C GLY A 258 20.12 12.36 -15.92
N ALA A 259 20.44 13.29 -15.00
CA ALA A 259 21.58 14.21 -15.11
C ALA A 259 22.88 13.45 -15.30
N MET A 260 23.05 12.35 -14.52
CA MET A 260 24.20 11.45 -14.56
C MET A 260 24.31 10.78 -15.91
N HIS A 261 23.20 10.18 -16.41
CA HIS A 261 23.14 9.49 -17.70
C HIS A 261 23.65 10.36 -18.84
N THR A 262 23.37 11.68 -18.77
CA THR A 262 23.83 12.66 -19.75
C THR A 262 25.35 12.83 -19.68
N ALA A 263 25.90 12.91 -18.46
CA ALA A 263 27.35 13.03 -18.23
C ALA A 263 28.10 11.76 -18.66
N LEU A 264 27.40 10.61 -18.63
CA LEU A 264 27.90 9.29 -18.97
C LEU A 264 27.68 8.93 -20.45
N THR A 265 27.51 9.93 -21.33
CA THR A 265 27.33 9.70 -22.76
C THR A 265 28.68 9.34 -23.38
N GLY A 266 29.70 10.15 -23.05
CA GLY A 266 31.09 9.96 -23.48
C GLY A 266 31.86 8.99 -22.59
N ALA A 267 31.19 7.90 -22.19
CA ALA A 267 31.73 6.81 -21.36
C ALA A 267 31.33 5.46 -21.95
N THR A 268 32.20 4.46 -21.75
CA THR A 268 32.02 3.09 -22.21
C THR A 268 30.90 2.43 -21.42
N GLU A 269 29.76 2.12 -22.08
CA GLU A 269 28.63 1.50 -21.40
C GLU A 269 28.76 -0.01 -21.38
N ILE A 270 28.16 -0.67 -20.38
CA ILE A 270 28.13 -2.12 -20.21
C ILE A 270 26.71 -2.50 -19.84
N GLN A 271 26.21 -3.65 -20.30
CA GLN A 271 24.87 -4.12 -19.88
C GLN A 271 25.01 -4.85 -18.54
N MET A 272 24.24 -4.45 -17.56
CA MET A 272 24.36 -5.00 -16.22
C MET A 272 23.20 -5.91 -15.81
N SER A 273 23.46 -6.88 -14.90
CA SER A 273 22.45 -7.77 -14.34
C SER A 273 22.85 -8.32 -12.96
N SER A 274 22.62 -7.54 -11.88
CA SER A 274 22.85 -7.94 -10.48
C SER A 274 24.18 -8.74 -10.19
N GLY A 275 25.32 -8.08 -10.34
CA GLY A 275 26.62 -8.70 -10.11
C GLY A 275 27.29 -9.22 -11.36
N ASN A 276 26.52 -9.72 -12.35
CA ASN A 276 27.05 -10.24 -13.63
C ASN A 276 26.86 -9.21 -14.76
N LEU A 277 27.84 -9.12 -15.66
CA LEU A 277 27.85 -8.12 -16.70
C LEU A 277 27.83 -8.76 -18.07
N LEU A 278 27.24 -8.09 -19.07
CA LEU A 278 27.24 -8.55 -20.46
C LEU A 278 28.26 -7.69 -21.23
N PHE A 279 29.56 -7.98 -20.98
CA PHE A 279 30.66 -7.23 -21.53
C PHE A 279 30.78 -7.31 -23.02
N THR A 280 31.02 -6.12 -23.60
CA THR A 280 31.22 -5.86 -25.02
C THR A 280 32.52 -6.49 -25.50
N GLY A 281 33.55 -6.44 -24.65
CA GLY A 281 34.89 -6.97 -24.93
C GLY A 281 34.89 -8.42 -25.27
N HIS A 282 35.83 -8.78 -26.13
CA HIS A 282 35.96 -10.13 -26.62
C HIS A 282 36.76 -10.96 -25.62
N LEU A 283 37.03 -12.21 -25.95
CA LEU A 283 37.83 -13.16 -25.20
C LEU A 283 38.52 -14.00 -26.27
N LYS A 284 39.80 -13.70 -26.55
CA LYS A 284 40.58 -14.38 -27.58
C LYS A 284 41.14 -15.67 -27.00
N CYS A 285 40.56 -16.80 -27.39
CA CYS A 285 41.01 -18.11 -26.93
C CYS A 285 41.70 -18.89 -28.00
N ARG A 286 42.65 -19.74 -27.60
CA ARG A 286 43.40 -20.63 -28.47
C ARG A 286 43.01 -22.03 -28.05
N LEU A 287 42.61 -22.88 -28.98
CA LEU A 287 42.30 -24.21 -28.49
C LEU A 287 42.89 -25.28 -29.34
N ARG A 288 43.24 -26.39 -28.68
CA ARG A 288 43.90 -27.53 -29.28
C ARG A 288 43.00 -28.77 -29.28
N MET A 289 42.90 -29.41 -30.45
CA MET A 289 42.09 -30.59 -30.71
C MET A 289 42.92 -31.88 -30.63
N ASP A 290 44.18 -31.78 -30.20
CA ASP A 290 45.11 -32.91 -30.10
C ASP A 290 44.55 -34.10 -29.29
N LYS A 291 43.88 -33.82 -28.17
CA LYS A 291 43.29 -34.86 -27.31
C LYS A 291 41.80 -35.12 -27.62
N LEU A 292 41.26 -34.48 -28.66
CA LEU A 292 39.89 -34.66 -29.14
C LEU A 292 39.85 -35.75 -30.22
N GLN A 293 38.80 -36.57 -30.22
CA GLN A 293 38.59 -37.65 -31.19
C GLN A 293 37.11 -37.78 -31.54
N LEU A 294 36.82 -38.23 -32.78
CA LEU A 294 35.45 -38.43 -33.29
C LEU A 294 34.79 -39.61 -32.60
N LYS A 295 33.51 -39.46 -32.18
CA LYS A 295 32.76 -40.54 -31.52
C LYS A 295 32.47 -41.60 -32.54
N GLY A 296 32.97 -42.79 -32.28
CA GLY A 296 32.82 -43.92 -33.18
C GLY A 296 34.04 -44.01 -34.07
N MET A 297 33.85 -43.64 -35.35
CA MET A 297 34.84 -43.65 -36.45
C MET A 297 35.22 -45.09 -36.84
N SER A 298 35.32 -46.00 -35.84
CA SER A 298 35.60 -47.43 -35.97
C SER A 298 34.30 -48.20 -36.33
N TYR A 299 33.18 -47.44 -36.46
CA TYR A 299 31.85 -47.94 -36.80
C TYR A 299 31.73 -48.29 -38.29
N SER A 300 30.76 -49.13 -38.61
CA SER A 300 30.47 -49.54 -40.00
C SER A 300 29.30 -48.73 -40.52
N MET A 301 29.26 -48.49 -41.85
CA MET A 301 28.20 -47.74 -42.52
C MET A 301 26.81 -48.38 -42.36
N CYS A 302 25.75 -47.56 -42.44
CA CYS A 302 24.37 -48.03 -42.25
C CYS A 302 23.85 -48.75 -43.47
N THR A 303 23.53 -50.05 -43.28
CA THR A 303 23.04 -50.96 -44.30
C THR A 303 21.61 -50.62 -44.77
N GLY A 304 20.79 -50.16 -43.83
CA GLY A 304 19.39 -49.81 -44.08
C GLY A 304 19.15 -48.43 -44.65
N LYS A 305 17.86 -48.11 -44.83
CA LYS A 305 17.43 -46.83 -45.36
C LYS A 305 17.07 -45.83 -44.25
N PHE A 306 16.97 -44.56 -44.64
CA PHE A 306 16.65 -43.47 -43.77
C PHE A 306 15.29 -42.85 -44.11
N LYS A 307 14.73 -42.11 -43.17
CA LYS A 307 13.42 -41.47 -43.27
C LYS A 307 13.58 -40.00 -42.83
N ILE A 308 13.31 -39.04 -43.72
CA ILE A 308 13.39 -37.61 -43.38
C ILE A 308 12.18 -37.23 -42.54
N VAL A 309 12.40 -37.07 -41.21
CA VAL A 309 11.36 -36.84 -40.21
C VAL A 309 11.07 -35.33 -39.96
N LYS A 310 11.78 -34.40 -40.62
CA LYS A 310 11.59 -32.95 -40.48
C LYS A 310 12.12 -32.24 -41.73
N GLU A 311 11.31 -31.30 -42.27
CA GLU A 311 11.58 -30.47 -43.44
C GLU A 311 12.98 -29.83 -43.38
N ILE A 312 13.79 -29.94 -44.48
CA ILE A 312 15.14 -29.35 -44.55
C ILE A 312 14.99 -27.84 -44.40
N ALA A 313 15.65 -27.27 -43.38
CA ALA A 313 15.61 -25.85 -43.11
C ALA A 313 16.97 -25.23 -43.36
N GLU A 314 16.99 -24.04 -43.99
CA GLU A 314 18.22 -23.32 -44.25
C GLU A 314 18.49 -22.32 -43.12
N THR A 315 19.73 -22.31 -42.59
CA THR A 315 20.12 -21.36 -41.55
C THR A 315 20.40 -20.01 -42.19
N GLN A 316 20.54 -18.97 -41.37
CA GLN A 316 20.83 -17.60 -41.83
C GLN A 316 22.18 -17.49 -42.56
N HIS A 317 23.01 -18.54 -42.52
CA HIS A 317 24.34 -18.58 -43.13
C HIS A 317 24.42 -19.43 -44.41
N GLY A 318 23.28 -19.88 -44.90
CA GLY A 318 23.19 -20.68 -46.11
C GLY A 318 23.33 -22.18 -45.91
N THR A 319 23.76 -22.60 -44.69
CA THR A 319 23.92 -24.02 -44.34
C THR A 319 22.53 -24.62 -44.15
N ILE A 320 22.42 -25.94 -44.28
CA ILE A 320 21.13 -26.61 -44.11
C ILE A 320 21.19 -27.62 -43.01
N VAL A 321 20.05 -27.81 -42.34
CA VAL A 321 19.88 -28.78 -41.27
C VAL A 321 18.82 -29.79 -41.70
N ILE A 322 19.15 -31.08 -41.57
CA ILE A 322 18.30 -32.20 -41.95
C ILE A 322 18.17 -33.18 -40.79
N ARG A 323 16.93 -33.49 -40.39
CA ARG A 323 16.68 -34.44 -39.32
C ARG A 323 16.20 -35.73 -39.95
N VAL A 324 17.02 -36.80 -39.85
CA VAL A 324 16.69 -38.12 -40.41
C VAL A 324 16.65 -39.22 -39.35
N GLN A 325 15.68 -40.14 -39.50
CA GLN A 325 15.48 -41.29 -38.61
C GLN A 325 15.88 -42.59 -39.34
N TYR A 326 16.60 -43.50 -38.65
CA TYR A 326 17.03 -44.77 -39.24
C TYR A 326 15.95 -45.82 -39.09
N GLU A 327 15.62 -46.51 -40.18
CA GLU A 327 14.58 -47.54 -40.20
C GLU A 327 15.15 -48.94 -40.35
N GLY A 328 16.47 -49.03 -40.59
CA GLY A 328 17.15 -50.30 -40.76
C GLY A 328 17.64 -50.95 -39.48
N ASP A 329 18.66 -51.81 -39.61
CA ASP A 329 19.28 -52.55 -38.52
C ASP A 329 20.80 -52.34 -38.53
N GLY A 330 21.39 -52.39 -37.34
CA GLY A 330 22.83 -52.26 -37.17
C GLY A 330 23.31 -51.34 -36.06
N SER A 331 22.47 -50.38 -35.62
CA SER A 331 22.79 -49.38 -34.59
C SER A 331 23.45 -49.95 -33.31
N PRO A 332 24.52 -49.32 -32.74
CA PRO A 332 25.21 -48.08 -33.15
C PRO A 332 25.82 -48.17 -34.55
N CYS A 333 25.40 -47.26 -35.43
CA CYS A 333 25.80 -47.27 -36.82
C CYS A 333 26.28 -45.88 -37.32
N LYS A 334 26.87 -45.80 -38.53
CA LYS A 334 27.48 -44.61 -39.13
C LYS A 334 26.70 -44.20 -40.39
N ILE A 335 26.18 -42.96 -40.42
CA ILE A 335 25.34 -42.48 -41.53
C ILE A 335 26.15 -42.14 -42.78
N PRO A 336 25.84 -42.77 -43.94
CA PRO A 336 26.52 -42.38 -45.18
C PRO A 336 25.91 -41.06 -45.68
N PHE A 337 26.75 -40.02 -45.86
CA PHE A 337 26.28 -38.71 -46.27
C PHE A 337 27.13 -38.11 -47.39
N GLU A 338 26.47 -37.46 -48.37
CA GLU A 338 27.11 -36.81 -49.53
C GLU A 338 26.20 -35.77 -50.16
N ILE A 339 26.79 -34.64 -50.60
CA ILE A 339 26.08 -33.60 -51.33
C ILE A 339 26.80 -33.52 -52.67
N THR A 340 26.16 -34.01 -53.75
CA THR A 340 26.79 -34.02 -55.06
C THR A 340 25.98 -33.18 -56.06
N ASP A 341 26.50 -33.07 -57.31
CA ASP A 341 25.80 -32.36 -58.39
C ASP A 341 24.63 -33.19 -58.92
N LEU A 342 23.81 -32.61 -59.80
CA LEU A 342 22.63 -33.25 -60.39
C LEU A 342 22.95 -34.55 -61.15
N GLU A 343 24.17 -34.66 -61.72
CA GLU A 343 24.65 -35.82 -62.47
C GLU A 343 25.40 -36.86 -61.59
N LYS A 344 25.53 -36.60 -60.26
CA LYS A 344 26.20 -37.44 -59.26
C LYS A 344 27.67 -37.71 -59.64
N ARG A 345 28.37 -36.70 -60.20
CA ARG A 345 29.75 -36.79 -60.67
C ARG A 345 30.74 -36.52 -59.53
N HIS A 346 30.74 -35.29 -58.99
CA HIS A 346 31.63 -34.92 -57.89
C HIS A 346 30.85 -34.46 -56.66
N VAL A 347 31.45 -34.71 -55.49
CA VAL A 347 30.96 -34.29 -54.17
C VAL A 347 31.22 -32.77 -54.09
N LEU A 348 30.23 -31.98 -53.64
CA LEU A 348 30.36 -30.53 -53.60
C LEU A 348 30.17 -29.85 -52.26
N GLY A 349 29.18 -30.27 -51.48
CA GLY A 349 28.92 -29.66 -50.19
C GLY A 349 29.89 -30.05 -49.11
N ARG A 350 30.21 -29.12 -48.19
CA ARG A 350 31.04 -29.33 -47.00
C ARG A 350 30.15 -29.81 -45.85
N LEU A 351 30.53 -30.83 -45.10
CA LEU A 351 29.72 -31.31 -43.97
C LEU A 351 30.14 -30.55 -42.72
N ILE A 352 29.17 -29.89 -42.03
CA ILE A 352 29.45 -29.16 -40.80
C ILE A 352 29.45 -30.17 -39.66
N THR A 353 28.37 -30.96 -39.52
CA THR A 353 28.21 -32.02 -38.50
C THR A 353 29.03 -33.23 -38.96
N VAL A 354 30.36 -33.17 -38.77
CA VAL A 354 31.31 -34.21 -39.19
C VAL A 354 31.04 -35.53 -38.47
N ASN A 355 31.22 -36.65 -39.22
CA ASN A 355 31.01 -38.04 -38.80
C ASN A 355 29.60 -38.28 -38.21
N PRO A 356 28.54 -38.17 -39.04
CA PRO A 356 27.18 -38.38 -38.51
C PRO A 356 26.92 -39.85 -38.24
N ILE A 357 26.50 -40.16 -37.01
CA ILE A 357 26.27 -41.53 -36.57
C ILE A 357 24.86 -41.73 -35.99
N VAL A 358 24.37 -42.99 -35.96
CA VAL A 358 23.10 -43.38 -35.37
C VAL A 358 23.43 -44.11 -34.06
N THR A 359 22.87 -43.66 -32.94
CA THR A 359 23.10 -44.29 -31.64
C THR A 359 22.01 -45.32 -31.40
N GLU A 360 20.75 -44.86 -31.45
CA GLU A 360 19.52 -45.66 -31.35
C GLU A 360 18.70 -45.41 -32.62
N LYS A 361 18.03 -46.45 -33.17
CA LYS A 361 17.21 -46.35 -34.38
C LYS A 361 16.06 -45.35 -34.19
N ASP A 362 15.39 -45.44 -33.03
CA ASP A 362 14.26 -44.61 -32.60
C ASP A 362 14.58 -43.11 -32.52
N SER A 363 15.84 -42.77 -32.23
CA SER A 363 16.30 -41.39 -32.10
C SER A 363 16.82 -40.81 -33.42
N PRO A 364 16.14 -39.75 -33.93
CA PRO A 364 16.60 -39.08 -35.16
C PRO A 364 17.93 -38.36 -35.02
N VAL A 365 18.60 -38.11 -36.15
CA VAL A 365 19.90 -37.43 -36.19
C VAL A 365 19.79 -36.15 -37.00
N ASN A 366 20.29 -35.04 -36.45
CA ASN A 366 20.33 -33.72 -37.06
C ASN A 366 21.68 -33.54 -37.72
N ILE A 367 21.68 -33.44 -39.04
CA ILE A 367 22.91 -33.26 -39.79
C ILE A 367 22.91 -31.87 -40.41
N GLU A 368 23.96 -31.09 -40.10
CA GLU A 368 24.15 -29.77 -40.65
C GLU A 368 25.29 -29.81 -41.66
N ALA A 369 25.04 -29.21 -42.84
CA ALA A 369 26.03 -29.16 -43.91
C ALA A 369 25.84 -27.92 -44.74
N GLU A 370 26.94 -27.45 -45.37
CA GLU A 370 26.95 -26.28 -46.26
C GLU A 370 26.75 -26.75 -47.72
N PRO A 371 25.55 -26.58 -48.30
CA PRO A 371 25.36 -27.02 -49.69
C PRO A 371 25.96 -26.03 -50.69
N PRO A 372 26.34 -26.46 -51.91
CA PRO A 372 26.90 -25.51 -52.87
C PRO A 372 25.83 -24.62 -53.49
N PHE A 373 26.27 -23.48 -54.04
CA PHE A 373 25.42 -22.51 -54.71
C PHE A 373 24.80 -23.11 -55.95
N GLY A 374 23.50 -22.92 -56.09
CA GLY A 374 22.73 -23.44 -57.21
C GLY A 374 22.03 -24.74 -56.89
N ASP A 375 22.07 -25.68 -57.83
CA ASP A 375 21.43 -26.98 -57.72
C ASP A 375 22.36 -28.06 -57.20
N SER A 376 21.90 -28.76 -56.15
CA SER A 376 22.61 -29.84 -55.48
C SER A 376 21.67 -30.99 -55.09
N TYR A 377 22.25 -32.16 -54.80
CA TYR A 377 21.54 -33.36 -54.39
C TYR A 377 22.06 -33.80 -53.03
N ILE A 378 21.17 -33.88 -52.05
CA ILE A 378 21.52 -34.35 -50.71
C ILE A 378 21.28 -35.85 -50.72
N ILE A 379 22.36 -36.61 -50.56
CA ILE A 379 22.31 -38.06 -50.57
C ILE A 379 22.63 -38.59 -49.18
N VAL A 380 21.58 -39.10 -48.53
CA VAL A 380 21.71 -39.67 -47.20
C VAL A 380 21.30 -41.14 -47.26
N GLY A 381 22.25 -41.98 -46.86
CA GLY A 381 22.12 -43.44 -46.85
C GLY A 381 22.77 -44.07 -48.05
N VAL A 382 22.56 -45.39 -48.21
CA VAL A 382 23.09 -46.19 -49.32
C VAL A 382 21.97 -46.94 -50.03
N GLU A 383 22.24 -47.43 -51.27
CA GLU A 383 21.26 -48.17 -52.09
C GLU A 383 20.91 -49.53 -51.46
N PRO A 384 19.63 -49.96 -51.43
CA PRO A 384 18.42 -49.30 -51.96
C PRO A 384 17.77 -48.34 -50.95
N GLY A 385 16.83 -47.52 -51.43
CA GLY A 385 16.08 -46.57 -50.62
C GLY A 385 16.90 -45.37 -50.17
N GLN A 386 17.91 -45.03 -50.98
CA GLN A 386 18.83 -43.91 -50.78
C GLN A 386 18.06 -42.62 -50.90
N LEU A 387 18.11 -41.78 -49.86
CA LEU A 387 17.39 -40.51 -49.85
C LEU A 387 18.04 -39.53 -50.81
N LYS A 388 17.31 -39.22 -51.90
CA LYS A 388 17.68 -38.29 -52.95
C LYS A 388 16.83 -37.03 -52.75
N LEU A 389 17.45 -35.93 -52.28
CA LEU A 389 16.75 -34.69 -52.00
C LEU A 389 17.38 -33.54 -52.78
N ASN A 390 16.59 -32.92 -53.65
CA ASN A 390 17.08 -31.80 -54.46
C ASN A 390 17.10 -30.52 -53.64
N TRP A 391 18.17 -29.72 -53.79
CA TRP A 391 18.28 -28.47 -53.06
C TRP A 391 18.61 -27.28 -53.96
N LEU A 392 18.06 -26.11 -53.59
CA LEU A 392 18.20 -24.78 -54.21
C LEU A 392 19.00 -23.84 -53.31
N ARG A 393 20.02 -23.17 -53.85
CA ARG A 393 20.81 -22.22 -53.06
C ARG A 393 21.18 -20.98 -53.89
N PRO A 394 20.35 -19.90 -53.86
CA PRO A 394 20.65 -18.71 -54.69
C PRO A 394 21.93 -17.96 -54.28
N MET B 1 0.14 48.77 12.87
CA MET B 1 0.83 48.17 14.02
C MET B 1 1.42 46.81 13.65
N ARG B 2 1.02 46.31 12.48
CA ARG B 2 1.41 45.03 11.90
C ARG B 2 2.92 44.96 11.63
N CYS B 3 3.55 46.08 11.22
CA CYS B 3 4.99 46.14 10.89
C CYS B 3 5.90 46.00 12.11
N ILE B 4 5.38 46.32 13.31
CA ILE B 4 6.16 46.24 14.54
C ILE B 4 6.63 44.79 14.77
N GLY B 5 7.95 44.61 14.72
CA GLY B 5 8.62 43.32 14.89
C GLY B 5 9.33 42.85 13.65
N ILE B 6 9.18 43.60 12.55
CA ILE B 6 9.79 43.23 11.27
C ILE B 6 11.04 44.06 11.03
N SER B 7 12.13 43.37 10.64
CA SER B 7 13.44 43.98 10.38
C SER B 7 13.48 44.88 9.16
N ASN B 8 12.94 44.41 8.02
CA ASN B 8 12.91 45.17 6.78
C ASN B 8 11.72 46.12 6.80
N ARG B 9 11.75 47.08 7.75
CA ARG B 9 10.70 48.04 7.96
C ARG B 9 11.19 49.43 7.59
N ASP B 10 10.50 50.05 6.63
CA ASP B 10 10.82 51.38 6.12
C ASP B 10 9.88 52.40 6.76
N PHE B 11 10.44 53.53 7.22
CA PHE B 11 9.69 54.62 7.83
C PHE B 11 9.65 55.76 6.82
N VAL B 12 8.48 55.98 6.22
CA VAL B 12 8.25 56.98 5.19
C VAL B 12 7.40 58.13 5.72
N GLU B 13 7.88 59.37 5.58
CA GLU B 13 7.11 60.53 5.99
C GLU B 13 6.81 61.41 4.80
N GLY B 14 5.57 61.89 4.73
CA GLY B 14 5.06 62.73 3.65
C GLY B 14 4.84 64.17 4.05
N VAL B 15 5.15 65.11 3.13
CA VAL B 15 4.92 66.54 3.33
C VAL B 15 3.43 66.77 2.98
N SER B 16 2.61 67.17 3.99
CA SER B 16 1.16 67.41 3.94
C SER B 16 0.35 66.24 3.35
N TRP B 20 0.81 63.38 -0.10
CA TRP B 20 1.06 62.50 -1.24
C TRP B 20 2.48 61.94 -1.06
N VAL B 21 2.61 60.58 -0.95
CA VAL B 21 3.91 59.93 -0.69
C VAL B 21 4.12 58.64 -1.49
N ASP B 22 5.36 58.41 -1.88
CA ASP B 22 5.77 57.24 -2.66
C ASP B 22 6.35 56.15 -1.76
N ILE B 23 5.79 54.94 -1.85
CA ILE B 23 6.20 53.78 -1.06
C ILE B 23 6.50 52.55 -1.98
N VAL B 24 7.49 51.73 -1.58
CA VAL B 24 7.87 50.52 -2.33
C VAL B 24 7.53 49.32 -1.46
N LEU B 25 6.60 48.49 -1.92
CA LEU B 25 6.20 47.29 -1.18
C LEU B 25 6.75 46.05 -1.87
N GLU B 26 7.32 45.15 -1.07
CA GLU B 26 7.85 43.86 -1.54
C GLU B 26 7.57 42.77 -0.49
N HIS B 27 7.77 41.48 -0.84
CA HIS B 27 7.56 40.40 0.11
C HIS B 27 8.71 40.40 1.09
N GLY B 28 8.38 40.53 2.36
CA GLY B 28 9.37 40.63 3.43
C GLY B 28 9.47 42.06 3.91
N SER B 29 9.20 43.03 3.01
CA SER B 29 9.22 44.46 3.31
C SER B 29 7.92 44.87 4.04
N CYS B 30 8.00 45.93 4.83
CA CYS B 30 6.88 46.51 5.57
C CYS B 30 7.12 48.01 5.60
N VAL B 31 6.08 48.82 5.34
CA VAL B 31 6.23 50.28 5.31
C VAL B 31 5.30 50.98 6.32
N THR B 32 5.88 51.85 7.17
CA THR B 32 5.15 52.66 8.14
C THR B 32 5.11 54.09 7.60
N THR B 33 3.89 54.57 7.24
CA THR B 33 3.69 55.90 6.69
C THR B 33 3.19 56.90 7.74
N MET B 34 3.79 58.10 7.76
CA MET B 34 3.42 59.16 8.67
C MET B 34 3.19 60.45 7.92
N ALA B 35 2.18 61.21 8.35
CA ALA B 35 1.82 62.51 7.78
C ALA B 35 1.22 63.36 8.90
N LYS B 36 1.51 64.68 8.90
CA LYS B 36 1.01 65.63 9.90
C LYS B 36 -0.51 65.67 9.92
N ASN B 37 -1.10 65.50 11.13
CA ASN B 37 -2.54 65.46 11.42
C ASN B 37 -3.28 64.31 10.69
N LYS B 38 -2.53 63.25 10.35
CA LYS B 38 -3.03 62.07 9.66
C LYS B 38 -2.59 60.83 10.43
N PRO B 39 -3.43 59.78 10.51
CA PRO B 39 -3.03 58.58 11.25
C PRO B 39 -1.87 57.82 10.60
N THR B 40 -1.00 57.26 11.44
CA THR B 40 0.13 56.46 10.99
C THR B 40 -0.37 55.10 10.50
N LEU B 41 0.05 54.70 9.29
CA LEU B 41 -0.40 53.44 8.69
C LEU B 41 0.72 52.48 8.39
N ASP B 42 0.41 51.19 8.48
CA ASP B 42 1.33 50.11 8.17
C ASP B 42 0.87 49.39 6.92
N PHE B 43 1.74 49.34 5.91
CA PHE B 43 1.48 48.70 4.63
C PHE B 43 2.38 47.48 4.46
N GLU B 44 1.81 46.35 4.03
CA GLU B 44 2.57 45.11 3.78
C GLU B 44 1.98 44.34 2.63
N LEU B 45 2.84 43.87 1.71
CA LEU B 45 2.41 43.02 0.61
C LEU B 45 2.38 41.60 1.14
N ILE B 46 1.17 41.01 1.23
CA ILE B 46 1.00 39.68 1.80
C ILE B 46 0.85 38.58 0.75
N LYS B 47 0.33 38.90 -0.44
CA LYS B 47 0.10 37.89 -1.49
C LYS B 47 0.28 38.45 -2.88
N THR B 48 0.85 37.64 -3.77
CA THR B 48 1.03 37.90 -5.19
C THR B 48 0.47 36.64 -5.84
N GLU B 49 -0.42 36.82 -6.83
CA GLU B 49 -1.04 35.68 -7.48
C GLU B 49 -1.30 35.87 -8.96
N ALA B 50 -0.75 34.96 -9.77
CA ALA B 50 -0.96 34.92 -11.21
C ALA B 50 -2.38 34.33 -11.33
N LYS B 51 -3.36 35.18 -11.73
CA LYS B 51 -4.79 34.81 -11.69
C LYS B 51 -5.38 34.16 -12.95
N GLN B 52 -4.80 34.35 -14.13
CA GLN B 52 -5.32 33.64 -15.29
C GLN B 52 -4.15 32.97 -16.01
N PRO B 53 -3.55 31.89 -15.42
CA PRO B 53 -2.40 31.27 -16.08
C PRO B 53 -2.87 30.28 -17.12
N ALA B 54 -2.25 30.35 -18.28
CA ALA B 54 -2.56 29.44 -19.35
C ALA B 54 -1.43 28.43 -19.40
N THR B 55 -1.74 27.14 -19.10
CA THR B 55 -0.73 26.08 -19.19
C THR B 55 -0.43 25.95 -20.68
N LEU B 56 0.83 26.06 -21.04
CA LEU B 56 1.25 25.97 -22.42
C LEU B 56 1.46 24.49 -22.71
N ARG B 57 2.34 23.88 -21.91
CA ARG B 57 2.70 22.46 -21.95
C ARG B 57 2.95 21.98 -20.52
N LYS B 58 2.89 20.66 -20.33
CA LYS B 58 3.18 19.99 -19.06
C LYS B 58 4.17 18.89 -19.44
N TYR B 59 5.39 18.93 -18.87
CA TYR B 59 6.44 17.95 -19.19
C TYR B 59 6.58 16.89 -18.13
N CYS B 60 6.88 15.66 -18.54
CA CYS B 60 7.12 14.59 -17.58
C CYS B 60 8.62 14.53 -17.30
N ILE B 61 9.00 14.74 -16.04
CA ILE B 61 10.40 14.69 -15.62
C ILE B 61 10.73 13.34 -14.96
N GLU B 62 9.73 12.63 -14.42
CA GLU B 62 9.90 11.30 -13.81
C GLU B 62 8.83 10.34 -14.35
N ALA B 63 9.26 9.31 -15.10
CA ALA B 63 8.37 8.34 -15.72
C ALA B 63 8.45 6.94 -15.11
N LYS B 64 7.34 6.18 -15.19
CA LYS B 64 7.19 4.83 -14.65
C LYS B 64 6.59 3.90 -15.71
N LEU B 65 7.29 2.81 -16.05
CA LEU B 65 6.80 1.84 -17.04
C LEU B 65 6.25 0.61 -16.34
N THR B 66 4.96 0.37 -16.48
CA THR B 66 4.26 -0.77 -15.88
C THR B 66 3.49 -1.55 -16.94
N ASN B 67 2.80 -2.64 -16.54
CA ASN B 67 1.95 -3.49 -17.39
C ASN B 67 2.62 -3.89 -18.74
N THR B 68 3.86 -4.39 -18.64
CA THR B 68 4.66 -4.84 -19.79
C THR B 68 4.10 -6.11 -20.45
N THR B 69 3.79 -6.02 -21.75
CA THR B 69 3.27 -7.11 -22.56
C THR B 69 4.15 -7.33 -23.79
N THR B 70 4.43 -8.61 -24.12
CA THR B 70 5.28 -8.98 -25.26
C THR B 70 4.62 -10.07 -26.11
N GLU B 71 4.73 -9.96 -27.44
CA GLU B 71 4.23 -10.97 -28.39
C GLU B 71 5.23 -11.19 -29.50
N SER B 72 5.50 -12.45 -29.83
CA SER B 72 6.41 -12.81 -30.90
C SER B 72 5.79 -13.80 -31.88
N ARG B 73 6.28 -13.79 -33.12
CA ARG B 73 5.84 -14.67 -34.21
C ARG B 73 7.05 -15.32 -34.82
N CYS B 74 6.87 -16.53 -35.34
CA CYS B 74 7.94 -17.28 -35.99
C CYS B 74 8.26 -16.63 -37.36
N PRO B 75 9.42 -16.94 -38.00
CA PRO B 75 9.68 -16.32 -39.32
C PRO B 75 8.59 -16.71 -40.32
N THR B 76 8.17 -15.77 -41.20
CA THR B 76 7.13 -15.98 -42.22
C THR B 76 5.76 -16.33 -41.59
N GLN B 77 5.46 -15.69 -40.48
CA GLN B 77 4.19 -15.89 -39.78
C GLN B 77 3.49 -14.55 -39.52
N GLY B 78 4.02 -13.50 -40.13
CA GLY B 78 3.49 -12.16 -40.03
C GLY B 78 3.98 -11.36 -38.85
N GLU B 79 3.66 -10.06 -38.87
CA GLU B 79 4.02 -9.11 -37.84
C GLU B 79 3.16 -9.37 -36.60
N PRO B 80 3.74 -9.47 -35.38
CA PRO B 80 2.91 -9.69 -34.18
C PRO B 80 2.10 -8.46 -33.82
N SER B 81 1.01 -8.64 -33.09
CA SER B 81 0.18 -7.50 -32.73
C SER B 81 -0.48 -7.64 -31.39
N LEU B 82 -0.42 -6.57 -30.60
CA LEU B 82 -1.04 -6.45 -29.28
C LEU B 82 -2.09 -5.35 -29.33
N ASN B 83 -3.19 -5.51 -28.57
CA ASN B 83 -4.27 -4.53 -28.50
C ASN B 83 -3.84 -3.27 -27.75
N GLU B 84 -2.70 -3.36 -27.06
CA GLU B 84 -2.06 -2.29 -26.31
C GLU B 84 -1.46 -1.26 -27.28
N GLU B 85 -1.21 -1.66 -28.55
CA GLU B 85 -0.66 -0.79 -29.60
C GLU B 85 -1.60 0.36 -29.90
N GLN B 86 -2.92 0.08 -29.93
CA GLN B 86 -4.01 1.03 -30.17
C GLN B 86 -4.21 1.94 -28.95
N ASP B 87 -3.87 1.44 -27.73
CA ASP B 87 -3.99 2.19 -26.47
C ASP B 87 -2.87 3.24 -26.37
N LYS B 88 -3.27 4.52 -26.23
CA LYS B 88 -2.37 5.68 -26.18
C LYS B 88 -1.57 5.84 -24.88
N ARG B 89 -1.95 5.09 -23.81
CA ARG B 89 -1.24 5.13 -22.53
C ARG B 89 0.01 4.25 -22.58
N PHE B 90 0.07 3.39 -23.61
CA PHE B 90 1.14 2.43 -23.84
C PHE B 90 2.13 2.92 -24.89
N ILE B 91 3.38 2.45 -24.76
CA ILE B 91 4.47 2.70 -25.72
C ILE B 91 4.89 1.35 -26.30
N CYS B 92 4.82 1.22 -27.63
CA CYS B 92 5.14 -0.03 -28.32
C CYS B 92 6.27 0.11 -29.32
N LYS B 93 6.98 -1.00 -29.54
CA LYS B 93 8.07 -1.08 -30.50
C LYS B 93 8.18 -2.49 -31.02
N HIS B 94 8.32 -2.58 -32.34
CA HIS B 94 8.48 -3.81 -33.09
C HIS B 94 9.97 -4.02 -33.35
N SER B 95 10.42 -5.27 -33.30
CA SER B 95 11.80 -5.64 -33.55
C SER B 95 11.86 -7.03 -34.15
N MET B 96 13.08 -7.49 -34.44
CA MET B 96 13.35 -8.79 -35.03
C MET B 96 14.26 -9.61 -34.11
N VAL B 97 13.90 -10.87 -33.89
CA VAL B 97 14.69 -11.79 -33.07
C VAL B 97 15.04 -13.06 -33.85
N ASP B 98 16.24 -13.62 -33.59
CA ASP B 98 16.70 -14.86 -34.22
C ASP B 98 15.84 -15.99 -33.73
N ARG B 99 15.25 -16.70 -34.68
CA ARG B 99 14.40 -17.84 -34.38
C ARG B 99 14.93 -19.09 -35.07
N GLY B 100 14.69 -20.23 -34.46
CA GLY B 100 15.13 -21.53 -34.95
C GLY B 100 14.43 -22.69 -34.30
N TRP B 101 14.95 -23.90 -34.50
CA TRP B 101 14.39 -25.14 -33.95
C TRP B 101 14.42 -25.17 -32.42
N GLY B 102 15.57 -24.83 -31.83
CA GLY B 102 15.74 -24.84 -30.36
C GLY B 102 15.24 -23.62 -29.63
N ASN B 103 14.38 -22.87 -30.30
CA ASN B 103 13.79 -21.59 -29.99
C ASN B 103 12.29 -21.68 -29.98
N GLY B 104 11.78 -22.62 -30.76
CA GLY B 104 10.35 -22.85 -30.97
C GLY B 104 9.80 -22.47 -32.33
N CYS B 105 10.60 -22.63 -33.43
CA CYS B 105 10.18 -22.33 -34.80
C CYS B 105 10.60 -23.44 -35.74
N GLY B 106 9.70 -23.84 -36.65
CA GLY B 106 9.95 -24.88 -37.63
C GLY B 106 11.03 -24.49 -38.63
N LEU B 107 11.21 -23.18 -38.86
CA LEU B 107 12.21 -22.65 -39.78
C LEU B 107 13.02 -21.53 -39.15
N PHE B 108 14.31 -21.48 -39.52
CA PHE B 108 15.29 -20.52 -39.04
C PHE B 108 15.13 -19.20 -39.80
N GLY B 109 15.33 -18.10 -39.07
CA GLY B 109 15.25 -16.75 -39.61
C GLY B 109 14.90 -15.72 -38.58
N LYS B 110 14.69 -14.48 -39.02
CA LYS B 110 14.31 -13.40 -38.13
C LYS B 110 12.80 -13.47 -37.92
N GLY B 111 12.38 -13.48 -36.67
CA GLY B 111 10.97 -13.51 -36.28
C GLY B 111 10.60 -12.22 -35.60
N GLY B 112 9.45 -11.66 -35.97
CA GLY B 112 8.95 -10.40 -35.43
C GLY B 112 8.58 -10.45 -33.95
N ILE B 113 9.00 -9.44 -33.19
CA ILE B 113 8.70 -9.31 -31.76
C ILE B 113 8.14 -7.93 -31.50
N VAL B 114 7.22 -7.81 -30.52
CA VAL B 114 6.63 -6.52 -30.16
C VAL B 114 6.49 -6.41 -28.63
N THR B 115 7.01 -5.32 -28.08
CA THR B 115 6.94 -5.07 -26.66
C THR B 115 6.16 -3.77 -26.41
N CYS B 116 5.23 -3.80 -25.44
CA CYS B 116 4.38 -2.67 -25.03
C CYS B 116 4.45 -2.47 -23.53
N ALA B 117 4.44 -1.21 -23.09
CA ALA B 117 4.51 -0.87 -21.67
C ALA B 117 3.71 0.38 -21.38
N LYS B 118 2.98 0.40 -20.26
CA LYS B 118 2.16 1.53 -19.83
C LYS B 118 3.01 2.65 -19.23
N PHE B 119 2.96 3.82 -19.87
CA PHE B 119 3.69 5.02 -19.46
C PHE B 119 2.85 5.78 -18.44
N THR B 120 3.34 5.85 -17.21
CA THR B 120 2.68 6.56 -16.12
C THR B 120 3.64 7.60 -15.57
N CYS B 121 3.22 8.87 -15.54
CA CYS B 121 4.08 9.95 -15.04
C CYS B 121 4.04 10.04 -13.53
N LYS B 122 5.23 10.02 -12.91
CA LYS B 122 5.41 10.12 -11.47
C LYS B 122 5.44 11.60 -11.06
N LYS B 123 6.38 12.38 -11.64
CA LYS B 123 6.57 13.81 -11.37
C LYS B 123 6.60 14.62 -12.66
N ASN B 124 5.90 15.76 -12.66
CA ASN B 124 5.81 16.64 -13.81
C ASN B 124 6.13 18.12 -13.50
N MET B 125 6.40 18.84 -14.56
CA MET B 125 6.75 20.26 -14.66
C MET B 125 5.62 20.95 -15.44
N GLU B 126 5.24 22.17 -15.08
CA GLU B 126 4.16 22.86 -15.78
C GLU B 126 4.63 24.25 -16.22
N GLY B 127 4.38 24.59 -17.47
CA GLY B 127 4.78 25.89 -18.01
C GLY B 127 3.56 26.77 -18.21
N LYS B 128 3.41 27.77 -17.33
CA LYS B 128 2.27 28.68 -17.37
C LYS B 128 2.63 30.00 -18.00
N ILE B 129 1.76 30.50 -18.87
CA ILE B 129 2.02 31.80 -19.47
C ILE B 129 1.09 32.79 -18.79
N VAL B 130 1.70 33.78 -18.11
CA VAL B 130 0.99 34.76 -17.30
C VAL B 130 0.90 36.13 -17.94
N GLN B 131 -0.33 36.68 -17.99
CA GLN B 131 -0.54 38.02 -18.51
C GLN B 131 -0.15 39.00 -17.39
N PRO B 132 0.77 39.96 -17.65
CA PRO B 132 1.23 40.85 -16.57
C PRO B 132 0.12 41.57 -15.80
N GLU B 133 -0.90 42.09 -16.51
CA GLU B 133 -2.09 42.80 -15.98
C GLU B 133 -2.90 41.90 -15.05
N ASN B 134 -2.69 40.56 -15.11
CA ASN B 134 -3.42 39.55 -14.31
C ASN B 134 -2.68 39.06 -13.07
N LEU B 135 -1.78 39.93 -12.53
CA LEU B 135 -1.04 39.62 -11.31
C LEU B 135 -1.74 40.37 -10.17
N GLU B 136 -2.48 39.62 -9.34
CA GLU B 136 -3.22 40.19 -8.24
C GLU B 136 -2.33 40.29 -7.03
N TYR B 137 -2.21 41.52 -6.51
CA TYR B 137 -1.41 41.82 -5.34
C TYR B 137 -2.36 42.12 -4.17
N THR B 138 -2.10 41.48 -3.02
CA THR B 138 -2.89 41.67 -1.81
C THR B 138 -2.04 42.46 -0.81
N ILE B 139 -2.53 43.65 -0.46
CA ILE B 139 -1.87 44.58 0.46
C ILE B 139 -2.74 44.74 1.70
N VAL B 140 -2.10 44.73 2.89
CA VAL B 140 -2.81 44.96 4.14
C VAL B 140 -2.44 46.33 4.68
N ILE B 141 -3.46 47.18 4.90
CA ILE B 141 -3.27 48.51 5.44
C ILE B 141 -3.76 48.51 6.88
N THR B 142 -2.83 48.42 7.83
CA THR B 142 -3.14 48.36 9.25
C THR B 142 -2.86 49.71 9.91
N PRO B 143 -3.90 50.46 10.34
CA PRO B 143 -3.64 51.76 10.99
C PRO B 143 -3.06 51.58 12.39
N HIS B 144 -2.44 52.64 12.90
CA HIS B 144 -1.87 52.63 14.25
C HIS B 144 -2.94 52.97 15.29
N SER B 145 -3.90 52.02 15.43
CA SER B 145 -5.06 52.14 16.30
C SER B 145 -4.84 51.84 17.80
N GLY B 146 -3.59 51.61 18.23
CA GLY B 146 -3.32 51.35 19.64
C GLY B 146 -3.86 50.04 20.17
N GLU B 147 -5.02 49.57 19.63
CA GLU B 147 -5.73 48.34 19.95
C GLU B 147 -4.79 47.28 20.53
N GLU B 148 -5.14 46.73 21.71
CA GLU B 148 -4.31 45.77 22.45
C GLU B 148 -3.73 44.62 21.65
N HIS B 149 -4.45 44.11 20.66
CA HIS B 149 -3.96 42.98 19.88
C HIS B 149 -3.27 43.37 18.56
N ALA B 150 -3.45 44.61 18.06
CA ALA B 150 -2.94 45.11 16.78
C ALA B 150 -1.45 44.86 16.49
N VAL B 151 -0.59 45.01 17.51
CA VAL B 151 0.87 44.91 17.46
C VAL B 151 1.36 43.55 16.91
N GLY B 152 1.83 43.60 15.66
CA GLY B 152 2.35 42.46 14.92
C GLY B 152 1.34 41.36 14.60
N ASN B 153 0.03 41.65 14.74
CA ASN B 153 -1.04 40.68 14.51
C ASN B 153 -1.23 40.39 13.05
N ASP B 154 -0.76 39.19 12.63
CA ASP B 154 -0.79 38.69 11.25
C ASP B 154 -2.20 38.53 10.66
N THR B 155 -3.17 38.05 11.44
CA THR B 155 -4.56 37.80 11.04
C THR B 155 -5.23 38.90 10.20
N GLY B 156 -4.82 40.14 10.40
CA GLY B 156 -5.34 41.26 9.64
C GLY B 156 -6.78 41.63 9.93
N LYS B 157 -7.35 41.11 11.04
CA LYS B 157 -8.69 41.47 11.49
C LYS B 157 -8.64 42.94 11.98
N HIS B 158 -7.42 43.55 11.91
CA HIS B 158 -7.08 44.92 12.31
C HIS B 158 -6.86 45.83 11.12
N GLY B 159 -6.40 45.24 10.02
CA GLY B 159 -6.09 45.94 8.79
C GLY B 159 -6.99 45.61 7.63
N LYS B 160 -7.13 46.56 6.70
CA LYS B 160 -7.97 46.37 5.53
C LYS B 160 -7.15 45.70 4.44
N GLU B 161 -7.70 44.63 3.87
CA GLU B 161 -7.10 43.86 2.79
C GLU B 161 -7.57 44.46 1.47
N ILE B 162 -6.62 44.81 0.58
CA ILE B 162 -6.96 45.38 -0.73
C ILE B 162 -6.20 44.67 -1.84
N LYS B 163 -6.89 44.45 -2.98
CA LYS B 163 -6.33 43.77 -4.13
C LYS B 163 -6.09 44.72 -5.31
N ILE B 164 -4.89 44.65 -5.88
CA ILE B 164 -4.48 45.52 -6.97
C ILE B 164 -3.83 44.73 -8.11
N THR B 165 -4.03 45.18 -9.34
CA THR B 165 -3.42 44.57 -10.52
C THR B 165 -2.66 45.64 -11.26
N PRO B 166 -1.60 45.27 -12.04
CA PRO B 166 -0.81 46.30 -12.73
C PRO B 166 -1.63 47.32 -13.51
N GLN B 167 -2.79 46.87 -14.00
CA GLN B 167 -3.61 47.80 -14.72
C GLN B 167 -4.61 48.53 -13.82
N SER B 168 -5.32 47.82 -12.90
CA SER B 168 -6.19 48.51 -11.94
C SER B 168 -5.32 48.94 -10.76
N SER B 169 -4.55 50.00 -11.03
CA SER B 169 -3.59 50.53 -10.08
C SER B 169 -4.16 51.58 -9.12
N THR B 170 -5.27 52.27 -9.49
CA THR B 170 -5.90 53.27 -8.61
C THR B 170 -7.05 52.64 -7.81
N THR B 171 -6.90 52.63 -6.46
CA THR B 171 -7.86 52.04 -5.52
C THR B 171 -8.02 52.96 -4.31
N GLU B 172 -9.27 53.19 -3.92
CA GLU B 172 -9.57 53.94 -2.71
C GLU B 172 -9.91 52.89 -1.66
N ALA B 173 -9.14 52.86 -0.55
CA ALA B 173 -9.36 51.89 0.53
C ALA B 173 -9.94 52.57 1.76
N GLU B 174 -11.07 52.04 2.27
CA GLU B 174 -11.76 52.59 3.44
C GLU B 174 -11.28 51.94 4.73
N LEU B 175 -10.71 52.76 5.62
CA LEU B 175 -10.22 52.34 6.93
C LEU B 175 -11.21 52.85 7.98
N THR B 176 -11.93 51.90 8.60
CA THR B 176 -12.99 52.14 9.59
C THR B 176 -12.51 53.06 10.74
N GLY B 177 -13.07 54.27 10.77
CA GLY B 177 -12.77 55.28 11.77
C GLY B 177 -11.68 56.27 11.37
N TYR B 178 -11.10 56.10 10.16
CA TYR B 178 -10.02 56.94 9.67
C TYR B 178 -10.29 57.59 8.31
N GLY B 179 -11.27 57.06 7.58
CA GLY B 179 -11.64 57.57 6.27
C GLY B 179 -11.10 56.73 5.15
N THR B 180 -10.75 57.36 4.02
CA THR B 180 -10.23 56.64 2.86
C THR B 180 -8.80 57.05 2.47
N VAL B 181 -8.03 56.08 1.98
CA VAL B 181 -6.67 56.26 1.47
C VAL B 181 -6.65 55.87 -0.02
N THR B 182 -6.21 56.81 -0.87
CA THR B 182 -6.17 56.56 -2.32
C THR B 182 -4.78 56.08 -2.68
N MET B 183 -4.71 54.88 -3.30
CA MET B 183 -3.46 54.23 -3.70
C MET B 183 -3.35 54.09 -5.22
N GLU B 184 -2.25 54.60 -5.79
CA GLU B 184 -1.94 54.53 -7.24
C GLU B 184 -0.64 53.71 -7.39
N CYS B 185 -0.76 52.44 -7.77
CA CYS B 185 0.40 51.57 -7.89
C CYS B 185 0.96 51.43 -9.30
N SER B 186 2.09 50.73 -9.44
CA SER B 186 2.80 50.47 -10.69
C SER B 186 3.75 49.30 -10.42
N PRO B 187 3.68 48.18 -11.17
CA PRO B 187 4.60 47.06 -10.87
C PRO B 187 6.02 47.30 -11.39
N ARG B 188 6.99 47.01 -10.55
CA ARG B 188 8.40 47.09 -10.91
C ARG B 188 9.00 45.69 -10.75
N THR B 189 8.64 44.82 -11.73
CA THR B 189 9.07 43.41 -11.84
C THR B 189 10.49 43.39 -12.42
N GLY B 190 11.28 42.39 -11.99
CA GLY B 190 12.65 42.17 -12.45
C GLY B 190 12.75 41.87 -13.94
N LEU B 191 11.78 41.08 -14.45
CA LEU B 191 11.63 40.71 -15.85
C LEU B 191 10.15 40.73 -16.22
N ASP B 192 9.85 41.30 -17.41
CA ASP B 192 8.49 41.36 -17.98
C ASP B 192 8.09 39.95 -18.45
N PHE B 193 6.79 39.64 -18.38
CA PHE B 193 6.24 38.32 -18.73
C PHE B 193 6.00 38.12 -20.24
N ASN B 194 6.56 39.06 -21.04
CA ASN B 194 6.53 39.06 -22.49
C ASN B 194 7.69 38.20 -23.03
N GLU B 195 7.30 37.02 -23.57
CA GLU B 195 8.13 35.93 -24.11
C GLU B 195 8.68 35.03 -22.99
N MET B 196 8.11 35.17 -21.79
CA MET B 196 8.51 34.40 -20.63
C MET B 196 7.42 33.43 -20.20
N VAL B 197 7.85 32.21 -19.87
CA VAL B 197 7.08 31.08 -19.39
C VAL B 197 7.42 30.90 -17.93
N LEU B 198 6.40 30.87 -17.08
CA LEU B 198 6.62 30.61 -15.67
C LEU B 198 6.67 29.09 -15.54
N LEU B 199 7.90 28.57 -15.44
CA LEU B 199 8.13 27.14 -15.32
C LEU B 199 8.01 26.76 -13.85
N GLN B 200 6.90 26.12 -13.50
CA GLN B 200 6.63 25.69 -12.13
C GLN B 200 7.04 24.24 -11.99
N MET B 201 7.82 23.93 -10.98
CA MET B 201 8.19 22.55 -10.83
C MET B 201 7.34 21.89 -9.76
N GLU B 202 7.67 22.04 -8.49
CA GLU B 202 6.84 21.48 -7.41
C GLU B 202 6.53 22.60 -6.44
N ASP B 203 7.57 23.03 -5.70
CA ASP B 203 7.57 24.12 -4.73
C ASP B 203 8.44 25.28 -5.25
N LYS B 204 9.08 25.07 -6.42
CA LYS B 204 9.99 26.01 -7.06
C LYS B 204 9.44 26.46 -8.41
N ALA B 205 9.80 27.69 -8.80
CA ALA B 205 9.37 28.29 -10.05
C ALA B 205 10.48 29.15 -10.64
N TRP B 206 10.45 29.30 -11.97
CA TRP B 206 11.43 30.05 -12.74
C TRP B 206 10.75 30.81 -13.85
N LEU B 207 11.43 31.80 -14.44
CA LEU B 207 10.92 32.56 -15.56
C LEU B 207 11.86 32.29 -16.71
N VAL B 208 11.37 31.50 -17.70
CA VAL B 208 12.19 31.04 -18.84
C VAL B 208 11.65 31.47 -20.20
N HIS B 209 12.57 31.61 -21.16
CA HIS B 209 12.28 31.95 -22.55
C HIS B 209 11.37 30.89 -23.15
N ARG B 210 10.33 31.36 -23.84
CA ARG B 210 9.28 30.58 -24.48
C ARG B 210 9.79 29.46 -25.38
N GLN B 211 10.60 29.81 -26.38
CA GLN B 211 11.20 28.88 -27.35
C GLN B 211 12.01 27.79 -26.68
N TRP B 212 12.80 28.16 -25.64
CA TRP B 212 13.63 27.23 -24.86
C TRP B 212 12.75 26.19 -24.22
N PHE B 213 11.65 26.64 -23.58
CA PHE B 213 10.68 25.78 -22.92
C PHE B 213 10.04 24.80 -23.92
N LEU B 214 9.63 25.31 -25.08
CA LEU B 214 9.01 24.49 -26.11
C LEU B 214 9.99 23.56 -26.85
N ASP B 215 11.28 23.67 -26.56
CA ASP B 215 12.30 22.85 -27.23
C ASP B 215 12.89 21.74 -26.34
N LEU B 216 12.44 21.60 -25.07
CA LEU B 216 12.92 20.56 -24.14
C LEU B 216 12.55 19.14 -24.67
N PRO B 217 13.53 18.22 -24.76
CA PRO B 217 13.22 16.88 -25.28
C PRO B 217 12.70 15.96 -24.17
N LEU B 218 11.45 16.20 -23.76
CA LEU B 218 10.79 15.46 -22.70
C LEU B 218 9.35 15.09 -23.11
N PRO B 219 8.72 14.04 -22.52
CA PRO B 219 7.32 13.72 -22.88
C PRO B 219 6.41 14.84 -22.40
N TRP B 220 5.41 15.22 -23.20
CA TRP B 220 4.59 16.35 -22.82
C TRP B 220 3.12 16.17 -23.12
N LEU B 221 2.29 16.95 -22.44
CA LEU B 221 0.85 17.06 -22.64
C LEU B 221 0.58 18.51 -23.01
N PRO B 222 -0.33 18.80 -23.95
CA PRO B 222 -0.60 20.21 -24.27
C PRO B 222 -1.48 20.86 -23.21
N GLY B 223 -1.62 22.17 -23.27
CA GLY B 223 -2.49 22.89 -22.36
C GLY B 223 -3.93 22.44 -22.52
N ALA B 224 -4.28 22.03 -23.77
CA ALA B 224 -5.57 21.49 -24.19
C ALA B 224 -5.90 20.12 -23.56
N ASP B 225 -4.86 19.37 -23.12
CA ASP B 225 -5.04 18.06 -22.51
C ASP B 225 -4.37 17.95 -21.13
N THR B 226 -4.93 18.69 -20.16
CA THR B 226 -4.50 18.66 -18.77
C THR B 226 -5.43 17.64 -18.08
N GLY B 228 -5.08 14.55 -18.88
CA GLY B 228 -4.98 13.63 -20.00
C GLY B 228 -4.04 12.46 -19.78
N SER B 229 -4.18 11.41 -20.62
CA SER B 229 -3.39 10.18 -20.54
C SER B 229 -2.36 10.04 -21.67
N ASN B 230 -2.69 10.55 -22.86
CA ASN B 230 -1.85 10.46 -24.04
C ASN B 230 -0.71 11.49 -24.02
N TRP B 231 0.45 11.07 -23.47
CA TRP B 231 1.68 11.85 -23.40
C TRP B 231 2.36 11.79 -24.75
N ILE B 232 2.65 12.94 -25.35
CA ILE B 232 3.37 13.03 -26.62
C ILE B 232 4.85 12.81 -26.32
N GLN B 233 5.62 12.25 -27.28
CA GLN B 233 7.08 12.02 -27.20
C GLN B 233 7.56 11.10 -26.07
N LYS B 234 6.76 10.08 -25.67
CA LYS B 234 7.15 9.13 -24.61
C LYS B 234 8.58 8.56 -24.82
N GLU B 235 9.00 8.48 -26.11
CA GLU B 235 10.29 7.99 -26.61
C GLU B 235 11.51 8.77 -26.06
N THR B 236 11.30 10.00 -25.60
CA THR B 236 12.36 10.84 -25.02
C THR B 236 12.83 10.32 -23.64
N LEU B 237 12.01 9.50 -22.98
CA LEU B 237 12.31 8.91 -21.67
C LEU B 237 12.22 7.39 -21.70
N VAL B 238 11.78 6.83 -22.83
CA VAL B 238 11.63 5.39 -22.97
C VAL B 238 12.55 4.90 -24.08
N THR B 239 13.31 3.83 -23.80
CA THR B 239 14.27 3.23 -24.72
C THR B 239 14.04 1.74 -24.78
N PHE B 240 14.10 1.20 -25.99
CA PHE B 240 13.92 -0.23 -26.22
C PHE B 240 15.28 -0.85 -26.51
N LYS B 241 15.57 -1.99 -25.88
CA LYS B 241 16.84 -2.67 -26.00
C LYS B 241 16.73 -4.07 -26.55
N ASN B 242 17.45 -4.35 -27.63
CA ASN B 242 17.55 -5.66 -28.28
C ASN B 242 18.93 -5.75 -28.95
N PRO B 243 20.00 -6.05 -28.17
CA PRO B 243 21.35 -6.03 -28.76
C PRO B 243 21.89 -7.35 -29.31
N HIS B 244 21.18 -8.48 -29.07
CA HIS B 244 21.66 -9.77 -29.53
C HIS B 244 20.64 -10.52 -30.37
N ALA B 245 19.52 -9.84 -30.72
CA ALA B 245 18.37 -10.36 -31.47
C ALA B 245 17.82 -11.61 -30.77
N LYS B 246 17.82 -11.58 -29.43
CA LYS B 246 17.32 -12.68 -28.61
C LYS B 246 16.08 -12.23 -27.85
N LYS B 247 16.14 -11.03 -27.26
CA LYS B 247 15.05 -10.49 -26.46
C LYS B 247 14.95 -8.97 -26.54
N GLN B 248 13.72 -8.46 -26.54
CA GLN B 248 13.45 -7.01 -26.53
C GLN B 248 13.04 -6.62 -25.11
N ASP B 249 13.67 -5.57 -24.58
CA ASP B 249 13.40 -5.06 -23.23
C ASP B 249 13.15 -3.56 -23.26
N VAL B 250 12.25 -3.10 -22.39
CA VAL B 250 11.86 -1.69 -22.29
C VAL B 250 12.53 -1.09 -21.09
N VAL B 251 13.07 0.13 -21.25
CA VAL B 251 13.77 0.80 -20.16
C VAL B 251 13.43 2.29 -20.09
N VAL B 252 13.25 2.80 -18.86
CA VAL B 252 13.02 4.22 -18.59
C VAL B 252 14.39 4.94 -18.58
N LEU B 253 14.40 6.28 -18.71
CA LEU B 253 15.64 7.04 -18.79
C LEU B 253 16.03 7.76 -17.49
N GLY B 254 15.28 7.53 -16.42
CA GLY B 254 15.55 8.13 -15.13
C GLY B 254 15.15 9.58 -14.99
N SER B 255 14.76 9.95 -13.75
CA SER B 255 14.29 11.29 -13.36
C SER B 255 15.20 12.42 -13.82
N GLN B 256 14.61 13.35 -14.57
CA GLN B 256 15.26 14.53 -15.14
C GLN B 256 15.11 15.77 -14.21
N GLU B 257 14.54 15.58 -13.01
CA GLU B 257 14.29 16.61 -12.00
C GLU B 257 15.56 17.43 -11.71
N GLY B 258 16.60 16.76 -11.21
CA GLY B 258 17.89 17.37 -10.90
C GLY B 258 18.58 17.96 -12.11
N ALA B 259 18.51 17.23 -13.25
CA ALA B 259 19.07 17.64 -14.54
C ALA B 259 18.51 19.01 -14.96
N MET B 260 17.18 19.19 -14.77
CA MET B 260 16.45 20.41 -15.08
C MET B 260 16.94 21.56 -14.22
N HIS B 261 17.03 21.36 -12.89
CA HIS B 261 17.51 22.36 -11.92
C HIS B 261 18.85 22.95 -12.32
N THR B 262 19.74 22.12 -12.89
CA THR B 262 21.06 22.52 -13.37
C THR B 262 20.93 23.43 -14.59
N ALA B 263 20.03 23.10 -15.54
CA ALA B 263 19.77 23.90 -16.74
C ALA B 263 19.12 25.25 -16.38
N LEU B 264 18.40 25.27 -15.25
CA LEU B 264 17.68 26.43 -14.72
C LEU B 264 18.54 27.28 -13.75
N THR B 265 19.87 27.18 -13.84
CA THR B 265 20.76 27.98 -12.99
C THR B 265 20.80 29.41 -13.52
N GLY B 266 20.97 29.54 -14.85
CA GLY B 266 20.99 30.80 -15.58
C GLY B 266 19.60 31.29 -15.93
N ALA B 267 18.65 31.14 -14.98
CA ALA B 267 17.24 31.55 -15.10
C ALA B 267 16.81 32.25 -13.81
N THR B 268 15.88 33.21 -13.96
CA THR B 268 15.30 34.00 -12.87
C THR B 268 14.42 33.09 -12.01
N GLU B 269 14.81 32.84 -10.75
CA GLU B 269 14.02 31.98 -9.87
C GLU B 269 12.96 32.79 -9.11
N ILE B 270 11.86 32.13 -8.73
CA ILE B 270 10.75 32.70 -7.96
C ILE B 270 10.37 31.69 -6.88
N GLN B 271 9.92 32.16 -5.70
CA GLN B 271 9.46 31.24 -4.66
C GLN B 271 7.99 30.92 -4.95
N MET B 272 7.67 29.64 -4.99
CA MET B 272 6.33 29.22 -5.33
C MET B 272 5.55 28.62 -4.16
N SER B 273 4.21 28.75 -4.19
CA SER B 273 3.30 28.18 -3.20
C SER B 273 1.88 27.93 -3.75
N SER B 274 1.68 26.79 -4.46
CA SER B 274 0.38 26.34 -5.01
C SER B 274 -0.52 27.45 -5.66
N GLY B 275 -0.08 28.00 -6.78
CA GLY B 275 -0.82 29.05 -7.49
C GLY B 275 -0.37 30.48 -7.18
N ASN B 276 0.07 30.74 -5.93
CA ASN B 276 0.56 32.06 -5.49
C ASN B 276 2.09 32.08 -5.44
N LEU B 277 2.67 33.21 -5.82
CA LEU B 277 4.12 33.35 -5.92
C LEU B 277 4.65 34.41 -4.96
N LEU B 278 5.87 34.25 -4.45
CA LEU B 278 6.53 35.23 -3.58
C LEU B 278 7.55 35.97 -4.45
N PHE B 279 7.03 36.86 -5.31
CA PHE B 279 7.84 37.57 -6.28
C PHE B 279 8.82 38.55 -5.67
N THR B 280 10.03 38.50 -6.24
CA THR B 280 11.19 39.32 -5.94
C THR B 280 10.90 40.79 -6.25
N GLY B 281 10.24 41.02 -7.40
CA GLY B 281 9.86 42.33 -7.91
C GLY B 281 9.11 43.18 -6.90
N HIS B 282 9.35 44.48 -6.96
CA HIS B 282 8.74 45.47 -6.08
C HIS B 282 7.38 45.87 -6.64
N LEU B 283 6.72 46.84 -5.98
CA LEU B 283 5.44 47.43 -6.34
C LEU B 283 5.53 48.88 -5.89
N LYS B 284 5.83 49.79 -6.83
CA LYS B 284 5.99 51.22 -6.51
C LYS B 284 4.62 51.89 -6.46
N CYS B 285 4.14 52.23 -5.24
CA CYS B 285 2.84 52.87 -5.05
C CYS B 285 2.94 54.30 -4.59
N ARG B 286 1.93 55.11 -4.95
CA ARG B 286 1.81 56.51 -4.58
C ARG B 286 0.54 56.60 -3.76
N LEU B 287 0.57 57.23 -2.58
CA LEU B 287 -0.70 57.31 -1.87
C LEU B 287 -0.97 58.67 -1.28
N ARG B 288 -2.25 59.04 -1.22
CA ARG B 288 -2.73 60.33 -0.73
C ARG B 288 -3.54 60.20 0.55
N MET B 289 -3.20 61.02 1.56
CA MET B 289 -3.82 61.09 2.90
C MET B 289 -4.88 62.19 2.99
N ASP B 290 -5.21 62.83 1.85
CA ASP B 290 -6.18 63.92 1.78
C ASP B 290 -7.54 63.57 2.39
N LYS B 291 -8.05 62.35 2.15
CA LYS B 291 -9.34 61.89 2.67
C LYS B 291 -9.22 61.09 3.99
N LEU B 292 -8.00 61.01 4.54
CA LEU B 292 -7.70 60.34 5.81
C LEU B 292 -7.78 61.36 6.97
N GLN B 293 -8.30 60.93 8.13
CA GLN B 293 -8.44 61.75 9.34
C GLN B 293 -8.17 60.93 10.60
N LEU B 294 -7.68 61.59 11.67
CA LEU B 294 -7.37 60.94 12.96
C LEU B 294 -8.65 60.56 13.70
N LYS B 295 -8.70 59.34 14.27
CA LYS B 295 -9.86 58.85 15.03
C LYS B 295 -9.93 59.61 16.33
N GLY B 296 -11.03 60.31 16.50
CA GLY B 296 -11.26 61.14 17.66
C GLY B 296 -10.83 62.56 17.36
N MET B 297 -9.68 62.95 17.94
CA MET B 297 -9.04 64.28 17.87
C MET B 297 -9.88 65.34 18.59
N SER B 298 -11.22 65.25 18.49
CA SER B 298 -12.24 66.09 19.13
C SER B 298 -12.46 65.63 20.59
N TYR B 299 -11.73 64.58 21.02
CA TYR B 299 -11.75 63.97 22.34
C TYR B 299 -11.02 64.83 23.37
N SER B 300 -11.35 64.64 24.66
CA SER B 300 -10.69 65.34 25.76
C SER B 300 -9.68 64.42 26.40
N MET B 301 -8.61 65.00 27.00
CA MET B 301 -7.52 64.28 27.67
C MET B 301 -8.02 63.42 28.83
N CYS B 302 -7.26 62.34 29.16
CA CYS B 302 -7.61 61.39 30.21
C CYS B 302 -7.31 61.94 31.59
N THR B 303 -8.38 62.13 32.38
CA THR B 303 -8.36 62.67 33.74
C THR B 303 -7.67 61.74 34.74
N GLY B 304 -7.88 60.42 34.56
CA GLY B 304 -7.34 59.39 35.43
C GLY B 304 -5.91 58.96 35.15
N LYS B 305 -5.44 57.98 35.91
CA LYS B 305 -4.10 57.44 35.79
C LYS B 305 -4.06 56.18 34.92
N PHE B 306 -2.84 55.82 34.51
CA PHE B 306 -2.57 54.66 33.68
C PHE B 306 -1.78 53.60 34.42
N LYS B 307 -1.80 52.38 33.90
CA LYS B 307 -1.16 51.22 34.48
C LYS B 307 -0.36 50.51 33.38
N ILE B 308 0.98 50.41 33.52
CA ILE B 308 1.83 49.73 32.51
C ILE B 308 1.64 48.23 32.68
N VAL B 309 0.88 47.61 31.75
CA VAL B 309 0.48 46.21 31.78
C VAL B 309 1.48 45.26 31.03
N LYS B 310 2.54 45.80 30.41
CA LYS B 310 3.55 45.02 29.68
C LYS B 310 4.86 45.81 29.59
N GLU B 311 5.98 45.15 29.90
CA GLU B 311 7.36 45.66 29.88
C GLU B 311 7.67 46.41 28.57
N ILE B 312 8.25 47.63 28.67
CA ILE B 312 8.62 48.43 27.48
C ILE B 312 9.65 47.65 26.70
N ALA B 313 9.35 47.36 25.43
CA ALA B 313 10.26 46.62 24.56
C ALA B 313 10.74 47.52 23.43
N GLU B 314 12.05 47.40 23.09
CA GLU B 314 12.64 48.19 22.02
C GLU B 314 12.61 47.37 20.72
N THR B 315 12.14 47.99 19.62
CA THR B 315 12.12 47.34 18.31
C THR B 315 13.54 47.36 17.72
N GLN B 316 13.74 46.60 16.65
CA GLN B 316 15.03 46.53 15.95
C GLN B 316 15.48 47.88 15.36
N HIS B 317 14.59 48.88 15.34
CA HIS B 317 14.84 50.21 14.77
C HIS B 317 15.06 51.30 15.83
N GLY B 318 15.15 50.90 17.10
CA GLY B 318 15.36 51.83 18.21
C GLY B 318 14.10 52.42 18.82
N THR B 319 12.95 52.24 18.14
CA THR B 319 11.65 52.72 18.62
C THR B 319 11.20 51.82 19.77
N ILE B 320 10.32 52.33 20.64
CA ILE B 320 9.84 51.55 21.77
C ILE B 320 8.34 51.39 21.72
N VAL B 321 7.86 50.26 22.24
CA VAL B 321 6.44 49.92 22.32
C VAL B 321 6.07 49.78 23.80
N ILE B 322 4.99 50.46 24.19
CA ILE B 322 4.49 50.47 25.56
C ILE B 322 2.99 50.14 25.59
N ARG B 323 2.62 49.12 26.37
CA ARG B 323 1.22 48.74 26.51
C ARG B 323 0.71 49.24 27.85
N VAL B 324 -0.23 50.21 27.83
CA VAL B 324 -0.81 50.79 29.05
C VAL B 324 -2.33 50.62 29.11
N GLN B 325 -2.84 50.33 30.32
CA GLN B 325 -4.27 50.16 30.60
C GLN B 325 -4.78 51.38 31.41
N TYR B 326 -5.98 51.89 31.07
CA TYR B 326 -6.59 53.03 31.77
C TYR B 326 -7.37 52.55 32.98
N GLU B 327 -7.12 53.18 34.13
CA GLU B 327 -7.79 52.82 35.39
C GLU B 327 -8.80 53.88 35.84
N GLY B 328 -8.82 55.02 35.15
CA GLY B 328 -9.71 56.13 35.46
C GLY B 328 -11.08 56.04 34.81
N ASP B 329 -11.72 57.22 34.68
CA ASP B 329 -13.04 57.38 34.09
C ASP B 329 -13.01 58.43 32.97
N GLY B 330 -13.88 58.24 31.98
CA GLY B 330 -14.00 59.17 30.86
C GLY B 330 -14.06 58.59 29.46
N SER B 331 -13.59 57.33 29.29
CA SER B 331 -13.55 56.61 28.01
C SER B 331 -14.87 56.65 27.20
N PRO B 332 -14.86 56.88 25.85
CA PRO B 332 -13.71 57.12 24.95
C PRO B 332 -12.93 58.37 25.33
N CYS B 333 -11.63 58.18 25.57
CA CYS B 333 -10.77 59.25 26.02
C CYS B 333 -9.44 59.32 25.22
N LYS B 334 -8.63 60.38 25.41
CA LYS B 334 -7.38 60.68 24.68
C LYS B 334 -6.18 60.61 25.63
N ILE B 335 -5.19 59.74 25.32
CA ILE B 335 -4.06 59.53 26.20
C ILE B 335 -3.02 60.66 26.15
N PRO B 336 -2.71 61.31 27.30
CA PRO B 336 -1.66 62.34 27.30
C PRO B 336 -0.30 61.62 27.23
N PHE B 337 0.51 61.93 26.21
CA PHE B 337 1.81 61.29 26.01
C PHE B 337 2.91 62.29 25.71
N GLU B 338 4.11 62.07 26.30
CA GLU B 338 5.29 62.92 26.13
C GLU B 338 6.57 62.18 26.48
N ILE B 339 7.63 62.40 25.71
CA ILE B 339 8.96 61.87 25.99
C ILE B 339 9.84 63.10 26.17
N THR B 340 10.25 63.40 27.41
CA THR B 340 11.06 64.58 27.69
C THR B 340 12.41 64.20 28.27
N ASP B 341 13.28 65.20 28.52
CA ASP B 341 14.58 64.99 29.16
C ASP B 341 14.41 64.73 30.66
N LEU B 342 15.50 64.38 31.34
CA LEU B 342 15.51 64.07 32.78
C LEU B 342 15.02 65.24 33.66
N GLU B 343 15.21 66.49 33.20
CA GLU B 343 14.80 67.72 33.89
C GLU B 343 13.39 68.22 33.50
N LYS B 344 12.69 67.48 32.58
CA LYS B 344 11.34 67.79 32.07
C LYS B 344 11.28 69.20 31.43
N ARG B 345 12.35 69.61 30.72
CA ARG B 345 12.48 70.91 30.09
C ARG B 345 11.85 70.93 28.70
N HIS B 346 12.39 70.14 27.76
CA HIS B 346 11.87 70.05 26.40
C HIS B 346 11.44 68.64 26.03
N VAL B 347 10.41 68.56 25.17
CA VAL B 347 9.89 67.31 24.60
C VAL B 347 10.92 66.86 23.56
N LEU B 348 11.29 65.56 23.54
CA LEU B 348 12.34 65.08 22.65
C LEU B 348 11.97 63.93 21.71
N GLY B 349 11.22 62.96 22.19
CA GLY B 349 10.85 61.83 21.35
C GLY B 349 9.75 62.11 20.36
N ARG B 350 9.83 61.47 19.16
CA ARG B 350 8.84 61.52 18.07
C ARG B 350 7.80 60.42 18.33
N LEU B 351 6.50 60.71 18.25
CA LEU B 351 5.47 59.69 18.47
C LEU B 351 5.17 58.99 17.13
N ILE B 352 5.30 57.66 17.09
CA ILE B 352 4.99 56.90 15.87
C ILE B 352 3.50 56.66 15.84
N THR B 353 2.91 56.12 16.92
CA THR B 353 1.46 55.87 17.05
C THR B 353 0.80 57.21 17.40
N VAL B 354 0.60 58.05 16.36
CA VAL B 354 0.03 59.39 16.51
C VAL B 354 -1.40 59.33 17.04
N ASN B 355 -1.74 60.32 17.90
CA ASN B 355 -3.03 60.50 18.58
C ASN B 355 -3.48 59.22 19.35
N PRO B 356 -2.76 58.85 20.45
CA PRO B 356 -3.14 57.64 21.18
C PRO B 356 -4.39 57.89 22.02
N ILE B 357 -5.39 57.02 21.85
CA ILE B 357 -6.68 57.18 22.53
C ILE B 357 -7.08 55.89 23.28
N VAL B 358 -7.99 56.01 24.25
CA VAL B 358 -8.58 54.89 25.01
C VAL B 358 -10.01 54.71 24.49
N THR B 359 -10.37 53.51 24.05
CA THR B 359 -11.72 53.23 23.56
C THR B 359 -12.54 52.71 24.70
N GLU B 360 -12.09 51.61 25.32
CA GLU B 360 -12.66 50.97 26.51
C GLU B 360 -11.58 50.95 27.59
N LYS B 361 -11.94 51.17 28.88
CA LYS B 361 -10.99 51.18 29.99
C LYS B 361 -10.28 49.82 30.14
N ASP B 362 -11.07 48.72 30.02
CA ASP B 362 -10.62 47.32 30.12
C ASP B 362 -9.59 46.93 29.06
N SER B 363 -9.64 47.58 27.88
CA SER B 363 -8.73 47.31 26.77
C SER B 363 -7.46 48.16 26.80
N PRO B 364 -6.28 47.52 26.96
CA PRO B 364 -5.01 48.26 26.93
C PRO B 364 -4.68 48.90 25.57
N VAL B 365 -3.78 49.90 25.57
CA VAL B 365 -3.36 50.61 24.37
C VAL B 365 -1.86 50.48 24.17
N ASN B 366 -1.45 50.09 22.95
CA ASN B 366 -0.07 49.94 22.53
C ASN B 366 0.38 51.23 21.86
N ILE B 367 1.34 51.89 22.49
CA ILE B 367 1.86 53.14 21.95
C ILE B 367 3.30 52.94 21.52
N GLU B 368 3.58 53.23 20.24
CA GLU B 368 4.93 53.14 19.70
C GLU B 368 5.46 54.54 19.46
N ALA B 369 6.68 54.78 19.91
CA ALA B 369 7.34 56.07 19.75
C ALA B 369 8.85 55.89 19.65
N GLU B 370 9.51 56.86 18.98
CA GLU B 370 10.96 56.89 18.80
C GLU B 370 11.59 57.73 19.94
N PRO B 371 12.20 57.09 20.96
CA PRO B 371 12.80 57.87 22.05
C PRO B 371 14.15 58.46 21.65
N PRO B 372 14.60 59.58 22.26
CA PRO B 372 15.89 60.14 21.88
C PRO B 372 17.07 59.34 22.43
N PHE B 373 18.23 59.52 21.80
CA PHE B 373 19.47 58.86 22.19
C PHE B 373 19.91 59.32 23.57
N GLY B 374 20.25 58.34 24.40
CA GLY B 374 20.70 58.58 25.77
C GLY B 374 19.57 58.40 26.77
N ASP B 375 19.50 59.32 27.74
CA ASP B 375 18.52 59.29 28.82
C ASP B 375 17.28 60.12 28.51
N SER B 376 16.11 59.47 28.66
CA SER B 376 14.79 60.05 28.43
C SER B 376 13.78 59.60 29.47
N TYR B 377 12.67 60.34 29.56
CA TYR B 377 11.57 60.07 30.48
C TYR B 377 10.30 59.88 29.66
N ILE B 378 9.67 58.72 29.79
CA ILE B 378 8.40 58.43 29.12
C ILE B 378 7.31 58.86 30.10
N ILE B 379 6.54 59.87 29.71
CA ILE B 379 5.47 60.40 30.53
C ILE B 379 4.14 60.10 29.89
N VAL B 380 3.41 59.18 30.52
CA VAL B 380 2.10 58.78 30.05
C VAL B 380 1.08 59.08 31.13
N GLY B 381 0.10 59.90 30.77
CA GLY B 381 -0.97 60.37 31.63
C GLY B 381 -0.70 61.75 32.18
N VAL B 382 -1.56 62.21 33.11
CA VAL B 382 -1.45 63.52 33.77
C VAL B 382 -1.44 63.35 35.28
N GLU B 383 -1.00 64.40 36.03
CA GLU B 383 -0.93 64.40 37.50
C GLU B 383 -2.33 64.34 38.12
N PRO B 384 -2.56 63.53 39.18
CA PRO B 384 -1.62 62.65 39.89
C PRO B 384 -1.53 61.24 39.28
N GLY B 385 -0.52 60.48 39.72
CA GLY B 385 -0.30 59.11 39.25
C GLY B 385 0.22 59.03 37.83
N GLN B 386 0.94 60.09 37.42
CA GLN B 386 1.56 60.23 36.10
C GLN B 386 2.68 59.20 35.98
N LEU B 387 2.61 58.35 34.95
CA LEU B 387 3.61 57.32 34.74
C LEU B 387 4.92 57.94 34.28
N LYS B 388 5.92 57.87 35.17
CA LYS B 388 7.29 58.36 34.97
C LYS B 388 8.18 57.12 34.75
N LEU B 389 8.62 56.90 33.49
CA LEU B 389 9.42 55.74 33.13
C LEU B 389 10.74 56.17 32.50
N ASN B 390 11.86 55.80 33.14
CA ASN B 390 13.18 56.16 32.63
C ASN B 390 13.58 55.24 31.50
N TRP B 391 14.20 55.80 30.45
CA TRP B 391 14.64 54.97 29.32
C TRP B 391 16.08 55.28 28.91
N LEU B 392 16.75 54.23 28.43
CA LEU B 392 18.15 54.14 27.96
C LEU B 392 18.17 53.86 26.44
N ARG B 393 18.92 54.66 25.67
CA ARG B 393 19.03 54.45 24.24
C ARG B 393 20.46 54.68 23.74
N PRO B 394 21.31 53.62 23.68
CA PRO B 394 22.71 53.82 23.23
C PRO B 394 22.86 54.20 21.76
N VAL C 2 -17.83 28.74 15.68
CA VAL C 2 -16.59 27.95 15.68
C VAL C 2 -16.89 26.45 15.79
N GLN C 3 -16.51 25.66 14.76
CA GLN C 3 -16.75 24.21 14.73
C GLN C 3 -15.59 23.45 14.08
N LEU C 4 -15.44 22.19 14.49
CA LEU C 4 -14.49 21.21 13.98
C LEU C 4 -15.30 19.94 13.72
N VAL C 5 -15.28 19.43 12.48
CA VAL C 5 -16.04 18.24 12.11
C VAL C 5 -15.12 17.15 11.54
N GLU C 6 -14.95 16.03 12.25
CA GLU C 6 -14.11 14.93 11.80
C GLU C 6 -14.90 13.98 10.92
N SER C 7 -14.17 13.27 10.03
CA SER C 7 -14.69 12.27 9.11
C SER C 7 -13.61 11.22 8.85
N GLY C 8 -14.02 10.08 8.30
CA GLY C 8 -13.11 9.01 7.90
C GLY C 8 -12.98 7.84 8.86
N GLY C 9 -13.68 7.90 9.98
CA GLY C 9 -13.67 6.85 10.98
C GLY C 9 -14.59 5.70 10.62
N GLY C 10 -14.20 4.50 11.01
CA GLY C 10 -14.95 3.29 10.76
C GLY C 10 -14.16 2.04 11.03
N LEU C 11 -14.62 0.90 10.48
CA LEU C 11 -13.97 -0.40 10.65
C LEU C 11 -12.77 -0.55 9.74
N VAL C 12 -11.65 -0.97 10.33
CA VAL C 12 -10.40 -1.18 9.62
C VAL C 12 -9.79 -2.49 10.09
N ARG C 13 -9.24 -3.25 9.14
CA ARG C 13 -8.64 -4.55 9.42
C ARG C 13 -7.26 -4.37 10.08
N PRO C 14 -6.79 -5.32 10.92
CA PRO C 14 -5.46 -5.17 11.54
C PRO C 14 -4.38 -5.11 10.45
N GLY C 15 -3.44 -4.19 10.63
CA GLY C 15 -2.39 -3.91 9.66
C GLY C 15 -2.84 -2.95 8.58
N GLY C 16 -4.14 -2.63 8.55
CA GLY C 16 -4.75 -1.73 7.58
C GLY C 16 -4.44 -0.26 7.79
N SER C 17 -4.88 0.54 6.82
CA SER C 17 -4.70 1.99 6.78
C SER C 17 -6.02 2.77 6.73
N LEU C 18 -6.00 4.02 7.21
CA LEU C 18 -7.18 4.88 7.24
C LEU C 18 -6.74 6.32 7.19
N ARG C 19 -7.54 7.20 6.57
CA ARG C 19 -7.23 8.64 6.57
C ARG C 19 -8.38 9.39 7.21
N LEU C 20 -8.12 10.02 8.38
CA LEU C 20 -9.11 10.84 9.07
C LEU C 20 -9.02 12.25 8.51
N SER C 21 -10.17 12.96 8.46
CA SER C 21 -10.26 14.29 7.86
C SER C 21 -11.17 15.22 8.66
N CYS C 22 -10.65 16.39 9.05
CA CYS C 22 -11.37 17.34 9.89
C CYS C 22 -11.60 18.66 9.16
N ALA C 23 -12.86 19.14 9.16
CA ALA C 23 -13.26 20.41 8.54
C ALA C 23 -13.45 21.48 9.60
N ALA C 24 -12.72 22.58 9.45
CA ALA C 24 -12.74 23.67 10.40
C ALA C 24 -13.48 24.86 9.85
N SER C 25 -14.19 25.59 10.72
CA SER C 25 -14.92 26.80 10.34
C SER C 25 -15.17 27.72 11.50
N GLY C 26 -15.33 29.00 11.19
CA GLY C 26 -15.60 30.03 12.19
C GLY C 26 -14.41 30.70 12.84
N PHE C 27 -13.18 30.41 12.35
CA PHE C 27 -11.93 30.99 12.87
C PHE C 27 -10.84 31.02 11.77
N SER C 28 -9.75 31.81 11.97
CA SER C 28 -8.66 31.88 11.00
C SER C 28 -7.80 30.63 11.16
N TYR C 29 -8.24 29.56 10.49
CA TYR C 29 -7.65 28.23 10.51
C TYR C 29 -6.15 28.22 10.24
N SER C 30 -5.72 28.91 9.17
CA SER C 30 -4.33 28.97 8.72
C SER C 30 -3.35 29.46 9.78
N ASN C 31 -3.81 30.24 10.78
CA ASN C 31 -2.97 30.79 11.85
C ASN C 31 -2.96 29.98 13.15
N HIS C 32 -3.64 28.83 13.18
CA HIS C 32 -3.74 28.00 14.38
C HIS C 32 -3.04 26.66 14.30
N TRP C 33 -2.47 26.22 15.45
CA TRP C 33 -1.92 24.89 15.60
C TRP C 33 -3.14 23.95 15.72
N MET C 34 -3.03 22.74 15.18
CA MET C 34 -4.11 21.78 15.25
C MET C 34 -3.56 20.49 15.81
N HIS C 35 -4.35 19.80 16.63
CA HIS C 35 -3.95 18.57 17.29
C HIS C 35 -4.93 17.44 17.06
N TRP C 36 -4.45 16.19 17.22
CA TRP C 36 -5.27 14.99 17.21
C TRP C 36 -5.14 14.37 18.58
N VAL C 37 -6.26 14.06 19.21
CA VAL C 37 -6.31 13.44 20.53
C VAL C 37 -7.21 12.21 20.34
N ARG C 38 -6.92 11.11 21.03
CA ARG C 38 -7.78 9.94 20.91
C ARG C 38 -8.25 9.45 22.26
N GLN C 39 -9.28 8.60 22.26
CA GLN C 39 -9.81 8.06 23.48
C GLN C 39 -10.37 6.69 23.23
N ALA C 40 -9.73 5.67 23.83
CA ALA C 40 -10.19 4.30 23.72
C ALA C 40 -11.55 4.18 24.45
N PRO C 41 -12.50 3.33 23.98
CA PRO C 41 -13.82 3.25 24.64
C PRO C 41 -13.78 3.07 26.18
N GLY C 42 -14.39 4.03 26.88
CA GLY C 42 -14.47 4.07 28.33
C GLY C 42 -13.16 4.40 29.05
N LYS C 43 -12.10 4.72 28.28
CA LYS C 43 -10.76 5.01 28.80
C LYS C 43 -10.42 6.53 28.76
N GLY C 44 -9.17 6.87 29.05
CA GLY C 44 -8.70 8.24 29.11
C GLY C 44 -8.27 8.87 27.81
N LEU C 45 -8.12 10.21 27.82
CA LEU C 45 -7.68 10.99 26.67
C LEU C 45 -6.20 10.74 26.47
N VAL C 46 -5.79 10.57 25.20
CA VAL C 46 -4.41 10.28 24.81
C VAL C 46 -3.99 11.23 23.70
N TRP C 47 -2.97 12.07 23.95
CA TRP C 47 -2.48 12.99 22.92
C TRP C 47 -1.77 12.21 21.81
N VAL C 48 -2.10 12.50 20.54
CA VAL C 48 -1.56 11.80 19.38
C VAL C 48 -0.56 12.62 18.56
N SER C 49 -0.96 13.82 18.12
CA SER C 49 -0.13 14.63 17.22
C SER C 49 -0.51 16.10 17.20
N ARG C 50 0.38 16.95 16.65
CA ARG C 50 0.12 18.37 16.42
C ARG C 50 0.85 18.85 15.18
N ILE C 51 0.33 19.92 14.57
CA ILE C 51 0.90 20.55 13.38
C ILE C 51 0.80 22.06 13.47
N ASN C 52 1.87 22.77 13.04
CA ASN C 52 1.86 24.23 13.03
C ASN C 52 1.16 24.77 11.77
N SER C 53 1.09 26.11 11.64
CA SER C 53 0.44 26.77 10.52
C SER C 53 0.95 26.32 9.14
N ASP C 54 2.28 26.30 8.99
CA ASP C 54 3.07 25.95 7.80
C ASP C 54 3.03 24.47 7.46
N GLY C 55 3.08 23.61 8.47
CA GLY C 55 3.22 22.17 8.33
C GLY C 55 4.69 21.82 8.45
N SER C 56 5.55 22.84 8.73
CA SER C 56 7.00 22.71 8.92
C SER C 56 7.33 21.96 10.22
N THR C 57 6.39 21.97 11.19
CA THR C 57 6.49 21.26 12.48
C THR C 57 5.31 20.33 12.66
N ARG C 58 5.63 19.03 12.77
CA ARG C 58 4.67 17.94 12.99
C ARG C 58 5.26 17.07 14.11
N ASN C 59 4.56 16.99 15.24
CA ASN C 59 5.03 16.21 16.39
C ASN C 59 4.10 15.08 16.68
N TYR C 60 4.65 13.98 17.19
CA TYR C 60 3.88 12.77 17.45
C TYR C 60 4.19 12.15 18.79
N ALA C 61 3.18 11.44 19.34
CA ALA C 61 3.32 10.69 20.59
C ALA C 61 4.22 9.48 20.34
N ASP C 62 4.89 8.97 21.38
CA ASP C 62 5.81 7.84 21.27
C ASP C 62 5.18 6.53 20.75
N PHE C 63 3.89 6.29 21.01
CA PHE C 63 3.24 5.05 20.52
C PHE C 63 3.07 5.03 18.99
N VAL C 64 3.07 6.22 18.36
CA VAL C 64 2.99 6.30 16.92
C VAL C 64 4.45 6.38 16.49
N LYS C 65 5.06 5.20 16.34
CA LYS C 65 6.47 5.03 15.96
C LYS C 65 6.84 5.69 14.58
N GLY C 66 5.84 6.24 13.89
CA GLY C 66 5.97 6.88 12.59
C GLY C 66 4.90 6.35 11.66
N ARG C 67 3.92 5.66 12.25
CA ARG C 67 2.80 5.03 11.56
C ARG C 67 1.75 6.03 11.10
N PHE C 68 1.64 7.19 11.77
CA PHE C 68 0.65 8.20 11.42
C PHE C 68 1.33 9.45 10.90
N THR C 69 0.69 10.13 9.94
CA THR C 69 1.19 11.37 9.38
C THR C 69 0.12 12.43 9.46
N ILE C 70 0.41 13.53 10.14
CA ILE C 70 -0.51 14.65 10.26
C ILE C 70 -0.24 15.59 9.07
N SER C 71 -1.29 16.21 8.52
CA SER C 71 -1.17 17.16 7.41
C SER C 71 -2.34 18.11 7.42
N ARG C 72 -2.24 19.18 6.66
CA ARG C 72 -3.30 20.18 6.62
C ARG C 72 -3.35 20.85 5.27
N ASP C 73 -4.52 21.40 4.94
CA ASP C 73 -4.73 22.17 3.72
C ASP C 73 -5.42 23.44 4.19
N ASN C 74 -4.63 24.51 4.35
CA ASN C 74 -5.13 25.76 4.89
C ASN C 74 -6.26 26.39 4.10
N ALA C 75 -6.12 26.47 2.75
CA ALA C 75 -7.13 27.06 1.87
C ALA C 75 -8.46 26.29 1.96
N GLU C 76 -8.39 24.98 2.20
CA GLU C 76 -9.56 24.11 2.33
C GLU C 76 -10.05 23.98 3.76
N ASN C 77 -9.37 24.62 4.74
CA ASN C 77 -9.71 24.55 6.17
C ASN C 77 -9.82 23.08 6.61
N THR C 78 -8.84 22.25 6.20
CA THR C 78 -8.86 20.83 6.49
C THR C 78 -7.61 20.35 7.21
N LEU C 79 -7.80 19.41 8.12
CA LEU C 79 -6.76 18.73 8.87
C LEU C 79 -6.88 17.25 8.53
N TYR C 80 -5.75 16.54 8.40
CA TYR C 80 -5.78 15.11 8.11
C TYR C 80 -4.92 14.32 9.06
N LEU C 81 -5.22 13.03 9.19
CA LEU C 81 -4.41 12.08 9.92
C LEU C 81 -4.36 10.80 9.11
N GLU C 82 -3.24 10.57 8.43
CA GLU C 82 -3.03 9.37 7.63
C GLU C 82 -2.50 8.32 8.59
N MET C 83 -3.17 7.17 8.70
CA MET C 83 -2.79 6.12 9.64
C MET C 83 -2.52 4.82 8.91
N ASN C 84 -1.37 4.19 9.18
CA ASN C 84 -0.97 2.90 8.61
C ASN C 84 -0.67 1.95 9.76
N SER C 85 -0.51 0.65 9.45
CA SER C 85 -0.14 -0.42 10.39
C SER C 85 -0.96 -0.37 11.70
N LEU C 86 -2.28 -0.23 11.56
CA LEU C 86 -3.18 -0.12 12.69
C LEU C 86 -3.35 -1.45 13.45
N THR C 87 -3.42 -1.40 14.81
CA THR C 87 -3.61 -2.57 15.67
C THR C 87 -4.76 -2.30 16.63
N ALA C 88 -5.24 -3.32 17.35
CA ALA C 88 -6.33 -3.20 18.32
C ALA C 88 -6.06 -2.12 19.36
N ASP C 89 -4.77 -1.84 19.67
CA ASP C 89 -4.49 -0.78 20.63
C ASP C 89 -4.76 0.63 20.06
N ASP C 90 -5.04 0.74 18.75
CA ASP C 90 -5.39 2.01 18.10
C ASP C 90 -6.91 2.25 18.01
N THR C 91 -7.74 1.27 18.46
CA THR C 91 -9.21 1.41 18.46
C THR C 91 -9.55 2.55 19.43
N ALA C 92 -10.23 3.61 18.94
CA ALA C 92 -10.57 4.81 19.74
C ALA C 92 -11.42 5.81 18.96
N VAL C 93 -11.91 6.83 19.68
CA VAL C 93 -12.57 7.99 19.10
C VAL C 93 -11.40 8.95 18.89
N TYR C 94 -11.30 9.55 17.71
CA TYR C 94 -10.23 10.49 17.37
C TYR C 94 -10.82 11.88 17.23
N TYR C 95 -10.34 12.79 18.08
CA TYR C 95 -10.77 14.18 18.15
C TYR C 95 -9.81 15.11 17.46
N CYS C 96 -10.39 16.05 16.69
CA CYS C 96 -9.74 17.15 16.00
C CYS C 96 -9.79 18.29 16.99
N VAL C 97 -8.64 18.89 17.30
CA VAL C 97 -8.56 19.90 18.34
C VAL C 97 -7.77 21.14 17.93
N ARG C 98 -8.27 22.32 18.30
CA ARG C 98 -7.60 23.59 18.01
C ARG C 98 -6.85 24.10 19.25
N ASP C 99 -5.64 24.66 19.06
CA ASP C 99 -4.92 25.31 20.15
C ASP C 99 -5.24 26.79 20.02
N GLY C 100 -6.33 27.20 20.64
CA GLY C 100 -6.78 28.58 20.58
C GLY C 100 -5.92 29.55 21.37
N VAL C 101 -5.25 29.08 22.45
CA VAL C 101 -4.47 29.99 23.28
C VAL C 101 -3.13 30.36 22.64
N ARG C 102 -2.45 29.45 21.91
CA ARG C 102 -1.19 29.79 21.25
C ARG C 102 -1.38 30.96 20.27
N PHE C 103 -2.55 31.01 19.61
CA PHE C 103 -2.90 32.08 18.70
C PHE C 103 -2.79 33.47 19.34
N TYR C 104 -3.06 33.54 20.65
CA TYR C 104 -3.02 34.79 21.43
C TYR C 104 -1.61 35.32 21.62
N TYR C 105 -0.60 34.43 21.55
CA TYR C 105 0.84 34.74 21.71
C TYR C 105 1.58 34.83 20.38
N ASP C 106 1.38 33.82 19.51
CA ASP C 106 1.96 33.80 18.18
C ASP C 106 0.80 33.75 17.22
N SER C 107 0.40 34.91 16.68
CA SER C 107 -0.71 35.02 15.74
C SER C 107 -0.41 34.38 14.37
N THR C 108 0.87 34.00 14.11
CA THR C 108 1.24 33.34 12.85
C THR C 108 0.99 31.84 12.95
N GLY C 109 1.11 31.28 14.16
CA GLY C 109 0.99 29.85 14.42
C GLY C 109 2.16 29.06 13.85
N TYR C 110 3.28 29.74 13.56
CA TYR C 110 4.43 29.09 12.96
C TYR C 110 5.47 28.60 13.92
N TYR C 111 5.95 29.50 14.79
CA TYR C 111 7.10 29.26 15.64
C TYR C 111 6.95 28.09 16.62
N PRO C 112 7.88 27.10 16.50
CA PRO C 112 7.82 25.91 17.36
C PRO C 112 8.68 26.05 18.61
N ASP C 113 8.41 27.09 19.41
CA ASP C 113 9.15 27.33 20.63
C ASP C 113 8.93 26.19 21.61
N SER C 114 10.00 25.81 22.32
CA SER C 114 9.98 24.75 23.31
C SER C 114 9.01 25.09 24.44
N PHE C 115 8.12 24.14 24.78
CA PHE C 115 7.18 24.27 25.90
C PHE C 115 6.35 25.57 25.86
N PHE C 116 5.78 25.92 24.72
CA PHE C 116 5.03 27.18 24.67
C PHE C 116 3.63 27.09 25.30
N LYS C 117 3.09 28.26 25.72
CA LYS C 117 1.76 28.39 26.31
C LYS C 117 0.71 27.93 25.29
N TYR C 118 -0.11 26.96 25.67
CA TYR C 118 -1.11 26.33 24.80
C TYR C 118 -2.42 26.07 25.58
N GLY C 119 -3.48 25.73 24.84
CA GLY C 119 -4.78 25.38 25.40
C GLY C 119 -5.69 24.87 24.33
N MET C 120 -6.12 23.61 24.46
CA MET C 120 -6.99 22.94 23.49
C MET C 120 -8.43 23.33 23.80
N ASP C 121 -8.85 24.49 23.23
CA ASP C 121 -10.14 25.09 23.52
C ASP C 121 -11.30 24.67 22.64
N VAL C 122 -11.06 24.21 21.40
CA VAL C 122 -12.13 23.78 20.49
C VAL C 122 -11.91 22.33 20.11
N TRP C 123 -12.93 21.50 20.36
CA TRP C 123 -12.90 20.07 20.09
C TRP C 123 -14.02 19.70 19.15
N GLY C 124 -13.75 18.77 18.25
CA GLY C 124 -14.81 18.21 17.42
C GLY C 124 -15.55 17.16 18.23
N GLN C 125 -16.60 16.59 17.64
CA GLN C 125 -17.41 15.52 18.26
C GLN C 125 -16.63 14.18 18.34
N GLY C 126 -15.62 14.03 17.48
CA GLY C 126 -14.77 12.85 17.39
C GLY C 126 -15.28 11.82 16.39
N THR C 127 -14.35 11.11 15.75
CA THR C 127 -14.70 10.05 14.79
C THR C 127 -14.21 8.71 15.33
N THR C 128 -15.07 7.68 15.26
CA THR C 128 -14.79 6.35 15.78
C THR C 128 -13.96 5.46 14.87
N VAL C 129 -12.82 4.97 15.36
CA VAL C 129 -11.96 4.05 14.61
C VAL C 129 -12.00 2.71 15.33
N THR C 130 -12.39 1.63 14.62
CA THR C 130 -12.45 0.29 15.18
C THR C 130 -11.51 -0.60 14.39
N VAL C 131 -10.39 -1.00 15.00
CA VAL C 131 -9.45 -1.89 14.34
C VAL C 131 -9.77 -3.31 14.77
N SER C 132 -10.36 -4.09 13.84
CA SER C 132 -10.83 -5.46 14.08
C SER C 132 -10.61 -6.44 12.93
N SER C 133 -10.20 -7.67 13.27
CA SER C 133 -9.93 -8.77 12.33
C SER C 133 -11.20 -9.41 11.73
N ALA C 134 -11.96 -10.16 12.56
CA ALA C 134 -13.20 -10.84 12.16
C ALA C 134 -14.30 -9.84 11.82
N SER C 135 -15.19 -10.24 10.90
CA SER C 135 -16.30 -9.43 10.40
C SER C 135 -17.57 -9.75 11.21
N THR C 136 -17.85 -11.05 11.44
CA THR C 136 -18.97 -11.57 12.22
C THR C 136 -18.61 -12.91 12.80
N LYS C 137 -18.81 -13.10 14.11
CA LYS C 137 -18.46 -14.33 14.83
C LYS C 137 -19.33 -14.48 16.08
N GLY C 138 -19.97 -15.64 16.22
CA GLY C 138 -20.83 -15.96 17.36
C GLY C 138 -20.01 -16.28 18.60
N PRO C 139 -20.55 -16.07 19.81
CA PRO C 139 -19.76 -16.28 21.03
C PRO C 139 -19.67 -17.74 21.48
N SER C 140 -18.71 -18.01 22.35
CA SER C 140 -18.56 -19.27 23.06
C SER C 140 -19.06 -18.93 24.47
N VAL C 141 -19.94 -19.75 25.04
CA VAL C 141 -20.48 -19.46 26.37
C VAL C 141 -19.97 -20.48 27.38
N PHE C 142 -19.44 -19.98 28.50
CA PHE C 142 -18.91 -20.84 29.56
C PHE C 142 -19.60 -20.52 30.87
N PRO C 143 -19.88 -21.54 31.72
CA PRO C 143 -20.56 -21.24 32.99
C PRO C 143 -19.61 -20.67 34.01
N LEU C 144 -20.12 -19.78 34.85
CA LEU C 144 -19.40 -19.24 36.00
C LEU C 144 -20.10 -19.82 37.23
N ALA C 145 -19.62 -20.99 37.65
CA ALA C 145 -20.20 -21.78 38.71
C ALA C 145 -20.15 -21.12 40.09
N PRO C 146 -21.26 -21.17 40.86
CA PRO C 146 -21.22 -20.57 42.22
C PRO C 146 -20.37 -21.43 43.16
N SER C 147 -19.57 -20.76 44.01
CA SER C 147 -18.67 -21.36 44.99
C SER C 147 -19.14 -21.08 46.41
N THR C 155 -26.12 -15.62 50.40
CA THR C 155 -26.36 -15.56 48.96
C THR C 155 -25.11 -16.00 48.21
N ALA C 156 -25.26 -16.25 46.91
CA ALA C 156 -24.13 -16.68 46.07
C ALA C 156 -24.25 -16.12 44.66
N ALA C 157 -23.11 -15.76 44.05
CA ALA C 157 -23.08 -15.24 42.70
C ALA C 157 -22.76 -16.36 41.71
N LEU C 158 -23.46 -16.38 40.57
CA LEU C 158 -23.20 -17.34 39.51
C LEU C 158 -23.38 -16.58 38.21
N GLY C 159 -22.85 -17.09 37.11
CA GLY C 159 -22.97 -16.39 35.85
C GLY C 159 -22.59 -17.15 34.61
N CYS C 160 -22.48 -16.41 33.50
CA CYS C 160 -22.05 -16.97 32.24
C CYS C 160 -21.04 -16.03 31.63
N LEU C 161 -19.95 -16.59 31.13
CA LEU C 161 -18.91 -15.83 30.44
C LEU C 161 -19.18 -15.98 28.94
N VAL C 162 -19.35 -14.86 28.23
CA VAL C 162 -19.60 -14.90 26.79
C VAL C 162 -18.34 -14.41 26.07
N LYS C 163 -17.55 -15.36 25.55
CA LYS C 163 -16.25 -15.03 24.96
C LYS C 163 -16.23 -14.90 23.45
N ASP C 164 -15.37 -14.01 23.00
CA ASP C 164 -14.90 -13.87 21.62
C ASP C 164 -15.97 -13.79 20.55
N TYR C 165 -16.74 -12.71 20.56
CA TYR C 165 -17.76 -12.49 19.53
C TYR C 165 -17.51 -11.16 18.84
N PHE C 166 -18.16 -10.97 17.69
CA PHE C 166 -18.07 -9.74 16.92
C PHE C 166 -19.20 -9.66 15.91
N PRO C 167 -19.83 -8.49 15.70
CA PRO C 167 -19.62 -7.23 16.43
C PRO C 167 -20.53 -7.21 17.68
N GLU C 168 -20.66 -6.04 18.32
CA GLU C 168 -21.64 -5.90 19.39
C GLU C 168 -23.03 -5.76 18.74
N PRO C 169 -24.13 -6.08 19.46
CA PRO C 169 -24.20 -6.48 20.86
C PRO C 169 -24.60 -7.92 21.09
N VAL C 170 -24.48 -8.36 22.33
CA VAL C 170 -24.99 -9.62 22.82
C VAL C 170 -26.03 -9.26 23.87
N THR C 171 -27.14 -10.01 23.91
CA THR C 171 -28.15 -9.85 24.97
C THR C 171 -28.25 -11.16 25.75
N VAL C 172 -28.40 -11.04 27.07
CA VAL C 172 -28.50 -12.20 27.94
C VAL C 172 -29.75 -12.09 28.79
N SER C 173 -30.48 -13.19 28.91
CA SER C 173 -31.60 -13.34 29.84
C SER C 173 -31.31 -14.59 30.67
N TRP C 174 -32.05 -14.77 31.75
CA TRP C 174 -31.87 -15.93 32.61
C TRP C 174 -33.19 -16.63 32.74
N ASN C 175 -33.19 -17.97 32.66
CA ASN C 175 -34.39 -18.78 32.76
C ASN C 175 -35.50 -18.27 31.84
N SER C 176 -35.11 -17.89 30.60
CA SER C 176 -36.00 -17.35 29.58
C SER C 176 -36.75 -16.08 30.02
N GLY C 177 -36.14 -15.33 30.93
CA GLY C 177 -36.75 -14.08 31.39
C GLY C 177 -37.55 -14.18 32.68
N ALA C 178 -37.71 -15.39 33.21
CA ALA C 178 -38.41 -15.59 34.48
C ALA C 178 -37.57 -15.01 35.64
N LEU C 179 -36.24 -15.07 35.49
CA LEU C 179 -35.32 -14.58 36.50
C LEU C 179 -34.76 -13.23 36.09
N THR C 180 -35.11 -12.18 36.84
CA THR C 180 -34.65 -10.82 36.57
C THR C 180 -34.05 -10.20 37.81
N SER C 181 -34.58 -10.56 38.98
CA SER C 181 -34.10 -10.03 40.23
C SER C 181 -32.65 -10.45 40.48
N GLY C 182 -31.78 -9.45 40.65
CA GLY C 182 -30.38 -9.67 40.94
C GLY C 182 -29.50 -9.91 39.73
N VAL C 183 -30.08 -9.83 38.54
CA VAL C 183 -29.32 -10.02 37.30
C VAL C 183 -28.58 -8.75 36.89
N HIS C 184 -27.30 -8.89 36.53
CA HIS C 184 -26.53 -7.80 35.98
C HIS C 184 -25.68 -8.29 34.83
N THR C 185 -25.89 -7.71 33.64
CA THR C 185 -25.09 -8.04 32.48
C THR C 185 -24.13 -6.88 32.25
N PHE C 186 -22.84 -7.17 32.32
CA PHE C 186 -21.79 -6.17 32.22
C PHE C 186 -21.58 -5.67 30.81
N PRO C 187 -20.98 -4.48 30.67
CA PRO C 187 -20.60 -4.03 29.32
C PRO C 187 -19.46 -4.94 28.82
N ALA C 188 -19.27 -4.98 27.50
CA ALA C 188 -18.23 -5.80 26.89
C ALA C 188 -16.89 -5.12 26.92
N VAL C 189 -15.84 -5.95 26.92
CA VAL C 189 -14.45 -5.51 26.77
C VAL C 189 -14.01 -5.95 25.37
N LEU C 190 -13.16 -5.17 24.72
CA LEU C 190 -12.61 -5.52 23.42
C LEU C 190 -11.20 -6.01 23.71
N GLN C 191 -10.91 -7.23 23.31
CA GLN C 191 -9.62 -7.82 23.58
C GLN C 191 -8.63 -7.49 22.48
N SER C 192 -7.34 -7.78 22.74
CA SER C 192 -6.25 -7.54 21.80
C SER C 192 -6.47 -8.32 20.51
N SER C 193 -7.26 -9.40 20.58
CA SER C 193 -7.63 -10.25 19.45
C SER C 193 -8.60 -9.54 18.48
N GLY C 194 -9.20 -8.44 18.93
CA GLY C 194 -10.19 -7.69 18.17
C GLY C 194 -11.60 -8.23 18.32
N LEU C 195 -11.79 -9.09 19.33
CA LEU C 195 -13.07 -9.72 19.64
C LEU C 195 -13.54 -9.27 21.02
N TYR C 196 -14.86 -9.21 21.20
CA TYR C 196 -15.46 -8.82 22.46
C TYR C 196 -15.73 -10.02 23.37
N SER C 197 -15.82 -9.74 24.66
CA SER C 197 -16.27 -10.69 25.67
C SER C 197 -17.05 -9.91 26.74
N LEU C 198 -18.08 -10.52 27.31
CA LEU C 198 -18.78 -9.94 28.44
C LEU C 198 -19.17 -11.06 29.41
N SER C 199 -19.72 -10.67 30.56
CA SER C 199 -20.25 -11.58 31.56
C SER C 199 -21.63 -11.13 31.95
N SER C 200 -22.44 -12.09 32.39
CA SER C 200 -23.74 -11.82 32.99
C SER C 200 -23.77 -12.57 34.30
N VAL C 201 -24.21 -11.88 35.36
CA VAL C 201 -24.22 -12.47 36.69
C VAL C 201 -25.58 -12.34 37.35
N VAL C 202 -25.87 -13.25 38.26
CA VAL C 202 -27.03 -13.17 39.11
C VAL C 202 -26.63 -13.62 40.52
N THR C 203 -27.16 -12.91 41.52
CA THR C 203 -26.98 -13.23 42.91
C THR C 203 -28.27 -13.89 43.38
N VAL C 204 -28.15 -15.08 43.93
CA VAL C 204 -29.30 -15.86 44.37
C VAL C 204 -29.13 -16.37 45.80
N PRO C 205 -30.23 -16.72 46.51
CA PRO C 205 -30.07 -17.27 47.86
C PRO C 205 -29.23 -18.53 47.82
N SER C 206 -28.24 -18.63 48.71
CA SER C 206 -27.37 -19.78 48.75
C SER C 206 -28.13 -21.08 48.97
N SER C 207 -29.32 -20.99 49.60
CA SER C 207 -30.15 -22.14 49.88
C SER C 207 -30.80 -22.70 48.63
N SER C 208 -30.91 -21.88 47.57
CA SER C 208 -31.54 -22.28 46.32
C SER C 208 -30.67 -23.12 45.41
N LEU C 209 -29.34 -22.93 45.52
CA LEU C 209 -28.35 -23.57 44.66
C LEU C 209 -28.55 -25.05 44.43
N GLY C 210 -29.09 -25.73 45.44
CA GLY C 210 -29.33 -27.16 45.34
C GLY C 210 -30.55 -27.51 44.53
N THR C 211 -31.64 -26.74 44.73
CA THR C 211 -32.94 -27.01 44.12
C THR C 211 -33.16 -26.34 42.77
N GLN C 212 -33.03 -25.00 42.73
CA GLN C 212 -33.35 -24.21 41.56
C GLN C 212 -32.36 -24.34 40.43
N THR C 213 -32.88 -24.47 39.20
CA THR C 213 -32.01 -24.54 38.02
C THR C 213 -31.82 -23.13 37.46
N TYR C 214 -30.61 -22.84 36.99
CA TYR C 214 -30.29 -21.55 36.42
C TYR C 214 -29.71 -21.73 35.04
N ILE C 215 -30.34 -21.12 34.06
CA ILE C 215 -29.92 -21.17 32.67
C ILE C 215 -29.77 -19.79 32.08
N CYS C 216 -28.62 -19.49 31.49
CA CYS C 216 -28.45 -18.21 30.79
C CYS C 216 -28.74 -18.42 29.30
N ASN C 217 -29.51 -17.51 28.70
CA ASN C 217 -29.87 -17.54 27.29
C ASN C 217 -29.13 -16.38 26.63
N VAL C 218 -28.14 -16.71 25.82
CA VAL C 218 -27.28 -15.74 25.14
C VAL C 218 -27.71 -15.60 23.71
N ASN C 219 -28.03 -14.37 23.31
CA ASN C 219 -28.45 -14.04 21.96
C ASN C 219 -27.44 -13.11 21.29
N HIS C 220 -26.97 -13.49 20.10
CA HIS C 220 -26.07 -12.64 19.34
C HIS C 220 -26.68 -12.50 17.95
N LYS C 221 -27.61 -11.54 17.81
CA LYS C 221 -28.32 -11.29 16.55
C LYS C 221 -27.40 -11.19 15.33
N PRO C 222 -26.26 -10.43 15.38
CA PRO C 222 -25.42 -10.34 14.18
C PRO C 222 -24.97 -11.66 13.55
N SER C 223 -24.70 -12.70 14.35
CA SER C 223 -24.27 -13.99 13.83
C SER C 223 -25.42 -14.99 13.75
N ASN C 224 -26.64 -14.54 14.12
CA ASN C 224 -27.83 -15.38 14.18
C ASN C 224 -27.59 -16.60 15.06
N THR C 225 -26.89 -16.43 16.19
CA THR C 225 -26.63 -17.55 17.10
C THR C 225 -27.30 -17.32 18.45
N LYS C 226 -27.77 -18.41 19.07
CA LYS C 226 -28.41 -18.40 20.38
C LYS C 226 -27.90 -19.61 21.16
N VAL C 227 -27.40 -19.37 22.37
CA VAL C 227 -26.84 -20.41 23.23
C VAL C 227 -27.51 -20.41 24.60
N ASP C 228 -27.93 -21.58 25.07
CA ASP C 228 -28.48 -21.74 26.41
C ASP C 228 -27.49 -22.54 27.23
N LYS C 229 -27.09 -22.02 28.38
CA LYS C 229 -26.12 -22.70 29.21
C LYS C 229 -26.65 -22.89 30.62
N ARG C 230 -26.71 -24.14 31.08
CA ARG C 230 -27.12 -24.44 32.46
C ARG C 230 -25.93 -24.24 33.37
N VAL C 231 -26.11 -23.48 34.46
CA VAL C 231 -25.01 -23.18 35.37
C VAL C 231 -25.25 -23.89 36.69
N GLU C 232 -24.40 -24.85 37.03
CA GLU C 232 -24.58 -25.59 38.28
C GLU C 232 -23.36 -25.53 39.19
N PRO C 233 -23.56 -25.76 40.50
CA PRO C 233 -22.41 -25.71 41.43
C PRO C 233 -21.32 -26.72 41.08
N VAL D 2 9.79 -35.52 -10.30
CA VAL D 2 9.13 -34.26 -10.68
C VAL D 2 7.94 -33.96 -9.76
N GLN D 3 7.99 -32.84 -9.02
CA GLN D 3 6.93 -32.43 -8.09
C GLN D 3 6.72 -30.93 -8.08
N LEU D 4 5.48 -30.53 -7.74
CA LEU D 4 5.01 -29.14 -7.56
C LEU D 4 4.26 -29.14 -6.24
N VAL D 5 4.67 -28.28 -5.29
CA VAL D 5 4.03 -28.20 -3.98
C VAL D 5 3.55 -26.77 -3.66
N GLU D 6 2.22 -26.58 -3.60
CA GLU D 6 1.62 -25.27 -3.31
C GLU D 6 1.50 -25.04 -1.81
N SER D 7 1.48 -23.75 -1.41
CA SER D 7 1.34 -23.29 -0.04
C SER D 7 0.66 -21.93 -0.04
N GLY D 8 0.15 -21.51 1.13
CA GLY D 8 -0.46 -20.19 1.30
C GLY D 8 -1.98 -20.12 1.28
N GLY D 9 -2.63 -21.25 1.07
CA GLY D 9 -4.09 -21.31 1.04
C GLY D 9 -4.71 -21.37 2.42
N GLY D 10 -5.92 -20.80 2.56
CA GLY D 10 -6.66 -20.76 3.81
C GLY D 10 -7.87 -19.83 3.78
N LEU D 11 -8.41 -19.47 4.97
CA LEU D 11 -9.55 -18.56 5.10
C LEU D 11 -9.13 -17.11 4.93
N VAL D 12 -9.85 -16.40 4.07
CA VAL D 12 -9.60 -15.00 3.77
C VAL D 12 -10.93 -14.25 3.76
N ARG D 13 -10.93 -13.05 4.34
CA ARG D 13 -12.12 -12.21 4.43
C ARG D 13 -12.41 -11.57 3.06
N PRO D 14 -13.68 -11.25 2.72
CA PRO D 14 -13.97 -10.59 1.44
C PRO D 14 -13.27 -9.24 1.36
N GLY D 15 -12.68 -8.98 0.21
CA GLY D 15 -11.88 -7.79 -0.03
C GLY D 15 -10.43 -7.97 0.39
N GLY D 16 -10.15 -9.08 1.09
CA GLY D 16 -8.83 -9.42 1.60
C GLY D 16 -7.83 -9.88 0.55
N SER D 17 -6.58 -10.04 0.99
CA SER D 17 -5.44 -10.46 0.16
C SER D 17 -4.77 -11.75 0.63
N LEU D 18 -4.11 -12.46 -0.28
CA LEU D 18 -3.43 -13.72 0.00
C LEU D 18 -2.30 -13.94 -0.99
N ARG D 19 -1.20 -14.56 -0.57
CA ARG D 19 -0.11 -14.89 -1.51
C ARG D 19 0.12 -16.39 -1.53
N LEU D 20 -0.16 -17.02 -2.68
CA LEU D 20 0.05 -18.45 -2.88
C LEU D 20 1.49 -18.66 -3.34
N SER D 21 2.11 -19.79 -2.94
CA SER D 21 3.52 -20.07 -3.24
C SER D 21 3.75 -21.53 -3.58
N CYS D 22 4.36 -21.80 -4.74
CA CYS D 22 4.59 -23.15 -5.24
C CYS D 22 6.08 -23.48 -5.37
N ALA D 23 6.50 -24.64 -4.83
CA ALA D 23 7.88 -25.11 -4.89
C ALA D 23 8.02 -26.22 -5.91
N ALA D 24 8.91 -26.01 -6.87
CA ALA D 24 9.15 -26.95 -7.97
C ALA D 24 10.45 -27.69 -7.80
N SER D 25 10.47 -28.96 -8.23
CA SER D 25 11.67 -29.79 -8.19
C SER D 25 11.61 -30.95 -9.16
N GLY D 26 12.78 -31.42 -9.55
CA GLY D 26 12.93 -32.54 -10.47
C GLY D 26 12.96 -32.23 -11.95
N PHE D 27 12.99 -30.93 -12.32
CA PHE D 27 13.05 -30.47 -13.71
C PHE D 27 13.73 -29.08 -13.81
N SER D 28 14.16 -28.66 -15.04
CA SER D 28 14.80 -27.35 -15.24
C SER D 28 13.71 -26.29 -15.22
N TYR D 29 13.35 -25.86 -13.99
CA TYR D 29 12.31 -24.90 -13.70
C TYR D 29 12.41 -23.62 -14.50
N SER D 30 13.61 -23.01 -14.54
CA SER D 30 13.90 -21.74 -15.21
C SER D 30 13.53 -21.72 -16.69
N ASN D 31 13.49 -22.89 -17.37
CA ASN D 31 13.17 -23.02 -18.80
C ASN D 31 11.70 -23.35 -19.11
N HIS D 32 10.84 -23.43 -18.09
CA HIS D 32 9.44 -23.79 -18.27
C HIS D 32 8.44 -22.68 -17.97
N TRP D 33 7.34 -22.67 -18.75
CA TRP D 33 6.21 -21.79 -18.49
C TRP D 33 5.47 -22.41 -17.30
N MET D 34 4.91 -21.58 -16.43
CA MET D 34 4.18 -22.07 -15.26
C MET D 34 2.81 -21.42 -15.26
N HIS D 35 1.80 -22.18 -14.86
CA HIS D 35 0.41 -21.74 -14.83
C HIS D 35 -0.25 -21.93 -13.47
N TRP D 36 -1.32 -21.16 -13.23
CA TRP D 36 -2.21 -21.31 -12.09
C TRP D 36 -3.57 -21.66 -12.62
N VAL D 37 -4.16 -22.72 -12.09
CA VAL D 37 -5.49 -23.18 -12.48
C VAL D 37 -6.26 -23.31 -11.18
N ARG D 38 -7.56 -23.00 -11.18
CA ARG D 38 -8.34 -23.14 -9.97
C ARG D 38 -9.57 -24.00 -10.17
N GLN D 39 -10.16 -24.46 -9.07
CA GLN D 39 -11.36 -25.29 -9.14
C GLN D 39 -12.22 -25.05 -7.93
N ALA D 40 -13.42 -24.49 -8.15
CA ALA D 40 -14.39 -24.25 -7.09
C ALA D 40 -14.85 -25.61 -6.55
N PRO D 41 -15.12 -25.77 -5.22
CA PRO D 41 -15.52 -27.09 -4.68
C PRO D 41 -16.64 -27.81 -5.46
N GLY D 42 -16.30 -29.01 -5.95
CA GLY D 42 -17.19 -29.87 -6.74
C GLY D 42 -17.51 -29.38 -8.14
N LYS D 43 -16.87 -28.27 -8.57
CA LYS D 43 -17.07 -27.64 -9.87
C LYS D 43 -15.92 -27.91 -10.88
N GLY D 44 -15.91 -27.20 -12.01
CA GLY D 44 -14.93 -27.37 -13.08
C GLY D 44 -13.62 -26.61 -12.95
N LEU D 45 -12.62 -27.03 -13.75
CA LEU D 45 -11.30 -26.41 -13.79
C LEU D 45 -11.41 -25.08 -14.51
N VAL D 46 -10.73 -24.06 -13.97
CA VAL D 46 -10.76 -22.70 -14.49
C VAL D 46 -9.33 -22.18 -14.62
N TRP D 47 -8.90 -21.84 -15.85
CA TRP D 47 -7.55 -21.30 -16.07
C TRP D 47 -7.46 -19.89 -15.50
N VAL D 48 -6.39 -19.60 -14.72
CA VAL D 48 -6.20 -18.32 -14.05
C VAL D 48 -5.09 -17.47 -14.65
N SER D 49 -3.87 -18.01 -14.76
CA SER D 49 -2.71 -17.24 -15.21
C SER D 49 -1.56 -18.09 -15.71
N ARG D 50 -0.60 -17.45 -16.40
CA ARG D 50 0.64 -18.09 -16.86
C ARG D 50 1.79 -17.08 -16.89
N ILE D 51 3.02 -17.59 -16.75
CA ILE D 51 4.25 -16.81 -16.80
C ILE D 51 5.33 -17.51 -17.57
N ASN D 52 6.10 -16.76 -18.37
CA ASN D 52 7.20 -17.34 -19.14
C ASN D 52 8.47 -17.44 -18.28
N SER D 53 9.58 -17.95 -18.84
CA SER D 53 10.85 -18.15 -18.14
C SER D 53 11.38 -16.88 -17.47
N ASP D 54 11.41 -15.77 -18.24
CA ASP D 54 11.88 -14.42 -17.91
C ASP D 54 10.99 -13.70 -16.90
N GLY D 55 9.67 -13.82 -17.06
CA GLY D 55 8.68 -13.08 -16.31
C GLY D 55 8.25 -11.87 -17.13
N SER D 56 8.80 -11.77 -18.37
CA SER D 56 8.52 -10.71 -19.35
C SER D 56 7.08 -10.82 -19.90
N THR D 57 6.50 -12.04 -19.85
CA THR D 57 5.12 -12.34 -20.26
C THR D 57 4.34 -12.97 -19.11
N ARG D 58 3.27 -12.27 -18.70
CA ARG D 58 2.34 -12.68 -17.64
C ARG D 58 0.93 -12.46 -18.19
N ASN D 59 0.16 -13.54 -18.34
CA ASN D 59 -1.19 -13.48 -18.89
C ASN D 59 -2.20 -13.90 -17.86
N TYR D 60 -3.38 -13.31 -17.93
CA TYR D 60 -4.43 -13.56 -16.95
C TYR D 60 -5.79 -13.77 -17.59
N ALA D 61 -6.65 -14.53 -16.90
CA ALA D 61 -8.02 -14.77 -17.32
C ALA D 61 -8.81 -13.47 -17.13
N ASP D 62 -9.91 -13.29 -17.89
CA ASP D 62 -10.71 -12.07 -17.85
C ASP D 62 -11.34 -11.77 -16.48
N PHE D 63 -11.66 -12.80 -15.65
CA PHE D 63 -12.25 -12.56 -14.33
C PHE D 63 -11.27 -11.90 -13.36
N VAL D 64 -9.96 -12.06 -13.59
CA VAL D 64 -8.96 -11.41 -12.78
C VAL D 64 -8.66 -10.12 -13.51
N LYS D 65 -9.47 -9.08 -13.22
CA LYS D 65 -9.39 -7.75 -13.85
C LYS D 65 -8.00 -7.06 -13.64
N GLY D 66 -7.12 -7.68 -12.86
CA GLY D 66 -5.79 -7.18 -12.53
C GLY D 66 -5.57 -7.31 -11.04
N ARG D 67 -6.46 -8.08 -10.39
CA ARG D 67 -6.45 -8.33 -8.96
C ARG D 67 -5.35 -9.30 -8.52
N PHE D 68 -4.90 -10.19 -9.43
CA PHE D 68 -3.86 -11.16 -9.11
C PHE D 68 -2.59 -10.86 -9.89
N THR D 69 -1.44 -11.14 -9.29
CA THR D 69 -0.14 -10.94 -9.93
C THR D 69 0.66 -12.22 -9.83
N ILE D 70 1.04 -12.78 -10.98
CA ILE D 70 1.84 -13.98 -11.04
C ILE D 70 3.32 -13.54 -11.05
N SER D 71 4.19 -14.31 -10.38
CA SER D 71 5.61 -14.04 -10.32
C SER D 71 6.38 -15.31 -10.07
N ARG D 72 7.69 -15.27 -10.28
CA ARG D 72 8.53 -16.44 -10.10
C ARG D 72 9.90 -16.05 -9.64
N ASP D 73 10.59 -16.99 -9.00
CA ASP D 73 11.97 -16.83 -8.57
C ASP D 73 12.67 -18.09 -9.06
N ASN D 74 13.33 -17.99 -10.21
CA ASN D 74 13.96 -19.15 -10.85
C ASN D 74 15.00 -19.84 -9.99
N ALA D 75 15.92 -19.07 -9.37
CA ALA D 75 16.99 -19.62 -8.52
C ALA D 75 16.42 -20.38 -7.33
N GLU D 76 15.26 -19.94 -6.82
CA GLU D 76 14.57 -20.56 -5.69
C GLU D 76 13.56 -21.63 -6.12
N ASN D 77 13.39 -21.85 -7.45
CA ASN D 77 12.42 -22.82 -7.99
C ASN D 77 11.02 -22.56 -7.41
N THR D 78 10.61 -21.28 -7.37
CA THR D 78 9.34 -20.89 -6.78
C THR D 78 8.46 -20.11 -7.73
N LEU D 79 7.15 -20.35 -7.63
CA LEU D 79 6.11 -19.66 -8.36
C LEU D 79 5.21 -19.00 -7.32
N TYR D 80 4.70 -17.79 -7.61
CA TYR D 80 3.80 -17.10 -6.68
C TYR D 80 2.54 -16.62 -7.36
N LEU D 81 1.49 -16.40 -6.56
CA LEU D 81 0.26 -15.78 -7.01
C LEU D 81 -0.19 -14.83 -5.91
N GLU D 82 0.03 -13.53 -6.12
CA GLU D 82 -0.38 -12.49 -5.17
C GLU D 82 -1.82 -12.16 -5.53
N MET D 83 -2.74 -12.29 -4.57
CA MET D 83 -4.17 -12.06 -4.82
C MET D 83 -4.70 -10.98 -3.91
N ASN D 84 -5.41 -10.00 -4.48
CA ASN D 84 -6.04 -8.89 -3.76
C ASN D 84 -7.51 -8.86 -4.13
N SER D 85 -8.31 -8.07 -3.40
CA SER D 85 -9.74 -7.84 -3.64
C SER D 85 -10.52 -9.16 -3.89
N LEU D 86 -10.29 -10.16 -3.04
CA LEU D 86 -10.92 -11.47 -3.15
C LEU D 86 -12.41 -11.45 -2.83
N THR D 87 -13.24 -12.21 -3.59
CA THR D 87 -14.70 -12.33 -3.37
C THR D 87 -15.07 -13.80 -3.32
N ALA D 88 -16.32 -14.13 -2.91
CA ALA D 88 -16.81 -15.51 -2.83
C ALA D 88 -16.65 -16.29 -4.14
N ASP D 89 -16.66 -15.58 -5.30
CA ASP D 89 -16.48 -16.28 -6.56
C ASP D 89 -15.04 -16.74 -6.76
N ASP D 90 -14.10 -16.32 -5.88
CA ASP D 90 -12.70 -16.75 -5.91
C ASP D 90 -12.39 -17.96 -5.00
N THR D 91 -13.42 -18.45 -4.24
CA THR D 91 -13.25 -19.63 -3.37
C THR D 91 -12.98 -20.82 -4.27
N ALA D 92 -11.82 -21.50 -4.08
CA ALA D 92 -11.38 -22.65 -4.89
C ALA D 92 -10.09 -23.28 -4.42
N VAL D 93 -9.74 -24.43 -5.03
CA VAL D 93 -8.45 -25.09 -4.86
C VAL D 93 -7.64 -24.48 -5.99
N TYR D 94 -6.42 -24.04 -5.69
CA TYR D 94 -5.53 -23.42 -6.66
C TYR D 94 -4.35 -24.32 -6.92
N TYR D 95 -4.23 -24.76 -8.18
CA TYR D 95 -3.20 -25.66 -8.67
C TYR D 95 -2.07 -24.95 -9.38
N CYS D 96 -0.85 -25.37 -9.06
CA CYS D 96 0.42 -24.95 -9.64
C CYS D 96 0.64 -25.94 -10.76
N VAL D 97 0.85 -25.44 -11.99
CA VAL D 97 0.95 -26.31 -13.16
C VAL D 97 2.12 -25.98 -14.08
N ARG D 98 2.80 -27.01 -14.58
CA ARG D 98 3.91 -26.86 -15.52
C ARG D 98 3.47 -27.12 -16.96
N ASP D 99 3.95 -26.31 -17.92
CA ASP D 99 3.70 -26.56 -19.33
C ASP D 99 4.91 -27.33 -19.83
N GLY D 100 4.87 -28.65 -19.69
CA GLY D 100 5.97 -29.49 -20.09
C GLY D 100 6.16 -29.62 -21.59
N VAL D 101 5.07 -29.47 -22.38
CA VAL D 101 5.18 -29.66 -23.82
C VAL D 101 5.81 -28.46 -24.53
N ARG D 102 5.56 -27.20 -24.07
CA ARG D 102 6.21 -26.04 -24.69
C ARG D 102 7.73 -26.14 -24.62
N PHE D 103 8.25 -26.71 -23.54
CA PHE D 103 9.68 -26.93 -23.35
C PHE D 103 10.31 -27.72 -24.50
N TYR D 104 9.52 -28.64 -25.10
CA TYR D 104 9.95 -29.49 -26.20
C TYR D 104 10.17 -28.73 -27.49
N TYR D 105 9.49 -27.57 -27.66
CA TYR D 105 9.56 -26.69 -28.84
C TYR D 105 10.47 -25.48 -28.60
N ASP D 106 10.27 -24.78 -27.48
CA ASP D 106 11.10 -23.65 -27.09
C ASP D 106 11.74 -24.01 -25.78
N SER D 107 12.99 -24.50 -25.84
CA SER D 107 13.75 -24.90 -24.65
C SER D 107 14.14 -23.73 -23.75
N THR D 108 13.96 -22.48 -24.21
CA THR D 108 14.25 -21.29 -23.40
C THR D 108 13.06 -20.95 -22.50
N GLY D 109 11.85 -21.24 -22.97
CA GLY D 109 10.60 -20.91 -22.29
C GLY D 109 10.31 -19.42 -22.31
N TYR D 110 10.95 -18.69 -23.24
CA TYR D 110 10.80 -17.24 -23.30
C TYR D 110 9.76 -16.75 -24.26
N TYR D 111 9.85 -17.19 -25.51
CA TYR D 111 9.06 -16.65 -26.61
C TYR D 111 7.54 -16.81 -26.46
N PRO D 112 6.83 -15.65 -26.46
CA PRO D 112 5.38 -15.67 -26.28
C PRO D 112 4.63 -15.69 -27.62
N ASP D 113 4.89 -16.72 -28.43
CA ASP D 113 4.23 -16.86 -29.71
C ASP D 113 2.75 -17.09 -29.52
N SER D 114 1.94 -16.48 -30.41
CA SER D 114 0.49 -16.59 -30.38
C SER D 114 0.05 -18.03 -30.57
N PHE D 115 -0.84 -18.52 -29.71
CA PHE D 115 -1.43 -19.86 -29.78
C PHE D 115 -0.39 -20.99 -29.91
N PHE D 116 0.67 -20.97 -29.09
CA PHE D 116 1.69 -22.02 -29.25
C PHE D 116 1.28 -23.38 -28.66
N LYS D 117 1.92 -24.45 -29.15
CA LYS D 117 1.71 -25.82 -28.70
C LYS D 117 2.08 -25.93 -27.22
N TYR D 118 1.12 -26.36 -26.38
CA TYR D 118 1.26 -26.44 -24.93
C TYR D 118 0.62 -27.74 -24.38
N GLY D 119 0.88 -28.02 -23.12
CA GLY D 119 0.31 -29.17 -22.41
C GLY D 119 0.68 -29.12 -20.96
N MET D 120 -0.33 -29.01 -20.10
CA MET D 120 -0.18 -28.93 -18.64
C MET D 120 -0.01 -30.34 -18.10
N ASP D 121 1.24 -30.83 -18.11
CA ASP D 121 1.57 -32.21 -17.77
C ASP D 121 1.89 -32.46 -16.30
N VAL D 122 2.34 -31.46 -15.53
CA VAL D 122 2.65 -31.65 -14.10
C VAL D 122 1.79 -30.72 -13.27
N TRP D 123 1.03 -31.30 -12.33
CA TRP D 123 0.14 -30.57 -11.45
C TRP D 123 0.51 -30.83 -10.00
N GLY D 124 0.37 -29.80 -9.18
CA GLY D 124 0.53 -29.96 -7.75
C GLY D 124 -0.76 -30.54 -7.18
N GLN D 125 -0.77 -30.81 -5.87
CA GLN D 125 -1.93 -31.32 -5.15
C GLN D 125 -3.05 -30.25 -4.99
N GLY D 126 -2.66 -28.97 -5.08
CA GLY D 126 -3.54 -27.81 -4.96
C GLY D 126 -3.66 -27.28 -3.56
N THR D 127 -3.84 -25.97 -3.41
CA THR D 127 -4.02 -25.33 -2.11
C THR D 127 -5.42 -24.70 -2.04
N THR D 128 -6.12 -24.90 -0.93
CA THR D 128 -7.50 -24.45 -0.71
C THR D 128 -7.63 -22.99 -0.27
N VAL D 129 -8.38 -22.19 -1.03
CA VAL D 129 -8.65 -20.79 -0.71
C VAL D 129 -10.15 -20.67 -0.42
N THR D 130 -10.51 -20.18 0.77
CA THR D 130 -11.91 -19.98 1.15
C THR D 130 -12.13 -18.51 1.45
N VAL D 131 -12.85 -17.81 0.56
CA VAL D 131 -13.13 -16.40 0.77
C VAL D 131 -14.51 -16.31 1.41
N SER D 132 -14.53 -15.95 2.71
CA SER D 132 -15.76 -15.88 3.49
C SER D 132 -15.81 -14.71 4.49
N SER D 133 -17.00 -14.07 4.57
CA SER D 133 -17.29 -12.93 5.46
C SER D 133 -17.41 -13.29 6.93
N ALA D 134 -18.48 -14.00 7.31
CA ALA D 134 -18.70 -14.43 8.68
C ALA D 134 -17.66 -15.49 9.08
N SER D 135 -17.28 -15.52 10.35
CA SER D 135 -16.33 -16.44 10.95
C SER D 135 -17.08 -17.66 11.50
N THR D 136 -18.22 -17.41 12.20
CA THR D 136 -19.11 -18.41 12.79
C THR D 136 -20.52 -17.84 12.85
N PRO D 139 -27.59 -21.27 11.79
CA PRO D 139 -28.56 -21.24 10.69
C PRO D 139 -29.96 -20.77 11.07
N SER D 140 -30.75 -20.42 10.06
CA SER D 140 -32.18 -20.12 10.17
C SER D 140 -32.85 -21.37 9.60
N VAL D 141 -33.83 -21.95 10.29
CA VAL D 141 -34.47 -23.17 9.81
C VAL D 141 -35.91 -22.90 9.39
N PHE D 142 -36.28 -23.32 8.18
CA PHE D 142 -37.63 -23.14 7.66
C PHE D 142 -38.23 -24.49 7.27
N PRO D 143 -39.53 -24.70 7.48
CA PRO D 143 -40.12 -25.99 7.10
C PRO D 143 -40.37 -26.11 5.61
N LEU D 144 -40.26 -27.33 5.08
CA LEU D 144 -40.59 -27.65 3.70
C LEU D 144 -41.81 -28.56 3.79
N ALA D 145 -42.97 -27.92 3.79
CA ALA D 145 -44.26 -28.54 3.97
C ALA D 145 -44.66 -29.54 2.87
N PRO D 146 -45.18 -30.72 3.26
CA PRO D 146 -45.61 -31.69 2.24
C PRO D 146 -46.89 -31.24 1.53
N THR D 155 -47.66 -41.75 -0.63
CA THR D 155 -46.61 -41.18 0.22
C THR D 155 -46.36 -39.72 -0.15
N ALA D 156 -45.61 -39.00 0.70
CA ALA D 156 -45.29 -37.60 0.47
C ALA D 156 -43.92 -37.22 1.04
N ALA D 157 -43.25 -36.27 0.38
CA ALA D 157 -41.95 -35.73 0.79
C ALA D 157 -42.12 -34.46 1.61
N LEU D 158 -41.38 -34.33 2.70
CA LEU D 158 -41.39 -33.14 3.53
C LEU D 158 -39.96 -32.90 3.99
N GLY D 159 -39.64 -31.70 4.45
CA GLY D 159 -38.28 -31.42 4.89
C GLY D 159 -38.05 -30.14 5.65
N CYS D 160 -36.78 -29.78 5.82
CA CYS D 160 -36.38 -28.55 6.47
C CYS D 160 -35.29 -27.89 5.65
N LEU D 161 -35.41 -26.58 5.46
CA LEU D 161 -34.41 -25.79 4.76
C LEU D 161 -33.54 -25.12 5.83
N VAL D 162 -32.22 -25.36 5.79
CA VAL D 162 -31.31 -24.77 6.77
C VAL D 162 -30.48 -23.69 6.05
N LYS D 163 -30.86 -22.41 6.24
CA LYS D 163 -30.24 -21.30 5.53
C LYS D 163 -29.15 -20.56 6.28
N ASP D 164 -28.17 -20.07 5.52
CA ASP D 164 -27.17 -19.09 5.90
C ASP D 164 -26.39 -19.37 7.18
N TYR D 165 -25.56 -20.42 7.17
CA TYR D 165 -24.71 -20.73 8.31
C TYR D 165 -23.25 -20.79 7.89
N PHE D 166 -22.33 -20.77 8.86
CA PHE D 166 -20.90 -20.87 8.63
C PHE D 166 -20.17 -21.23 9.92
N PRO D 167 -19.14 -22.10 9.86
CA PRO D 167 -18.68 -22.89 8.71
C PRO D 167 -19.49 -24.19 8.63
N GLU D 168 -19.03 -25.14 7.81
CA GLU D 168 -19.63 -26.46 7.79
C GLU D 168 -19.08 -27.23 9.03
N PRO D 169 -19.79 -28.24 9.54
CA PRO D 169 -21.03 -28.83 9.02
C PRO D 169 -22.26 -28.59 9.89
N VAL D 170 -23.41 -28.95 9.34
CA VAL D 170 -24.69 -28.98 10.04
C VAL D 170 -25.11 -30.44 10.01
N THR D 171 -25.67 -30.95 11.12
CA THR D 171 -26.21 -32.30 11.17
C THR D 171 -27.70 -32.20 11.46
N VAL D 172 -28.48 -33.03 10.78
CA VAL D 172 -29.92 -33.04 10.93
C VAL D 172 -30.37 -34.45 11.26
N SER D 173 -31.27 -34.56 12.24
CA SER D 173 -31.94 -35.80 12.60
C SER D 173 -33.44 -35.48 12.56
N TRP D 174 -34.27 -36.52 12.55
CA TRP D 174 -35.72 -36.33 12.53
C TRP D 174 -36.31 -37.06 13.71
N ASN D 175 -37.27 -36.42 14.41
CA ASN D 175 -37.93 -36.99 15.58
C ASN D 175 -36.92 -37.55 16.58
N SER D 176 -35.81 -36.78 16.80
CA SER D 176 -34.71 -37.14 17.69
C SER D 176 -34.04 -38.48 17.32
N VAL D 183 -34.85 -40.86 5.11
CA VAL D 183 -34.22 -39.56 5.36
C VAL D 183 -32.99 -39.36 4.48
N HIS D 184 -32.90 -38.18 3.84
CA HIS D 184 -31.74 -37.79 3.07
C HIS D 184 -31.39 -36.35 3.35
N THR D 185 -30.19 -36.11 3.86
CA THR D 185 -29.70 -34.76 4.10
C THR D 185 -28.68 -34.44 3.02
N PHE D 186 -28.97 -33.43 2.22
CA PHE D 186 -28.17 -33.03 1.09
C PHE D 186 -26.89 -32.36 1.45
N PRO D 187 -25.91 -32.34 0.51
CA PRO D 187 -24.71 -31.54 0.77
C PRO D 187 -25.09 -30.06 0.71
N ALA D 188 -24.28 -29.22 1.30
CA ALA D 188 -24.51 -27.80 1.33
C ALA D 188 -24.02 -27.10 0.07
N VAL D 189 -24.67 -25.97 -0.25
CA VAL D 189 -24.25 -25.07 -1.31
C VAL D 189 -23.66 -23.83 -0.63
N LEU D 190 -22.64 -23.21 -1.24
CA LEU D 190 -22.04 -21.99 -0.72
C LEU D 190 -22.61 -20.87 -1.59
N GLN D 191 -23.27 -19.92 -0.96
CA GLN D 191 -23.90 -18.84 -1.68
C GLN D 191 -22.91 -17.71 -1.91
N SER D 192 -23.30 -16.75 -2.76
CA SER D 192 -22.51 -15.57 -3.10
C SER D 192 -22.24 -14.74 -1.84
N SER D 193 -23.09 -14.88 -0.82
CA SER D 193 -22.99 -14.21 0.47
C SER D 193 -21.81 -14.75 1.31
N GLY D 194 -21.28 -15.92 0.93
CA GLY D 194 -20.19 -16.59 1.65
C GLY D 194 -20.70 -17.48 2.77
N LEU D 195 -22.02 -17.75 2.76
CA LEU D 195 -22.72 -18.56 3.74
C LEU D 195 -23.29 -19.79 3.09
N TYR D 196 -23.36 -20.89 3.84
CA TYR D 196 -23.90 -22.16 3.35
C TYR D 196 -25.39 -22.29 3.63
N SER D 197 -26.04 -23.17 2.86
CA SER D 197 -27.42 -23.59 3.04
C SER D 197 -27.53 -25.04 2.62
N LEU D 198 -28.36 -25.83 3.30
CA LEU D 198 -28.66 -27.19 2.89
C LEU D 198 -30.12 -27.52 3.18
N SER D 199 -30.57 -28.70 2.74
CA SER D 199 -31.90 -29.22 2.99
C SER D 199 -31.81 -30.64 3.49
N SER D 200 -32.80 -31.05 4.27
CA SER D 200 -32.94 -32.43 4.72
C SER D 200 -34.36 -32.82 4.39
N VAL D 201 -34.52 -34.00 3.79
CA VAL D 201 -35.83 -34.49 3.37
C VAL D 201 -36.13 -35.89 3.90
N ILE D 215 -40.62 -33.70 13.19
CA ILE D 215 -39.75 -32.64 13.69
C ILE D 215 -38.32 -32.83 13.25
N CYS D 216 -37.73 -31.81 12.62
CA CYS D 216 -36.31 -31.89 12.28
C CYS D 216 -35.49 -31.20 13.38
N ASN D 217 -34.40 -31.86 13.79
CA ASN D 217 -33.50 -31.36 14.82
C ASN D 217 -32.21 -30.99 14.11
N VAL D 218 -31.94 -29.68 14.04
CA VAL D 218 -30.78 -29.13 13.35
C VAL D 218 -29.73 -28.76 14.35
N ASN D 219 -28.54 -29.34 14.19
CA ASN D 219 -27.41 -29.09 15.06
C ASN D 219 -26.27 -28.43 14.28
N HIS D 220 -25.78 -27.30 14.78
CA HIS D 220 -24.65 -26.63 14.15
C HIS D 220 -23.63 -26.45 15.25
N LYS D 221 -22.81 -27.49 15.50
CA LYS D 221 -21.78 -27.50 16.53
C LYS D 221 -20.90 -26.26 16.53
N PRO D 222 -20.37 -25.79 15.36
CA PRO D 222 -19.50 -24.60 15.39
C PRO D 222 -20.07 -23.36 16.10
N SER D 223 -21.38 -23.10 15.98
CA SER D 223 -22.00 -21.93 16.61
C SER D 223 -22.70 -22.28 17.92
N ASN D 224 -22.62 -23.57 18.33
CA ASN D 224 -23.28 -24.09 19.52
C ASN D 224 -24.77 -23.81 19.47
N THR D 225 -25.40 -23.93 18.28
CA THR D 225 -26.85 -23.69 18.14
C THR D 225 -27.56 -24.95 17.75
N LYS D 226 -28.79 -25.12 18.26
CA LYS D 226 -29.65 -26.26 17.98
C LYS D 226 -31.08 -25.77 17.80
N VAL D 227 -31.70 -26.14 16.67
CA VAL D 227 -33.05 -25.73 16.32
C VAL D 227 -33.94 -26.95 16.05
N ASP D 228 -35.13 -26.97 16.65
CA ASP D 228 -36.11 -28.02 16.39
C ASP D 228 -37.27 -27.39 15.64
N LYS D 229 -37.63 -27.94 14.49
CA LYS D 229 -38.70 -27.38 13.69
C LYS D 229 -39.75 -28.42 13.37
N ARG D 230 -41.02 -28.15 13.76
CA ARG D 230 -42.13 -29.04 13.43
C ARG D 230 -42.58 -28.74 12.02
N VAL D 231 -42.72 -29.78 11.19
CA VAL D 231 -43.11 -29.62 9.79
C VAL D 231 -44.51 -30.15 9.59
N GLU D 232 -45.46 -29.28 9.25
CA GLU D 232 -46.84 -29.71 9.06
C GLU D 232 -47.39 -29.37 7.68
N PRO D 233 -48.43 -30.08 7.21
CA PRO D 233 -49.00 -29.79 5.88
C PRO D 233 -49.57 -28.37 5.80
N GLN E 3 10.88 13.28 28.29
CA GLN E 3 10.06 12.40 29.12
C GLN E 3 9.48 13.17 30.31
N SER E 4 8.18 12.97 30.59
CA SER E 4 7.34 13.48 31.72
C SER E 4 6.03 12.69 31.69
N VAL E 5 5.63 12.08 32.82
CA VAL E 5 4.37 11.32 32.94
C VAL E 5 3.53 11.94 34.06
N LEU E 6 2.25 12.23 33.77
CA LEU E 6 1.31 12.87 34.67
C LEU E 6 0.37 11.85 35.31
N THR E 7 0.25 11.91 36.63
CA THR E 7 -0.60 10.99 37.38
C THR E 7 -1.62 11.76 38.23
N GLN E 8 -2.85 11.25 38.23
CA GLN E 8 -3.98 11.84 38.96
C GLN E 8 -4.64 10.78 39.84
N PRO E 9 -5.36 11.17 40.93
CA PRO E 9 -6.11 10.17 41.70
C PRO E 9 -7.16 9.52 40.80
N VAL E 10 -7.49 8.26 41.06
CA VAL E 10 -8.47 7.52 40.26
C VAL E 10 -9.86 8.17 40.40
N SER E 11 -10.21 8.55 41.64
CA SER E 11 -11.50 9.14 41.97
C SER E 11 -11.45 10.08 43.14
N VAL E 12 -12.37 11.03 43.16
CA VAL E 12 -12.57 12.01 44.23
C VAL E 12 -14.05 12.09 44.48
N SER E 13 -14.44 12.04 45.75
CA SER E 13 -15.83 12.09 46.12
C SER E 13 -16.06 13.27 47.04
N GLY E 14 -17.07 14.06 46.68
CA GLY E 14 -17.48 15.26 47.42
C GLY E 14 -18.98 15.39 47.50
N SER E 15 -19.47 16.22 48.44
CA SER E 15 -20.89 16.49 48.67
C SER E 15 -21.28 17.83 48.03
N PRO E 16 -22.54 18.04 47.63
CA PRO E 16 -22.91 19.33 47.03
C PRO E 16 -22.62 20.50 47.96
N GLY E 17 -22.13 21.59 47.41
CA GLY E 17 -21.77 22.79 48.16
C GLY E 17 -20.34 22.80 48.71
N GLN E 18 -19.68 21.62 48.76
CA GLN E 18 -18.30 21.45 49.28
C GLN E 18 -17.25 21.88 48.22
N SER E 19 -15.97 21.99 48.63
CA SER E 19 -14.84 22.34 47.75
C SER E 19 -13.84 21.18 47.64
N ILE E 20 -13.67 20.64 46.43
CA ILE E 20 -12.81 19.50 46.17
C ILE E 20 -11.62 19.90 45.31
N THR E 21 -10.50 19.21 45.50
CA THR E 21 -9.26 19.49 44.79
C THR E 21 -8.73 18.21 44.14
N ILE E 22 -8.42 18.29 42.82
CA ILE E 22 -7.84 17.20 42.05
C ILE E 22 -6.38 17.56 41.78
N SER E 23 -5.46 16.66 42.15
CA SER E 23 -4.03 16.84 41.97
C SER E 23 -3.54 16.17 40.69
N CYS E 24 -2.47 16.72 40.13
CA CYS E 24 -1.81 16.23 38.93
C CYS E 24 -0.34 16.29 39.25
N THR E 25 0.30 15.13 39.43
CA THR E 25 1.73 15.05 39.75
C THR E 25 2.54 14.37 38.64
N GLY E 26 3.77 14.81 38.47
CA GLY E 26 4.64 14.28 37.43
C GLY E 26 5.89 13.57 37.89
N THR E 27 6.42 12.71 37.01
CA THR E 27 7.65 11.96 37.28
C THR E 27 8.88 12.80 36.84
N SER E 28 9.39 12.64 35.60
CA SER E 28 10.53 13.38 35.02
C SER E 28 10.01 14.78 34.61
N SER E 29 9.48 15.51 35.59
CA SER E 29 8.85 16.81 35.40
C SER E 29 9.58 17.92 36.18
N ASN E 30 9.24 19.18 35.87
CA ASN E 30 9.83 20.32 36.54
C ASN E 30 8.78 21.42 36.69
N ALA E 31 9.18 22.60 37.21
CA ALA E 31 8.28 23.74 37.43
C ALA E 31 7.54 24.16 36.17
N ASP E 32 8.21 24.07 35.00
CA ASP E 32 7.61 24.41 33.71
C ASP E 32 6.49 23.45 33.37
N THR E 33 6.62 22.16 33.75
CA THR E 33 5.56 21.17 33.50
C THR E 33 4.23 21.69 34.10
N TYR E 34 4.28 22.12 35.37
CA TYR E 34 3.11 22.60 36.09
C TYR E 34 2.68 24.01 35.68
N ASN E 35 3.63 24.85 35.23
CA ASN E 35 3.33 26.19 34.72
C ASN E 35 2.48 26.09 33.45
N LEU E 36 2.61 24.97 32.73
CA LEU E 36 1.91 24.75 31.46
C LEU E 36 0.75 23.77 31.54
N VAL E 37 0.35 23.35 32.75
CA VAL E 37 -0.75 22.42 32.92
C VAL E 37 -2.08 23.02 32.41
N SER E 38 -2.86 22.20 31.72
CA SER E 38 -4.19 22.55 31.26
C SER E 38 -5.14 21.47 31.81
N TRP E 39 -6.38 21.85 32.16
CA TRP E 39 -7.37 20.92 32.73
C TRP E 39 -8.57 20.79 31.80
N TYR E 40 -9.09 19.55 31.66
CA TYR E 40 -10.23 19.24 30.79
C TYR E 40 -11.31 18.49 31.52
N GLN E 41 -12.57 18.90 31.33
CA GLN E 41 -13.74 18.26 31.92
C GLN E 41 -14.41 17.44 30.83
N GLN E 42 -14.73 16.18 31.13
CA GLN E 42 -15.44 15.36 30.16
C GLN E 42 -16.63 14.74 30.84
N ARG E 43 -17.81 15.25 30.51
CA ARG E 43 -19.05 14.68 31.06
C ARG E 43 -19.35 13.34 30.32
N PRO E 44 -20.00 12.34 30.98
CA PRO E 44 -20.22 11.05 30.29
C PRO E 44 -20.82 11.15 28.90
N GLY E 45 -20.09 10.64 27.91
CA GLY E 45 -20.48 10.61 26.51
C GLY E 45 -20.38 11.93 25.77
N LYS E 46 -19.72 12.93 26.36
CA LYS E 46 -19.54 14.25 25.74
C LYS E 46 -18.08 14.49 25.39
N ALA E 47 -17.80 15.44 24.47
CA ALA E 47 -16.43 15.79 24.11
C ALA E 47 -15.79 16.58 25.25
N PRO E 48 -14.45 16.49 25.45
CA PRO E 48 -13.81 17.25 26.54
C PRO E 48 -13.96 18.76 26.35
N LYS E 49 -13.82 19.51 27.47
CA LYS E 49 -13.93 20.97 27.53
C LYS E 49 -12.76 21.55 28.31
N LEU E 50 -12.12 22.58 27.75
CA LEU E 50 -11.01 23.26 28.39
C LEU E 50 -11.52 24.05 29.61
N MET E 51 -10.97 23.78 30.80
CA MET E 51 -11.35 24.44 32.05
C MET E 51 -10.30 25.42 32.54
N ILE E 52 -9.01 25.06 32.41
CA ILE E 52 -7.87 25.84 32.85
C ILE E 52 -6.75 25.65 31.85
N TYR E 53 -5.95 26.69 31.62
CA TYR E 53 -4.78 26.63 30.78
C TYR E 53 -3.69 27.43 31.50
N GLU E 54 -2.41 27.26 31.13
CA GLU E 54 -1.28 27.99 31.74
C GLU E 54 -1.25 27.83 33.27
N GLY E 55 -1.57 26.63 33.74
CA GLY E 55 -1.57 26.27 35.15
C GLY E 55 -2.71 26.80 35.98
N THR E 56 -3.06 28.10 35.81
CA THR E 56 -4.07 28.77 36.66
C THR E 56 -5.10 29.66 35.94
N LYS E 57 -4.97 29.84 34.62
CA LYS E 57 -5.89 30.73 33.89
C LYS E 57 -7.16 30.05 33.48
N ARG E 58 -8.29 30.69 33.77
CA ARG E 58 -9.62 30.18 33.44
C ARG E 58 -10.18 30.90 32.20
N PRO E 59 -10.55 30.16 31.12
CA PRO E 59 -11.13 30.84 29.96
C PRO E 59 -12.53 31.41 30.25
N SER E 60 -12.94 32.40 29.45
CA SER E 60 -14.28 32.98 29.59
C SER E 60 -15.31 31.91 29.24
N GLY E 61 -16.44 31.93 29.96
CA GLY E 61 -17.50 30.95 29.79
C GLY E 61 -17.43 29.83 30.81
N VAL E 62 -16.22 29.54 31.31
CA VAL E 62 -16.00 28.53 32.34
C VAL E 62 -16.39 29.14 33.69
N SER E 63 -17.24 28.43 34.44
CA SER E 63 -17.75 28.83 35.75
C SER E 63 -16.64 29.32 36.71
N ASN E 64 -16.92 30.41 37.46
CA ASN E 64 -16.00 31.00 38.44
C ASN E 64 -15.75 30.09 39.66
N ARG E 65 -16.50 28.98 39.76
CA ARG E 65 -16.35 27.99 40.81
C ARG E 65 -15.09 27.16 40.60
N PHE E 66 -14.55 27.21 39.37
CA PHE E 66 -13.34 26.52 38.97
C PHE E 66 -12.16 27.45 39.11
N SER E 67 -11.14 26.98 39.83
CA SER E 67 -9.89 27.68 40.02
C SER E 67 -8.78 26.64 40.01
N ALA E 68 -7.56 27.08 39.85
CA ALA E 68 -6.46 26.13 39.83
C ALA E 68 -5.25 26.74 40.48
N SER E 69 -4.37 25.88 40.98
CA SER E 69 -3.12 26.28 41.60
C SER E 69 -2.01 25.37 41.08
N LYS E 70 -0.78 25.81 41.23
CA LYS E 70 0.38 25.04 40.82
C LYS E 70 1.57 25.36 41.69
N SER E 71 2.40 24.36 41.89
CA SER E 71 3.63 24.45 42.64
C SER E 71 4.75 23.97 41.72
N ALA E 72 5.95 23.79 42.25
CA ALA E 72 7.04 23.29 41.44
C ALA E 72 6.99 21.75 41.36
N THR E 73 6.08 21.09 42.12
CA THR E 73 6.00 19.62 42.17
C THR E 73 4.62 19.03 41.75
N ALA E 74 3.57 19.87 41.66
CA ALA E 74 2.22 19.44 41.28
C ALA E 74 1.35 20.60 40.80
N ALA E 75 0.21 20.26 40.19
CA ALA E 75 -0.78 21.22 39.75
C ALA E 75 -2.10 20.72 40.30
N SER E 76 -3.02 21.62 40.66
CA SER E 76 -4.28 21.21 41.23
C SER E 76 -5.43 22.02 40.69
N LEU E 77 -6.58 21.36 40.52
CA LEU E 77 -7.83 21.99 40.09
C LEU E 77 -8.76 21.97 41.29
N THR E 78 -9.36 23.11 41.62
CA THR E 78 -10.27 23.22 42.73
C THR E 78 -11.64 23.64 42.26
N ILE E 79 -12.63 22.87 42.64
CA ILE E 79 -14.00 23.18 42.32
C ILE E 79 -14.59 23.56 43.64
N SER E 80 -15.01 24.82 43.77
CA SER E 80 -15.61 25.32 44.99
C SER E 80 -17.13 25.40 44.78
N GLY E 81 -17.90 24.98 45.78
CA GLY E 81 -19.36 24.95 45.69
C GLY E 81 -19.85 23.87 44.74
N LEU E 82 -19.37 22.63 44.96
CA LEU E 82 -19.66 21.45 44.15
C LEU E 82 -21.12 21.30 43.79
N GLN E 83 -21.40 21.08 42.52
CA GLN E 83 -22.76 20.90 42.04
C GLN E 83 -22.93 19.56 41.35
N PRO E 84 -24.14 18.97 41.30
CA PRO E 84 -24.31 17.69 40.60
C PRO E 84 -23.77 17.65 39.17
N GLU E 85 -23.86 18.78 38.42
CA GLU E 85 -23.37 18.89 37.04
C GLU E 85 -21.85 18.76 36.90
N ASP E 86 -21.12 18.90 38.02
CA ASP E 86 -19.66 18.79 38.07
C ASP E 86 -19.21 17.34 38.04
N GLU E 87 -20.14 16.38 38.21
CA GLU E 87 -19.84 14.96 38.15
C GLU E 87 -19.40 14.68 36.71
N ALA E 88 -18.11 14.31 36.53
CA ALA E 88 -17.46 14.11 35.22
C ALA E 88 -16.08 13.52 35.44
N ASP E 89 -15.38 13.23 34.34
CA ASP E 89 -13.99 12.80 34.40
C ASP E 89 -13.15 14.07 34.11
N TYR E 90 -12.10 14.28 34.90
CA TYR E 90 -11.22 15.44 34.73
C TYR E 90 -9.82 14.96 34.37
N TYR E 91 -9.20 15.60 33.36
CA TYR E 91 -7.87 15.25 32.87
C TYR E 91 -6.94 16.45 32.91
N CYS E 92 -5.72 16.24 33.41
CA CYS E 92 -4.70 17.28 33.34
C CYS E 92 -3.85 16.99 32.10
N CYS E 93 -3.16 17.99 31.58
CA CYS E 93 -2.33 17.86 30.39
C CYS E 93 -1.17 18.84 30.48
N SER E 94 0.02 18.45 30.01
CA SER E 94 1.20 19.32 29.91
C SER E 94 2.20 18.73 28.91
N TYR E 95 3.41 19.29 28.82
CA TYR E 95 4.42 18.79 27.90
C TYR E 95 5.16 17.57 28.43
N ALA E 96 5.27 16.52 27.59
CA ALA E 96 6.03 15.31 27.88
C ALA E 96 7.50 15.61 27.55
N THR E 97 7.74 16.31 26.42
CA THR E 97 9.03 16.80 25.94
C THR E 97 8.81 18.21 25.43
N SER E 98 9.89 18.88 25.00
CA SER E 98 9.82 20.23 24.47
C SER E 98 8.83 20.35 23.29
N ARG E 99 8.63 19.24 22.55
CA ARG E 99 7.81 19.16 21.36
C ARG E 99 6.44 18.42 21.50
N THR E 100 6.22 17.59 22.54
CA THR E 100 5.00 16.76 22.66
C THR E 100 4.21 16.95 23.94
N LEU E 101 2.90 16.65 23.90
CA LEU E 101 2.04 16.75 25.08
C LEU E 101 1.71 15.38 25.65
N VAL E 102 1.25 15.34 26.91
CA VAL E 102 0.84 14.13 27.62
C VAL E 102 -0.32 14.44 28.54
N PHE E 103 -1.34 13.55 28.58
CA PHE E 103 -2.47 13.69 29.48
C PHE E 103 -2.26 12.82 30.69
N GLY E 104 -2.87 13.22 31.82
CA GLY E 104 -2.92 12.40 33.02
C GLY E 104 -3.94 11.29 32.78
N GLY E 105 -3.99 10.34 33.70
CA GLY E 105 -4.90 9.18 33.62
C GLY E 105 -6.37 9.48 33.80
N GLY E 106 -6.69 10.63 34.38
CA GLY E 106 -8.06 11.05 34.63
C GLY E 106 -8.55 10.74 36.02
N THR E 107 -9.44 11.60 36.50
CA THR E 107 -10.05 11.49 37.81
C THR E 107 -11.56 11.52 37.66
N LYS E 108 -12.25 10.49 38.20
CA LYS E 108 -13.70 10.45 38.20
C LYS E 108 -14.17 11.15 39.46
N LEU E 109 -14.83 12.29 39.27
CA LEU E 109 -15.37 13.08 40.36
C LEU E 109 -16.82 12.65 40.55
N THR E 110 -17.13 12.13 41.75
CA THR E 110 -18.48 11.73 42.12
C THR E 110 -19.02 12.79 43.06
N VAL E 111 -20.22 13.32 42.74
CA VAL E 111 -20.92 14.24 43.62
C VAL E 111 -21.89 13.32 44.39
N VAL E 112 -21.60 13.11 45.67
CA VAL E 112 -22.25 12.17 46.57
C VAL E 112 -23.71 12.48 46.79
N GLY E 113 -24.50 11.46 46.47
CA GLY E 113 -25.95 11.40 46.62
C GLY E 113 -26.42 10.36 47.62
N GLN E 114 -25.66 9.24 47.77
CA GLN E 114 -25.99 8.14 48.68
C GLN E 114 -24.78 7.72 49.52
N PRO E 115 -24.94 6.88 50.58
CA PRO E 115 -23.76 6.48 51.36
C PRO E 115 -22.74 5.71 50.54
N LYS E 116 -21.46 5.90 50.88
CA LYS E 116 -20.36 5.19 50.25
C LYS E 116 -20.49 3.69 50.58
N ALA E 117 -20.13 2.82 49.62
CA ALA E 117 -20.22 1.37 49.81
C ALA E 117 -19.04 0.64 49.16
N ALA E 118 -18.42 -0.28 49.92
CA ALA E 118 -17.27 -1.06 49.46
C ALA E 118 -17.72 -2.15 48.49
N PRO E 119 -16.87 -2.48 47.50
CA PRO E 119 -17.29 -3.51 46.54
C PRO E 119 -17.28 -4.93 47.10
N SER E 120 -18.20 -5.76 46.59
CA SER E 120 -18.19 -7.22 46.82
C SER E 120 -17.40 -7.74 45.61
N VAL E 121 -16.42 -8.63 45.84
CA VAL E 121 -15.57 -9.17 44.78
C VAL E 121 -15.72 -10.69 44.74
N THR E 122 -15.92 -11.23 43.54
CA THR E 122 -15.99 -12.68 43.31
C THR E 122 -15.03 -12.99 42.18
N LEU E 123 -14.12 -13.93 42.40
CA LEU E 123 -13.17 -14.34 41.38
C LEU E 123 -13.53 -15.74 40.89
N PHE E 124 -13.85 -15.85 39.60
CA PHE E 124 -14.17 -17.15 39.00
C PHE E 124 -12.95 -17.72 38.29
N PRO E 125 -12.63 -18.99 38.59
CA PRO E 125 -11.55 -19.66 37.86
C PRO E 125 -12.01 -20.02 36.45
N PRO E 126 -11.11 -20.46 35.55
CA PRO E 126 -11.53 -20.91 34.22
C PRO E 126 -12.50 -22.08 34.32
N SER E 127 -13.52 -22.12 33.46
CA SER E 127 -14.46 -23.23 33.43
C SER E 127 -13.78 -24.45 32.85
N SER E 128 -14.22 -25.64 33.28
CA SER E 128 -13.71 -26.91 32.76
C SER E 128 -13.89 -26.94 31.23
N GLU E 129 -15.02 -26.40 30.75
CA GLU E 129 -15.35 -26.32 29.33
C GLU E 129 -14.33 -25.50 28.56
N GLU E 130 -13.93 -24.34 29.10
CA GLU E 130 -12.96 -23.47 28.43
C GLU E 130 -11.59 -24.11 28.36
N LEU E 131 -11.17 -24.78 29.44
CA LEU E 131 -9.89 -25.47 29.49
C LEU E 131 -9.82 -26.56 28.42
N GLN E 132 -10.97 -27.23 28.17
CA GLN E 132 -11.07 -28.26 27.13
C GLN E 132 -10.89 -27.63 25.75
N ALA E 133 -11.29 -26.34 25.60
CA ALA E 133 -11.12 -25.57 24.38
C ALA E 133 -9.73 -24.93 24.30
N ASN E 134 -8.82 -25.34 25.22
CA ASN E 134 -7.43 -24.89 25.27
C ASN E 134 -7.25 -23.41 25.58
N LYS E 135 -8.15 -22.84 26.39
CA LYS E 135 -8.06 -21.44 26.82
C LYS E 135 -8.36 -21.36 28.30
N ALA E 136 -8.02 -20.23 28.92
CA ALA E 136 -8.28 -20.06 30.34
C ALA E 136 -8.51 -18.59 30.62
N THR E 137 -9.71 -18.27 31.10
CA THR E 137 -10.01 -16.88 31.43
C THR E 137 -10.44 -16.80 32.89
N LEU E 138 -9.76 -15.93 33.65
CA LEU E 138 -10.14 -15.67 35.03
C LEU E 138 -11.07 -14.45 34.98
N VAL E 139 -12.23 -14.53 35.66
CA VAL E 139 -13.21 -13.45 35.66
C VAL E 139 -13.35 -12.89 37.05
N CYS E 140 -13.05 -11.62 37.20
CA CYS E 140 -13.18 -10.93 38.46
C CYS E 140 -14.38 -10.01 38.39
N LEU E 141 -15.42 -10.35 39.12
CA LEU E 141 -16.70 -9.63 39.20
C LEU E 141 -16.66 -8.67 40.40
N ILE E 142 -16.91 -7.38 40.16
CA ILE E 142 -16.84 -6.35 41.21
C ILE E 142 -18.21 -5.67 41.26
N SER E 143 -18.89 -5.71 42.41
CA SER E 143 -20.24 -5.18 42.48
C SER E 143 -20.59 -4.37 43.72
N ASP E 144 -21.70 -3.62 43.63
CA ASP E 144 -22.29 -2.86 44.73
C ASP E 144 -21.39 -1.84 45.37
N PHE E 145 -20.62 -1.09 44.58
CA PHE E 145 -19.77 -0.06 45.16
C PHE E 145 -20.20 1.36 44.79
N TYR E 146 -19.84 2.32 45.64
CA TYR E 146 -20.14 3.73 45.45
C TYR E 146 -19.13 4.53 46.28
N PRO E 147 -18.43 5.54 45.71
CA PRO E 147 -18.50 6.04 44.32
C PRO E 147 -18.08 5.01 43.28
N GLY E 148 -18.46 5.24 42.03
CA GLY E 148 -18.18 4.32 40.94
C GLY E 148 -16.79 4.40 40.35
N ALA E 149 -15.77 4.18 41.16
CA ALA E 149 -14.41 4.18 40.68
C ALA E 149 -13.57 3.22 41.48
N VAL E 150 -12.97 2.25 40.77
CA VAL E 150 -12.08 1.26 41.37
C VAL E 150 -10.77 1.14 40.60
N THR E 151 -9.77 0.55 41.26
CA THR E 151 -8.47 0.25 40.67
C THR E 151 -8.32 -1.28 40.75
N VAL E 152 -8.09 -1.93 39.62
CA VAL E 152 -7.95 -3.39 39.61
C VAL E 152 -6.53 -3.80 39.24
N ALA E 153 -5.94 -4.70 40.03
CA ALA E 153 -4.62 -5.25 39.80
C ALA E 153 -4.69 -6.77 39.94
N TRP E 154 -3.91 -7.49 39.15
CA TRP E 154 -3.90 -8.95 39.16
C TRP E 154 -2.56 -9.45 39.60
N LYS E 155 -2.50 -10.64 40.18
CA LYS E 155 -1.25 -11.26 40.57
C LYS E 155 -1.21 -12.72 40.19
N ALA E 156 -0.01 -13.21 39.87
CA ALA E 156 0.32 -14.62 39.63
C ALA E 156 1.27 -14.93 40.77
N ASP E 157 0.83 -15.78 41.71
CA ASP E 157 1.53 -16.07 42.96
C ASP E 157 1.65 -14.70 43.63
N SER E 158 2.87 -14.18 43.80
CA SER E 158 3.08 -12.85 44.39
C SER E 158 3.47 -11.78 43.37
N SER E 159 3.56 -12.14 42.09
CA SER E 159 4.00 -11.22 41.06
C SER E 159 2.86 -10.48 40.38
N PRO E 160 2.91 -9.13 40.33
CA PRO E 160 1.89 -8.38 39.59
C PRO E 160 1.90 -8.78 38.10
N VAL E 161 0.71 -8.89 37.52
CA VAL E 161 0.51 -9.29 36.13
C VAL E 161 -0.19 -8.16 35.43
N LYS E 162 0.32 -7.75 34.28
CA LYS E 162 -0.28 -6.70 33.46
C LYS E 162 -0.72 -7.21 32.08
N ALA E 163 0.03 -8.18 31.52
CA ALA E 163 -0.29 -8.75 30.22
C ALA E 163 -1.57 -9.61 30.29
N GLY E 164 -2.42 -9.49 29.26
CA GLY E 164 -3.65 -10.26 29.17
C GLY E 164 -4.80 -9.80 30.06
N VAL E 165 -4.69 -8.60 30.64
CA VAL E 165 -5.71 -8.03 31.49
C VAL E 165 -6.58 -7.06 30.70
N GLU E 166 -7.90 -7.16 30.88
CA GLU E 166 -8.86 -6.24 30.31
C GLU E 166 -9.89 -5.94 31.38
N THR E 167 -10.21 -4.64 31.60
CA THR E 167 -11.14 -4.24 32.65
C THR E 167 -12.22 -3.29 32.09
N THR E 168 -13.48 -3.45 32.52
CA THR E 168 -14.53 -2.54 32.06
C THR E 168 -14.62 -1.32 32.97
N THR E 169 -15.13 -0.21 32.41
CA THR E 169 -15.40 1.01 33.16
C THR E 169 -16.64 0.75 34.00
N PRO E 170 -16.63 1.12 35.31
CA PRO E 170 -17.79 0.86 36.17
C PRO E 170 -19.08 1.39 35.60
N SER E 171 -20.13 0.58 35.68
CA SER E 171 -21.42 0.92 35.14
C SER E 171 -22.47 0.81 36.22
N LYS E 172 -23.51 1.65 36.14
CA LYS E 172 -24.58 1.69 37.12
C LYS E 172 -25.44 0.45 37.10
N GLN E 173 -25.73 -0.09 38.28
CA GLN E 173 -26.59 -1.24 38.43
C GLN E 173 -28.01 -0.76 38.63
N SER E 174 -28.92 -1.73 38.71
CA SER E 174 -30.34 -1.54 38.98
C SER E 174 -30.57 -0.70 40.26
N ASN E 175 -29.74 -0.92 41.29
CA ASN E 175 -29.89 -0.22 42.57
C ASN E 175 -29.17 1.13 42.66
N ASN E 176 -28.57 1.58 41.57
CA ASN E 176 -27.88 2.87 41.43
C ASN E 176 -26.44 2.89 42.02
N LYS E 177 -25.96 1.74 42.49
CA LYS E 177 -24.55 1.53 42.86
C LYS E 177 -23.87 1.07 41.56
N TYR E 178 -22.55 0.86 41.60
CA TYR E 178 -21.79 0.48 40.41
C TYR E 178 -21.25 -0.93 40.45
N ALA E 179 -21.01 -1.48 39.27
CA ALA E 179 -20.36 -2.76 39.11
C ALA E 179 -19.31 -2.63 38.03
N ALA E 180 -18.30 -3.48 38.05
CA ALA E 180 -17.24 -3.53 37.03
C ALA E 180 -16.74 -4.96 36.89
N SER E 181 -16.06 -5.27 35.78
CA SER E 181 -15.53 -6.60 35.55
C SER E 181 -14.12 -6.52 35.06
N SER E 182 -13.33 -7.54 35.38
CA SER E 182 -11.95 -7.61 34.91
C SER E 182 -11.60 -9.04 34.55
N TYR E 183 -10.74 -9.21 33.54
CA TYR E 183 -10.40 -10.49 32.97
C TYR E 183 -8.91 -10.69 32.90
N LEU E 184 -8.46 -11.91 33.20
CA LEU E 184 -7.08 -12.30 33.03
C LEU E 184 -7.09 -13.48 32.05
N SER E 185 -6.59 -13.26 30.82
CA SER E 185 -6.53 -14.31 29.80
C SER E 185 -5.19 -15.03 29.85
N LEU E 186 -5.25 -16.36 29.97
CA LEU E 186 -4.07 -17.22 30.05
C LEU E 186 -4.26 -18.42 29.14
N THR E 187 -3.17 -19.16 28.90
CA THR E 187 -3.26 -20.47 28.25
C THR E 187 -3.44 -21.45 29.43
N PRO E 188 -4.04 -22.64 29.22
CA PRO E 188 -4.16 -23.57 30.36
C PRO E 188 -2.80 -23.89 31.00
N GLU E 189 -1.70 -23.90 30.20
CA GLU E 189 -0.34 -24.16 30.70
C GLU E 189 0.09 -23.09 31.70
N GLN E 190 -0.18 -21.80 31.37
CA GLN E 190 0.09 -20.68 32.25
C GLN E 190 -0.75 -20.80 33.51
N TRP E 191 -2.06 -21.13 33.37
CA TRP E 191 -2.94 -21.29 34.54
C TRP E 191 -2.43 -22.38 35.49
N LYS E 192 -2.01 -23.51 34.92
CA LYS E 192 -1.51 -24.64 35.71
C LYS E 192 -0.06 -24.43 36.20
N SER E 193 0.69 -23.48 35.57
CA SER E 193 2.08 -23.12 35.91
C SER E 193 2.29 -22.43 37.25
N HIS E 194 1.24 -21.85 37.86
CA HIS E 194 1.37 -21.09 39.11
C HIS E 194 0.57 -21.67 40.28
N ARG E 195 0.96 -21.35 41.52
CA ARG E 195 0.25 -21.90 42.69
C ARG E 195 -1.06 -21.15 42.97
N SER E 196 -1.11 -19.82 42.68
CA SER E 196 -2.32 -19.03 42.91
C SER E 196 -2.39 -17.83 41.99
N TYR E 197 -3.61 -17.32 41.82
CA TYR E 197 -3.93 -16.14 41.04
C TYR E 197 -4.84 -15.27 41.88
N SER E 198 -4.59 -13.96 41.86
CA SER E 198 -5.35 -13.02 42.66
C SER E 198 -5.91 -11.84 41.88
N CYS E 199 -7.10 -11.39 42.28
CA CYS E 199 -7.73 -10.18 41.79
C CYS E 199 -7.74 -9.23 42.99
N GLN E 200 -7.10 -8.06 42.86
CA GLN E 200 -7.05 -7.02 43.91
C GLN E 200 -7.85 -5.78 43.47
N VAL E 201 -8.79 -5.33 44.31
CA VAL E 201 -9.62 -4.18 43.98
C VAL E 201 -9.44 -3.12 45.04
N THR E 202 -9.11 -1.90 44.63
CA THR E 202 -8.96 -0.78 45.54
C THR E 202 -10.14 0.16 45.36
N HIS E 203 -10.78 0.50 46.48
CA HIS E 203 -11.92 1.40 46.56
C HIS E 203 -11.76 2.26 47.81
N GLU E 204 -11.87 3.58 47.64
CA GLU E 204 -11.72 4.61 48.68
C GLU E 204 -10.47 4.38 49.57
N GLY E 205 -9.36 4.04 48.92
CA GLY E 205 -8.08 3.85 49.56
C GLY E 205 -7.79 2.49 50.18
N SER E 206 -8.84 1.64 50.38
CA SER E 206 -8.70 0.29 50.95
C SER E 206 -8.70 -0.77 49.85
N THR E 207 -8.11 -1.94 50.11
CA THR E 207 -8.00 -3.01 49.11
C THR E 207 -8.58 -4.34 49.57
N VAL E 208 -9.29 -5.03 48.65
CA VAL E 208 -9.84 -6.38 48.82
C VAL E 208 -9.07 -7.21 47.83
N GLU E 209 -8.64 -8.40 48.21
CA GLU E 209 -7.95 -9.30 47.30
C GLU E 209 -8.57 -10.68 47.42
N LYS E 210 -9.01 -11.25 46.29
CA LYS E 210 -9.55 -12.61 46.25
C LYS E 210 -8.56 -13.46 45.49
N THR E 211 -8.24 -14.65 46.02
CA THR E 211 -7.26 -15.57 45.46
C THR E 211 -7.84 -16.96 45.19
N VAL E 212 -7.55 -17.52 44.00
CA VAL E 212 -7.95 -18.88 43.61
C VAL E 212 -6.71 -19.72 43.27
N ALA E 213 -6.75 -21.04 43.44
CA ALA E 213 -5.62 -21.88 43.09
C ALA E 213 -6.02 -22.85 41.97
N PRO E 214 -5.16 -23.17 40.97
CA PRO E 214 -5.57 -24.15 39.96
C PRO E 214 -5.84 -25.54 40.53
N THR E 215 -5.26 -25.82 41.71
CA THR E 215 -5.41 -27.07 42.46
C THR E 215 -6.68 -27.02 43.35
N GLN F 3 -11.46 -13.97 -27.79
CA GLN F 3 -12.63 -14.67 -27.27
C GLN F 3 -12.81 -16.03 -27.95
N SER F 4 -13.09 -17.09 -27.16
CA SER F 4 -13.40 -18.50 -27.52
C SER F 4 -13.91 -19.18 -26.25
N VAL F 5 -15.09 -19.82 -26.30
CA VAL F 5 -15.67 -20.56 -25.16
C VAL F 5 -15.91 -22.01 -25.57
N LEU F 6 -15.43 -22.95 -24.73
CA LEU F 6 -15.50 -24.38 -24.96
C LEU F 6 -16.63 -25.03 -24.17
N THR F 7 -17.45 -25.83 -24.84
CA THR F 7 -18.59 -26.50 -24.22
C THR F 7 -18.54 -28.01 -24.44
N GLN F 8 -18.85 -28.76 -23.39
CA GLN F 8 -18.83 -30.23 -23.38
C GLN F 8 -20.18 -30.77 -22.88
N PRO F 9 -20.54 -32.05 -23.22
CA PRO F 9 -21.77 -32.63 -22.63
C PRO F 9 -21.63 -32.71 -21.11
N VAL F 10 -22.74 -32.61 -20.39
CA VAL F 10 -22.72 -32.66 -18.93
C VAL F 10 -22.26 -34.04 -18.44
N SER F 11 -22.76 -35.11 -19.11
CA SER F 11 -22.45 -36.49 -18.76
C SER F 11 -22.50 -37.41 -19.94
N VAL F 12 -21.73 -38.50 -19.83
CA VAL F 12 -21.68 -39.58 -20.80
C VAL F 12 -21.71 -40.88 -20.00
N SER F 13 -22.59 -41.80 -20.41
CA SER F 13 -22.71 -43.07 -19.73
C SER F 13 -22.41 -44.18 -20.70
N GLY F 14 -21.54 -45.08 -20.27
CA GLY F 14 -21.10 -46.24 -21.03
C GLY F 14 -20.96 -47.48 -20.17
N SER F 15 -20.94 -48.65 -20.81
CA SER F 15 -20.79 -49.96 -20.16
C SER F 15 -19.35 -50.44 -20.27
N PRO F 16 -18.83 -51.26 -19.33
CA PRO F 16 -17.45 -51.73 -19.47
C PRO F 16 -17.21 -52.46 -20.79
N GLY F 17 -16.04 -52.22 -21.38
CA GLY F 17 -15.66 -52.81 -22.66
C GLY F 17 -16.11 -52.03 -23.89
N GLN F 18 -17.06 -51.07 -23.71
CA GLN F 18 -17.61 -50.23 -24.79
C GLN F 18 -16.65 -49.05 -25.13
N SER F 19 -16.92 -48.34 -26.26
CA SER F 19 -16.13 -47.17 -26.70
C SER F 19 -16.99 -45.90 -26.67
N ILE F 20 -16.60 -44.94 -25.83
CA ILE F 20 -17.32 -43.70 -25.64
C ILE F 20 -16.52 -42.50 -26.16
N THR F 21 -17.23 -41.47 -26.63
CA THR F 21 -16.62 -40.27 -27.18
C THR F 21 -17.18 -39.02 -26.50
N ILE F 22 -16.27 -38.13 -26.04
CA ILE F 22 -16.60 -36.85 -25.41
C ILE F 22 -16.23 -35.76 -26.39
N SER F 23 -17.21 -34.89 -26.72
CA SER F 23 -17.03 -33.78 -27.63
C SER F 23 -16.71 -32.48 -26.89
N CYS F 24 -15.99 -31.59 -27.57
CA CYS F 24 -15.62 -30.29 -27.06
C CYS F 24 -15.85 -29.34 -28.22
N THR F 25 -16.88 -28.49 -28.13
CA THR F 25 -17.23 -27.53 -29.18
C THR F 25 -17.05 -26.07 -28.72
N GLY F 26 -16.69 -25.20 -29.66
CA GLY F 26 -16.44 -23.81 -29.37
C GLY F 26 -17.34 -22.81 -30.05
N THR F 27 -17.42 -21.61 -29.47
CA THR F 27 -18.22 -20.51 -30.01
C THR F 27 -17.37 -19.68 -31.00
N SER F 28 -16.69 -18.59 -30.55
CA SER F 28 -15.81 -17.73 -31.35
C SER F 28 -14.45 -18.46 -31.53
N SER F 29 -14.53 -19.66 -32.11
CA SER F 29 -13.39 -20.55 -32.30
C SER F 29 -13.12 -20.84 -33.78
N ASN F 30 -11.95 -21.43 -34.07
CA ASN F 30 -11.56 -21.80 -35.42
C ASN F 30 -10.77 -23.11 -35.40
N ALA F 31 -10.25 -23.54 -36.57
CA ALA F 31 -9.49 -24.78 -36.70
C ALA F 31 -8.29 -24.86 -35.75
N ASP F 32 -7.63 -23.71 -35.49
CA ASP F 32 -6.50 -23.63 -34.57
C ASP F 32 -6.93 -23.93 -33.15
N THR F 33 -8.16 -23.52 -32.76
CA THR F 33 -8.69 -23.80 -31.42
C THR F 33 -8.63 -25.32 -31.16
N TYR F 34 -9.14 -26.11 -32.11
CA TYR F 34 -9.18 -27.56 -32.01
C TYR F 34 -7.83 -28.23 -32.25
N ASN F 35 -6.95 -27.60 -33.06
CA ASN F 35 -5.59 -28.10 -33.29
C ASN F 35 -4.78 -28.05 -31.98
N LEU F 36 -5.16 -27.14 -31.06
CA LEU F 36 -4.47 -26.93 -29.81
C LEU F 36 -5.20 -27.46 -28.58
N VAL F 37 -6.29 -28.22 -28.78
CA VAL F 37 -7.05 -28.80 -27.68
C VAL F 37 -6.20 -29.79 -26.86
N SER F 38 -6.33 -29.72 -25.54
CA SER F 38 -5.69 -30.63 -24.61
C SER F 38 -6.82 -31.21 -23.72
N TRP F 39 -6.70 -32.49 -23.33
CA TRP F 39 -7.71 -33.18 -22.51
C TRP F 39 -7.15 -33.57 -21.15
N TYR F 40 -7.96 -33.40 -20.09
CA TYR F 40 -7.57 -33.71 -18.71
C TYR F 40 -8.56 -34.61 -18.03
N GLN F 41 -8.07 -35.62 -17.33
CA GLN F 41 -8.87 -36.56 -16.56
C GLN F 41 -8.74 -36.20 -15.09
N GLN F 42 -9.86 -36.11 -14.39
CA GLN F 42 -9.82 -35.83 -12.96
C GLN F 42 -10.67 -36.84 -12.24
N ARG F 43 -10.01 -37.77 -11.55
CA ARG F 43 -10.72 -38.76 -10.76
C ARG F 43 -11.24 -38.10 -9.46
N PRO F 44 -12.39 -38.54 -8.87
CA PRO F 44 -12.90 -37.85 -7.66
C PRO F 44 -11.88 -37.64 -6.55
N GLY F 45 -11.67 -36.38 -6.21
CA GLY F 45 -10.74 -35.95 -5.17
C GLY F 45 -9.27 -35.99 -5.52
N LYS F 46 -8.94 -36.18 -6.80
CA LYS F 46 -7.56 -36.24 -7.27
C LYS F 46 -7.23 -35.04 -8.15
N ALA F 47 -5.94 -34.74 -8.33
CA ALA F 47 -5.50 -33.64 -9.19
C ALA F 47 -5.69 -34.05 -10.64
N PRO F 48 -5.95 -33.10 -11.57
CA PRO F 48 -6.11 -33.46 -12.98
C PRO F 48 -4.85 -34.08 -13.59
N LYS F 49 -5.02 -34.84 -14.69
CA LYS F 49 -3.95 -35.52 -15.43
C LYS F 49 -4.08 -35.27 -16.92
N LEU F 50 -2.96 -34.89 -17.55
CA LEU F 50 -2.91 -34.65 -18.99
C LEU F 50 -3.08 -35.98 -19.74
N MET F 51 -4.10 -36.04 -20.63
CA MET F 51 -4.40 -37.25 -21.43
C MET F 51 -4.04 -37.08 -22.90
N ILE F 52 -4.29 -35.89 -23.45
CA ILE F 52 -4.06 -35.55 -24.85
C ILE F 52 -3.60 -34.10 -24.90
N TYR F 53 -2.70 -33.79 -25.85
CA TYR F 53 -2.27 -32.42 -26.09
C TYR F 53 -2.19 -32.28 -27.62
N GLU F 54 -2.13 -31.04 -28.14
CA GLU F 54 -2.03 -30.79 -29.59
C GLU F 54 -3.16 -31.48 -30.39
N GLY F 55 -4.35 -31.50 -29.81
CA GLY F 55 -5.55 -32.07 -30.40
C GLY F 55 -5.64 -33.59 -30.41
N THR F 56 -4.54 -34.27 -30.79
CA THR F 56 -4.54 -35.73 -30.96
C THR F 56 -3.33 -36.50 -30.36
N LYS F 57 -2.32 -35.80 -29.81
CA LYS F 57 -1.14 -36.48 -29.28
C LYS F 57 -1.34 -36.96 -27.86
N ARG F 58 -0.96 -38.23 -27.63
CA ARG F 58 -1.08 -38.88 -26.34
C ARG F 58 0.29 -38.96 -25.67
N PRO F 59 0.46 -38.41 -24.45
CA PRO F 59 1.77 -38.52 -23.79
C PRO F 59 2.07 -39.95 -23.37
N SER F 60 3.37 -40.25 -23.19
CA SER F 60 3.80 -41.57 -22.73
C SER F 60 3.28 -41.78 -21.29
N GLY F 61 2.87 -43.00 -20.98
CA GLY F 61 2.31 -43.34 -19.68
C GLY F 61 0.79 -43.37 -19.68
N VAL F 62 0.18 -42.58 -20.59
CA VAL F 62 -1.28 -42.53 -20.76
C VAL F 62 -1.69 -43.76 -21.57
N SER F 63 -2.67 -44.52 -21.06
CA SER F 63 -3.20 -45.73 -21.67
C SER F 63 -3.52 -45.59 -23.16
N ASN F 64 -3.18 -46.62 -23.97
CA ASN F 64 -3.43 -46.67 -25.42
C ASN F 64 -4.92 -46.74 -25.79
N ARG F 65 -5.79 -46.93 -24.77
CA ARG F 65 -7.24 -46.97 -24.93
C ARG F 65 -7.79 -45.58 -25.20
N PHE F 66 -6.97 -44.55 -24.89
CA PHE F 66 -7.29 -43.15 -25.08
C PHE F 66 -6.75 -42.68 -26.42
N SER F 67 -7.62 -42.10 -27.22
CA SER F 67 -7.29 -41.51 -28.50
C SER F 67 -8.12 -40.25 -28.66
N ALA F 68 -7.73 -39.38 -29.57
CA ALA F 68 -8.48 -38.16 -29.77
C ALA F 68 -8.51 -37.80 -31.22
N SER F 69 -9.53 -37.04 -31.62
CA SER F 69 -9.71 -36.56 -32.97
C SER F 69 -10.12 -35.11 -32.92
N LYS F 70 -9.93 -34.41 -34.04
CA LYS F 70 -10.30 -33.02 -34.14
C LYS F 70 -10.69 -32.68 -35.56
N SER F 71 -11.63 -31.76 -35.68
CA SER F 71 -12.13 -31.24 -36.93
C SER F 71 -11.94 -29.73 -36.89
N ALA F 72 -12.50 -29.02 -37.86
CA ALA F 72 -12.40 -27.57 -37.86
C ALA F 72 -13.50 -26.96 -36.97
N THR F 73 -14.46 -27.78 -36.47
CA THR F 73 -15.59 -27.29 -35.67
C THR F 73 -15.69 -27.88 -34.23
N ALA F 74 -14.94 -28.97 -33.95
CA ALA F 74 -14.94 -29.65 -32.64
C ALA F 74 -13.70 -30.54 -32.43
N ALA F 75 -13.49 -30.96 -31.19
CA ALA F 75 -12.43 -31.87 -30.81
C ALA F 75 -13.12 -32.96 -30.00
N SER F 76 -12.61 -34.20 -30.09
CA SER F 76 -13.24 -35.31 -29.38
C SER F 76 -12.22 -36.24 -28.76
N LEU F 77 -12.55 -36.77 -27.57
CA LEU F 77 -11.73 -37.73 -26.86
C LEU F 77 -12.48 -39.06 -26.91
N THR F 78 -11.81 -40.13 -27.31
CA THR F 78 -12.41 -41.45 -27.38
C THR F 78 -11.70 -42.41 -26.47
N ILE F 79 -12.48 -43.06 -25.62
CA ILE F 79 -11.97 -44.06 -24.71
C ILE F 79 -12.52 -45.35 -25.26
N SER F 80 -11.64 -46.22 -25.74
CA SER F 80 -12.03 -47.51 -26.28
C SER F 80 -11.75 -48.59 -25.22
N GLY F 81 -12.70 -49.51 -25.02
CA GLY F 81 -12.58 -50.55 -24.01
C GLY F 81 -12.72 -50.00 -22.61
N LEU F 82 -13.82 -49.25 -22.39
CA LEU F 82 -14.16 -48.59 -21.14
C LEU F 82 -13.95 -49.46 -19.92
N GLN F 83 -13.27 -48.92 -18.91
CA GLN F 83 -13.01 -49.66 -17.68
C GLN F 83 -13.54 -48.91 -16.49
N PRO F 84 -13.87 -49.59 -15.36
CA PRO F 84 -14.37 -48.85 -14.18
C PRO F 84 -13.50 -47.68 -13.73
N GLU F 85 -12.16 -47.81 -13.87
CA GLU F 85 -11.19 -46.77 -13.47
C GLU F 85 -11.28 -45.49 -14.33
N ASP F 86 -11.94 -45.56 -15.48
CA ASP F 86 -12.15 -44.43 -16.39
C ASP F 86 -13.26 -43.51 -15.91
N GLU F 87 -14.04 -43.94 -14.90
CA GLU F 87 -15.09 -43.12 -14.30
C GLU F 87 -14.38 -41.94 -13.65
N ALA F 88 -14.61 -40.73 -14.20
CA ALA F 88 -13.95 -39.47 -13.79
C ALA F 88 -14.62 -38.30 -14.49
N ASP F 89 -14.17 -37.09 -14.18
CA ASP F 89 -14.60 -35.89 -14.88
C ASP F 89 -13.52 -35.60 -15.94
N TYR F 90 -13.92 -35.31 -17.17
CA TYR F 90 -12.99 -35.00 -18.26
C TYR F 90 -13.18 -33.57 -18.72
N TYR F 91 -12.08 -32.82 -18.89
CA TYR F 91 -12.06 -31.42 -19.30
C TYR F 91 -11.24 -31.21 -20.55
N CYS F 92 -11.77 -30.44 -21.51
CA CYS F 92 -11.00 -30.04 -22.66
C CYS F 92 -10.46 -28.64 -22.37
N CYS F 93 -9.39 -28.23 -23.06
CA CYS F 93 -8.75 -26.93 -22.86
C CYS F 93 -8.12 -26.47 -24.16
N SER F 94 -8.17 -25.17 -24.47
CA SER F 94 -7.50 -24.55 -25.62
C SER F 94 -7.35 -23.05 -25.40
N TYR F 95 -6.91 -22.30 -26.42
CA TYR F 95 -6.75 -20.86 -26.28
C TYR F 95 -8.05 -20.08 -26.42
N ALA F 96 -8.29 -19.16 -25.46
CA ALA F 96 -9.44 -18.24 -25.50
C ALA F 96 -9.06 -17.07 -26.41
N THR F 97 -7.81 -16.59 -26.29
CA THR F 97 -7.18 -15.54 -27.10
C THR F 97 -5.77 -16.00 -27.41
N SER F 98 -5.03 -15.22 -28.20
CA SER F 98 -3.65 -15.52 -28.58
C SER F 98 -2.75 -15.74 -27.33
N ARG F 99 -3.11 -15.08 -26.22
CA ARG F 99 -2.34 -15.06 -24.97
C ARG F 99 -2.93 -15.89 -23.80
N THR F 100 -4.23 -16.26 -23.81
CA THR F 100 -4.87 -16.94 -22.67
C THR F 100 -5.53 -18.28 -22.98
N LEU F 101 -5.68 -19.14 -21.95
CA LEU F 101 -6.34 -20.44 -22.11
C LEU F 101 -7.74 -20.44 -21.50
N VAL F 102 -8.57 -21.42 -21.89
CA VAL F 102 -9.92 -21.62 -21.40
C VAL F 102 -10.24 -23.10 -21.34
N PHE F 103 -10.89 -23.55 -20.24
CA PHE F 103 -11.31 -24.93 -20.08
C PHE F 103 -12.77 -25.06 -20.43
N GLY F 104 -13.16 -26.26 -20.86
CA GLY F 104 -14.55 -26.60 -21.07
C GLY F 104 -15.19 -26.82 -19.70
N GLY F 105 -16.51 -26.96 -19.68
CA GLY F 105 -17.29 -27.16 -18.45
C GLY F 105 -17.12 -28.50 -17.76
N GLY F 106 -16.61 -29.48 -18.49
CA GLY F 106 -16.40 -30.81 -17.95
C GLY F 106 -17.50 -31.78 -18.24
N THR F 107 -17.12 -33.06 -18.37
CA THR F 107 -18.04 -34.15 -18.64
C THR F 107 -17.84 -35.22 -17.58
N LYS F 108 -18.93 -35.61 -16.90
CA LYS F 108 -18.89 -36.70 -15.92
C LYS F 108 -19.15 -37.99 -16.68
N LEU F 109 -18.13 -38.84 -16.74
CA LEU F 109 -18.22 -40.13 -17.40
C LEU F 109 -18.59 -41.15 -16.35
N THR F 110 -19.74 -41.80 -16.53
CA THR F 110 -20.21 -42.85 -15.63
C THR F 110 -19.99 -44.18 -16.34
N VAL F 111 -19.33 -45.12 -15.67
CA VAL F 111 -19.15 -46.47 -16.19
C VAL F 111 -20.28 -47.23 -15.48
N VAL F 112 -21.31 -47.61 -16.26
CA VAL F 112 -22.56 -48.19 -15.82
C VAL F 112 -22.36 -49.54 -15.14
N GLY F 113 -22.83 -49.57 -13.88
CA GLY F 113 -22.81 -50.71 -12.97
C GLY F 113 -24.19 -51.20 -12.60
N GLN F 114 -25.20 -50.30 -12.55
CA GLN F 114 -26.59 -50.64 -12.20
C GLN F 114 -27.57 -50.07 -13.26
N PRO F 115 -28.87 -50.45 -13.25
CA PRO F 115 -29.80 -49.88 -14.24
C PRO F 115 -29.94 -48.37 -14.13
N LYS F 116 -30.10 -47.71 -15.28
CA LYS F 116 -30.31 -46.27 -15.33
C LYS F 116 -31.66 -45.94 -14.71
N ALA F 117 -31.74 -44.81 -13.99
CA ALA F 117 -32.98 -44.41 -13.31
C ALA F 117 -33.22 -42.90 -13.40
N ALA F 118 -34.45 -42.51 -13.77
CA ALA F 118 -34.85 -41.11 -13.91
C ALA F 118 -35.06 -40.47 -12.56
N PRO F 119 -34.75 -39.16 -12.41
CA PRO F 119 -34.92 -38.54 -11.09
C PRO F 119 -36.36 -38.26 -10.71
N SER F 120 -36.64 -38.30 -9.40
CA SER F 120 -37.90 -37.86 -8.81
C SER F 120 -37.63 -36.41 -8.43
N VAL F 121 -38.52 -35.47 -8.80
CA VAL F 121 -38.33 -34.04 -8.54
C VAL F 121 -39.48 -33.50 -7.69
N THR F 122 -39.16 -32.73 -6.64
CA THR F 122 -40.13 -32.05 -5.77
C THR F 122 -39.71 -30.60 -5.66
N LEU F 123 -40.63 -29.67 -5.95
CA LEU F 123 -40.35 -28.25 -5.85
C LEU F 123 -41.11 -27.65 -4.66
N PHE F 124 -40.38 -27.11 -3.69
CA PHE F 124 -40.98 -26.47 -2.53
C PHE F 124 -41.02 -24.96 -2.68
N PRO F 125 -42.20 -24.36 -2.44
CA PRO F 125 -42.29 -22.89 -2.46
C PRO F 125 -41.65 -22.29 -1.20
N PRO F 126 -41.48 -20.95 -1.13
CA PRO F 126 -40.93 -20.35 0.10
C PRO F 126 -41.86 -20.60 1.27
N SER F 127 -41.30 -20.84 2.47
CA SER F 127 -42.10 -21.04 3.66
C SER F 127 -42.69 -19.72 4.11
N SER F 128 -43.86 -19.78 4.76
CA SER F 128 -44.55 -18.60 5.31
C SER F 128 -43.59 -17.87 6.27
N GLU F 129 -42.81 -18.66 7.05
CA GLU F 129 -41.84 -18.14 8.00
C GLU F 129 -40.75 -17.32 7.32
N GLU F 130 -40.20 -17.82 6.20
CA GLU F 130 -39.15 -17.12 5.47
C GLU F 130 -39.66 -15.82 4.87
N LEU F 131 -40.88 -15.82 4.32
CA LEU F 131 -41.49 -14.64 3.74
C LEU F 131 -41.66 -13.55 4.80
N GLN F 132 -41.96 -13.95 6.05
CA GLN F 132 -42.10 -13.04 7.18
C GLN F 132 -40.74 -12.41 7.50
N ALA F 133 -39.64 -13.16 7.24
CA ALA F 133 -38.26 -12.69 7.43
C ALA F 133 -37.77 -11.90 6.20
N ASN F 134 -38.70 -11.57 5.28
CA ASN F 134 -38.45 -10.77 4.08
C ASN F 134 -37.49 -11.44 3.07
N LYS F 135 -37.55 -12.77 2.97
CA LYS F 135 -36.75 -13.54 2.01
C LYS F 135 -37.62 -14.60 1.37
N ALA F 136 -37.16 -15.16 0.26
CA ALA F 136 -37.91 -16.22 -0.42
C ALA F 136 -36.95 -17.15 -1.11
N THR F 137 -36.97 -18.41 -0.72
CA THR F 137 -36.11 -19.40 -1.35
C THR F 137 -36.96 -20.55 -1.89
N LEU F 138 -36.79 -20.84 -3.19
CA LEU F 138 -37.45 -21.98 -3.81
C LEU F 138 -36.46 -23.13 -3.74
N VAL F 139 -36.91 -24.31 -3.27
CA VAL F 139 -36.05 -25.49 -3.12
C VAL F 139 -36.49 -26.59 -4.06
N CYS F 140 -35.59 -26.98 -4.97
CA CYS F 140 -35.85 -28.06 -5.88
C CYS F 140 -35.03 -29.26 -5.48
N LEU F 141 -35.73 -30.29 -5.01
CA LEU F 141 -35.18 -31.56 -4.53
C LEU F 141 -35.16 -32.60 -5.66
N ILE F 142 -33.99 -33.16 -5.98
CA ILE F 142 -33.82 -34.12 -7.08
C ILE F 142 -33.25 -35.42 -6.51
N SER F 143 -33.94 -36.55 -6.68
CA SER F 143 -33.48 -37.78 -6.06
C SER F 143 -33.61 -39.05 -6.90
N ASP F 144 -32.90 -40.11 -6.48
CA ASP F 144 -32.96 -41.46 -7.08
C ASP F 144 -32.62 -41.55 -8.55
N PHE F 145 -31.58 -40.85 -8.98
CA PHE F 145 -31.19 -40.93 -10.38
C PHE F 145 -29.83 -41.60 -10.59
N TYR F 146 -29.65 -42.19 -11.77
CA TYR F 146 -28.42 -42.85 -12.19
C TYR F 146 -28.38 -42.89 -13.71
N PRO F 147 -27.29 -42.44 -14.38
CA PRO F 147 -26.02 -41.90 -13.84
C PRO F 147 -26.18 -40.62 -13.02
N GLY F 148 -25.18 -40.31 -12.20
CA GLY F 148 -25.22 -39.14 -11.34
C GLY F 148 -24.87 -37.83 -11.97
N ALA F 149 -25.62 -37.43 -12.99
CA ALA F 149 -25.41 -36.17 -13.65
C ALA F 149 -26.70 -35.63 -14.19
N VAL F 150 -27.06 -34.43 -13.74
CA VAL F 150 -28.26 -33.72 -14.17
C VAL F 150 -27.95 -32.30 -14.58
N THR F 151 -28.87 -31.71 -15.35
CA THR F 151 -28.81 -30.31 -15.76
C THR F 151 -30.05 -29.65 -15.16
N VAL F 152 -29.85 -28.60 -14.37
CA VAL F 152 -30.97 -27.90 -13.74
C VAL F 152 -31.12 -26.52 -14.32
N ALA F 153 -32.35 -26.17 -14.71
CA ALA F 153 -32.69 -24.86 -15.24
C ALA F 153 -33.94 -24.37 -14.52
N TRP F 154 -34.03 -23.07 -14.26
CA TRP F 154 -35.15 -22.47 -13.57
C TRP F 154 -35.87 -21.53 -14.50
N LYS F 155 -37.18 -21.33 -14.27
CA LYS F 155 -37.96 -20.38 -15.06
C LYS F 155 -38.84 -19.54 -14.18
N ALA F 156 -39.06 -18.29 -14.60
CA ALA F 156 -40.01 -17.35 -14.00
C ALA F 156 -41.01 -17.14 -15.13
N ASP F 157 -42.25 -17.63 -14.93
CA ASP F 157 -43.29 -17.69 -15.95
C ASP F 157 -42.68 -18.55 -17.07
N SER F 158 -42.40 -17.97 -18.24
CA SER F 158 -41.77 -18.67 -19.34
C SER F 158 -40.30 -18.28 -19.58
N SER F 159 -39.78 -17.34 -18.77
CA SER F 159 -38.42 -16.84 -18.94
C SER F 159 -37.39 -17.61 -18.15
N PRO F 160 -36.32 -18.12 -18.81
CA PRO F 160 -35.22 -18.78 -18.06
C PRO F 160 -34.58 -17.80 -17.08
N VAL F 161 -34.25 -18.29 -15.88
CA VAL F 161 -33.67 -17.50 -14.80
C VAL F 161 -32.32 -18.10 -14.47
N LYS F 162 -31.29 -17.25 -14.40
CA LYS F 162 -29.94 -17.68 -14.05
C LYS F 162 -29.43 -17.01 -12.75
N ALA F 163 -29.86 -15.77 -12.48
CA ALA F 163 -29.47 -15.04 -11.28
C ALA F 163 -30.12 -15.65 -10.02
N GLY F 164 -29.35 -15.75 -8.94
CA GLY F 164 -29.79 -16.29 -7.66
C GLY F 164 -29.97 -17.79 -7.57
N VAL F 165 -29.40 -18.52 -8.55
CA VAL F 165 -29.48 -19.97 -8.59
C VAL F 165 -28.20 -20.58 -8.04
N GLU F 166 -28.35 -21.58 -7.17
CA GLU F 166 -27.24 -22.36 -6.64
C GLU F 166 -27.66 -23.81 -6.68
N THR F 167 -26.80 -24.69 -7.23
CA THR F 167 -27.10 -26.12 -7.38
C THR F 167 -25.97 -26.96 -6.80
N THR F 168 -26.30 -28.05 -6.08
CA THR F 168 -25.24 -28.92 -5.55
C THR F 168 -24.84 -29.96 -6.57
N THR F 169 -23.58 -30.44 -6.48
CA THR F 169 -23.09 -31.51 -7.34
C THR F 169 -23.76 -32.80 -6.83
N PRO F 170 -24.30 -33.63 -7.73
CA PRO F 170 -24.97 -34.87 -7.29
C PRO F 170 -24.12 -35.70 -6.36
N SER F 171 -24.73 -36.21 -5.29
CA SER F 171 -24.03 -37.01 -4.31
C SER F 171 -24.75 -38.32 -4.12
N LYS F 172 -23.98 -39.36 -3.82
CA LYS F 172 -24.49 -40.71 -3.63
C LYS F 172 -25.38 -40.84 -2.41
N GLN F 173 -26.52 -41.49 -2.59
CA GLN F 173 -27.47 -41.75 -1.52
C GLN F 173 -27.12 -43.09 -0.91
N SER F 174 -27.87 -43.44 0.15
CA SER F 174 -27.80 -44.70 0.86
C SER F 174 -27.95 -45.92 -0.10
N ASN F 175 -28.82 -45.80 -1.12
CA ASN F 175 -29.07 -46.88 -2.07
C ASN F 175 -28.12 -46.94 -3.27
N ASN F 176 -27.09 -46.06 -3.31
CA ASN F 176 -26.03 -45.98 -4.32
C ASN F 176 -26.50 -45.25 -5.62
N LYS F 177 -27.73 -44.71 -5.63
CA LYS F 177 -28.20 -43.81 -6.69
C LYS F 177 -27.81 -42.41 -6.22
N TYR F 178 -28.07 -41.37 -7.03
CA TYR F 178 -27.67 -40.01 -6.70
C TYR F 178 -28.83 -39.08 -6.39
N ALA F 179 -28.54 -38.03 -5.63
CA ALA F 179 -29.47 -36.97 -5.33
C ALA F 179 -28.75 -35.65 -5.49
N ALA F 180 -29.51 -34.59 -5.78
CA ALA F 180 -28.98 -33.24 -5.91
C ALA F 180 -30.05 -32.23 -5.49
N SER F 181 -29.63 -31.00 -5.19
CA SER F 181 -30.56 -29.96 -4.79
C SER F 181 -30.25 -28.67 -5.52
N SER F 182 -31.28 -27.85 -5.75
CA SER F 182 -31.11 -26.57 -6.41
C SER F 182 -32.00 -25.53 -5.76
N TYR F 183 -31.52 -24.29 -5.71
CA TYR F 183 -32.16 -23.19 -5.01
C TYR F 183 -32.32 -21.98 -5.89
N LEU F 184 -33.46 -21.31 -5.77
CA LEU F 184 -33.71 -20.05 -6.45
C LEU F 184 -33.99 -19.03 -5.33
N SER F 185 -33.05 -18.09 -5.11
CA SER F 185 -33.21 -17.06 -4.09
C SER F 185 -33.84 -15.81 -4.69
N LEU F 186 -34.94 -15.36 -4.09
CA LEU F 186 -35.71 -14.19 -4.51
C LEU F 186 -36.05 -13.32 -3.31
N THR F 187 -36.52 -12.10 -3.58
CA THR F 187 -37.10 -11.26 -2.53
C THR F 187 -38.60 -11.62 -2.58
N PRO F 188 -39.37 -11.44 -1.48
CA PRO F 188 -40.80 -11.76 -1.56
C PRO F 188 -41.51 -11.00 -2.69
N GLU F 189 -41.04 -9.76 -3.01
CA GLU F 189 -41.61 -8.94 -4.10
C GLU F 189 -41.43 -9.62 -5.45
N GLN F 190 -40.23 -10.18 -5.70
CA GLN F 190 -39.93 -10.94 -6.92
C GLN F 190 -40.80 -12.19 -6.97
N TRP F 191 -40.92 -12.92 -5.83
CA TRP F 191 -41.75 -14.13 -5.78
C TRP F 191 -43.21 -13.82 -6.11
N LYS F 192 -43.74 -12.72 -5.54
CA LYS F 192 -45.13 -12.33 -5.78
C LYS F 192 -45.33 -11.65 -7.15
N SER F 193 -44.23 -11.16 -7.78
CA SER F 193 -44.22 -10.48 -9.08
C SER F 193 -44.55 -11.36 -10.30
N HIS F 194 -44.45 -12.69 -10.18
CA HIS F 194 -44.67 -13.61 -11.31
C HIS F 194 -45.82 -14.60 -11.09
N ARG F 195 -46.41 -15.12 -12.19
CA ARG F 195 -47.54 -16.05 -12.06
C ARG F 195 -47.09 -17.47 -11.69
N SER F 196 -45.92 -17.91 -12.17
CA SER F 196 -45.39 -19.25 -11.86
C SER F 196 -43.86 -19.30 -11.89
N TYR F 197 -43.32 -20.30 -11.20
CA TYR F 197 -41.91 -20.59 -11.13
C TYR F 197 -41.72 -22.05 -11.38
N SER F 198 -40.72 -22.41 -12.18
CA SER F 198 -40.46 -23.79 -12.55
C SER F 198 -39.03 -24.25 -12.31
N CYS F 199 -38.89 -25.53 -11.93
CA CYS F 199 -37.62 -26.21 -11.81
C CYS F 199 -37.64 -27.26 -12.92
N GLN F 200 -36.67 -27.21 -13.84
CA GLN F 200 -36.54 -28.17 -14.95
C GLN F 200 -35.27 -29.00 -14.76
N VAL F 201 -35.40 -30.34 -14.77
CA VAL F 201 -34.27 -31.24 -14.59
C VAL F 201 -34.12 -32.11 -15.81
N THR F 202 -32.93 -32.11 -16.42
CA THR F 202 -32.65 -32.95 -17.57
C THR F 202 -31.74 -34.08 -17.14
N HIS F 203 -32.17 -35.31 -17.47
CA HIS F 203 -31.44 -36.55 -17.19
C HIS F 203 -31.59 -37.46 -18.39
N GLU F 204 -30.44 -37.97 -18.89
CA GLU F 204 -30.28 -38.85 -20.05
C GLU F 204 -31.10 -38.33 -21.29
N GLY F 205 -31.03 -37.03 -21.52
CA GLY F 205 -31.69 -36.40 -22.66
C GLY F 205 -33.14 -36.00 -22.52
N SER F 206 -33.84 -36.52 -21.48
CA SER F 206 -35.26 -36.21 -21.22
C SER F 206 -35.37 -35.16 -20.10
N THR F 207 -36.48 -34.40 -20.07
CA THR F 207 -36.68 -33.33 -19.09
C THR F 207 -37.97 -33.49 -18.28
N VAL F 208 -37.87 -33.22 -16.96
CA VAL F 208 -38.99 -33.18 -16.01
C VAL F 208 -39.05 -31.73 -15.59
N GLU F 209 -40.24 -31.14 -15.54
CA GLU F 209 -40.41 -29.77 -15.08
C GLU F 209 -41.53 -29.72 -14.07
N LYS F 210 -41.23 -29.18 -12.88
CA LYS F 210 -42.21 -29.00 -11.82
C LYS F 210 -42.44 -27.50 -11.66
N THR F 211 -43.72 -27.09 -11.60
CA THR F 211 -44.11 -25.68 -11.51
C THR F 211 -44.99 -25.38 -10.29
N VAL F 212 -44.69 -24.28 -9.58
CA VAL F 212 -45.46 -23.79 -8.43
C VAL F 212 -45.96 -22.37 -8.70
#